data_1TR1
#
_entry.id   1TR1
#
_cell.length_a   205.030
_cell.length_b   205.030
_cell.length_c   155.430
_cell.angle_alpha   90.00
_cell.angle_beta   90.00
_cell.angle_gamma   90.00
#
_symmetry.space_group_name_H-M   'P 42 21 2'
#
loop_
_entity.id
_entity.type
_entity.pdbx_description
1 polymer 'BETA-GLUCOSIDASE A'
2 non-polymer GLYCEROL
3 water water
#
_entity_poly.entity_id   1
_entity_poly.type   'polypeptide(L)'
_entity_poly.pdbx_seq_one_letter_code
;TIFQFPQDFMWGTATAAYQIEGAYQEDGRGLSIWDTFAHTPGKVFNGDNGNVACDSYHRYEEDIRLMKELGIRTYRFSVS
WPRIFPNGDGEVNQKGLDYYHRVVDLLNDNGIEPFCTLYHWDLPQALQDAGGWGNRRTIQAFVQFAETMFREFHGKIQHW
LTFNEPWCIAFLSNMLGVHAPGLTNLQTAIDVGHHLLVAHGLSVRRFRELGTSGQIGIAPNVSWAVPYSTSEEDKAACAR
TISLHSDWFLQPIYQGSYPQFLVDWFAEQGATVPIQDGDMDIIGEPIDMIGINYYSMSVNRFNPEAGFLQSEEINMGLPV
TDIGWPVESRGLYEVLHYLQKYGNIDIYITENGACINDEVVNGKVQDDRRISYMQQHLVQVHRTIHDGLHVKGYMAWSLL
DNFEWAEGYNMRFGMIHVDFRTQVRTPKESYYWYRNVVSNNWLETRR
;
_entity_poly.pdbx_strand_id   A,B,C,D
#
# COMPACT_ATOMS: atom_id res chain seq x y z
N THR A 1 16.87 34.80 3.14
CA THR A 1 17.56 35.54 2.04
C THR A 1 17.17 34.89 0.70
N ILE A 2 16.82 35.71 -0.26
CA ILE A 2 16.48 35.25 -1.59
C ILE A 2 17.67 35.39 -2.52
N PHE A 3 18.03 34.28 -3.13
CA PHE A 3 19.11 34.23 -4.11
C PHE A 3 18.55 33.95 -5.51
N GLN A 4 18.45 35.02 -6.31
CA GLN A 4 18.00 34.93 -7.69
C GLN A 4 19.14 34.51 -8.61
N PHE A 5 18.94 33.44 -9.38
CA PHE A 5 19.94 32.99 -10.33
C PHE A 5 19.77 33.61 -11.71
N PRO A 6 20.82 33.57 -12.54
CA PRO A 6 20.73 34.10 -13.91
C PRO A 6 19.70 33.37 -14.77
N GLN A 7 19.08 34.13 -15.66
CA GLN A 7 17.99 33.69 -16.52
C GLN A 7 18.36 32.40 -17.25
N ASP A 8 19.60 32.33 -17.69
CA ASP A 8 20.01 31.22 -18.50
C ASP A 8 20.91 30.25 -17.75
N PHE A 9 20.77 30.26 -16.43
CA PHE A 9 21.47 29.30 -15.58
C PHE A 9 21.03 27.88 -15.89
N MET A 10 21.97 26.95 -15.94
CA MET A 10 21.67 25.58 -16.36
C MET A 10 21.61 24.65 -15.15
N TRP A 11 20.40 24.23 -14.77
CA TRP A 11 20.17 23.26 -13.68
C TRP A 11 20.14 21.83 -14.18
N GLY A 12 20.76 20.91 -13.43
CA GLY A 12 20.80 19.52 -13.83
C GLY A 12 20.91 18.51 -12.71
N THR A 13 21.06 17.24 -13.10
CA THR A 13 21.47 16.16 -12.23
C THR A 13 22.49 15.37 -13.04
N ALA A 14 23.21 14.47 -12.38
CA ALA A 14 24.29 13.73 -13.04
C ALA A 14 24.29 12.26 -12.61
N THR A 15 24.66 11.40 -13.57
CA THR A 15 24.94 9.99 -13.32
C THR A 15 26.19 9.59 -14.06
N ALA A 16 26.64 8.35 -13.82
CA ALA A 16 27.65 7.69 -14.64
C ALA A 16 27.12 6.33 -15.06
N ALA A 17 27.66 5.81 -16.15
CA ALA A 17 27.17 4.61 -16.81
C ALA A 17 27.19 3.38 -15.91
N TYR A 18 28.36 3.06 -15.36
CA TYR A 18 28.52 1.83 -14.60
C TYR A 18 27.77 1.87 -13.28
N GLN A 19 27.46 3.08 -12.81
CA GLN A 19 26.81 3.25 -11.51
C GLN A 19 25.30 3.02 -11.59
N ILE A 20 24.72 3.34 -12.75
CA ILE A 20 23.27 3.23 -12.96
C ILE A 20 22.76 2.15 -13.95
N GLU A 21 23.56 1.83 -14.98
CA GLU A 21 23.06 1.04 -16.11
C GLU A 21 22.91 -0.43 -15.76
N GLY A 22 21.75 -1.00 -16.06
CA GLY A 22 21.48 -2.27 -15.42
C GLY A 22 21.72 -3.59 -16.17
N ALA A 23 22.83 -3.71 -16.91
CA ALA A 23 22.86 -4.77 -17.91
C ALA A 23 24.25 -4.99 -18.48
N TYR A 24 25.16 -5.45 -17.62
CA TYR A 24 26.59 -5.42 -17.89
C TYR A 24 27.05 -6.41 -18.97
N GLN A 25 26.22 -7.43 -19.22
CA GLN A 25 26.54 -8.44 -20.21
C GLN A 25 25.67 -8.32 -21.45
N GLU A 26 24.82 -7.31 -21.46
CA GLU A 26 23.75 -7.25 -22.44
C GLU A 26 24.21 -6.59 -23.73
N ASP A 27 23.68 -7.08 -24.85
CA ASP A 27 23.94 -6.49 -26.18
C ASP A 27 25.42 -6.37 -26.50
N GLY A 28 26.18 -7.39 -26.10
CA GLY A 28 27.59 -7.46 -26.44
C GLY A 28 28.50 -6.48 -25.72
N ARG A 29 28.02 -5.91 -24.60
CA ARG A 29 28.87 -5.07 -23.77
C ARG A 29 30.06 -5.88 -23.30
N GLY A 30 31.25 -5.34 -23.53
CA GLY A 30 32.45 -5.96 -22.97
C GLY A 30 32.62 -5.55 -21.54
N LEU A 31 33.51 -6.24 -20.84
CA LEU A 31 33.84 -5.94 -19.46
C LEU A 31 34.73 -4.72 -19.32
N SER A 32 34.40 -3.83 -18.38
CA SER A 32 35.33 -2.79 -17.94
C SER A 32 36.21 -3.24 -16.77
N ILE A 33 37.24 -2.45 -16.51
CA ILE A 33 38.10 -2.62 -15.36
C ILE A 33 37.35 -2.56 -14.01
N TRP A 34 36.16 -1.95 -14.04
CA TRP A 34 35.32 -1.86 -12.86
C TRP A 34 34.41 -3.06 -12.65
N ASP A 35 34.11 -3.78 -13.73
CA ASP A 35 33.41 -5.07 -13.60
C ASP A 35 34.41 -5.99 -12.94
N THR A 36 35.61 -6.01 -13.50
CA THR A 36 36.72 -6.79 -12.97
C THR A 36 37.02 -6.50 -11.49
N PHE A 37 37.19 -5.21 -11.18
CA PHE A 37 37.41 -4.75 -9.82
C PHE A 37 36.29 -5.19 -8.88
N ALA A 38 35.05 -4.86 -9.25
CA ALA A 38 33.90 -5.16 -8.41
C ALA A 38 33.67 -6.66 -8.25
N HIS A 39 34.18 -7.44 -9.21
CA HIS A 39 34.05 -8.90 -9.12
C HIS A 39 35.17 -9.57 -8.32
N THR A 40 36.13 -8.78 -7.84
CA THR A 40 37.24 -9.28 -7.01
C THR A 40 36.92 -9.15 -5.51
N PRO A 41 36.98 -10.26 -4.76
CA PRO A 41 36.71 -10.23 -3.31
C PRO A 41 37.59 -9.21 -2.58
N GLY A 42 36.96 -8.35 -1.79
CA GLY A 42 37.70 -7.38 -1.00
C GLY A 42 37.83 -5.98 -1.56
N LYS A 43 37.48 -5.78 -2.83
CA LYS A 43 37.65 -4.49 -3.51
C LYS A 43 36.52 -3.55 -3.25
N VAL A 44 35.31 -4.08 -3.21
CA VAL A 44 34.11 -3.27 -3.04
C VAL A 44 33.29 -3.79 -1.86
N PHE A 45 32.72 -2.84 -1.10
CA PHE A 45 32.01 -3.18 0.12
C PHE A 45 30.91 -4.17 -0.16
N ASN A 46 30.96 -5.28 0.56
CA ASN A 46 29.90 -6.27 0.53
C ASN A 46 29.89 -7.09 -0.78
N GLY A 47 30.90 -6.86 -1.62
CA GLY A 47 30.96 -7.54 -2.90
C GLY A 47 29.90 -7.02 -3.87
N ASP A 48 29.37 -5.84 -3.59
CA ASP A 48 28.47 -5.18 -4.52
C ASP A 48 29.18 -4.98 -5.86
N ASN A 49 28.40 -4.97 -6.94
CA ASN A 49 28.91 -4.59 -8.27
C ASN A 49 27.83 -3.88 -9.06
N GLY A 50 28.17 -3.43 -10.27
CA GLY A 50 27.19 -2.77 -11.10
C GLY A 50 26.51 -3.69 -12.12
N ASN A 51 26.50 -5.01 -11.89
CA ASN A 51 25.81 -5.94 -12.79
C ASN A 51 24.41 -5.46 -13.12
N VAL A 52 23.65 -5.07 -12.09
CA VAL A 52 22.27 -4.63 -12.27
C VAL A 52 22.09 -3.12 -11.94
N ALA A 53 22.83 -2.64 -10.95
CA ALA A 53 22.74 -1.23 -10.51
C ALA A 53 21.30 -0.74 -10.47
N CYS A 54 20.98 0.33 -11.21
CA CYS A 54 19.61 0.85 -11.24
C CYS A 54 18.79 0.34 -12.43
N ASP A 55 19.38 -0.59 -13.17
CA ASP A 55 18.77 -1.09 -14.39
C ASP A 55 18.35 0.04 -15.33
N SER A 56 19.18 1.07 -15.41
CA SER A 56 18.87 2.23 -16.21
C SER A 56 19.07 1.95 -17.69
N TYR A 57 19.71 0.81 -18.00
CA TYR A 57 19.73 0.29 -19.36
C TYR A 57 18.32 0.01 -19.86
N HIS A 58 17.43 -0.33 -18.94
CA HIS A 58 16.06 -0.67 -19.26
C HIS A 58 15.03 0.36 -18.79
N ARG A 59 15.36 1.12 -17.73
CA ARG A 59 14.37 1.98 -17.07
C ARG A 59 14.61 3.47 -17.29
N TYR A 60 15.35 3.80 -18.34
CA TYR A 60 15.76 5.17 -18.62
C TYR A 60 14.58 6.05 -18.99
N GLU A 61 13.53 5.46 -19.55
CA GLU A 61 12.38 6.27 -19.93
C GLU A 61 11.67 6.84 -18.71
N GLU A 62 11.52 6.03 -17.67
CA GLU A 62 10.90 6.45 -16.43
C GLU A 62 11.77 7.50 -15.72
N ASP A 63 13.08 7.30 -15.74
CA ASP A 63 14.01 8.29 -15.17
C ASP A 63 13.95 9.61 -15.90
N ILE A 64 13.88 9.57 -17.23
CA ILE A 64 13.72 10.77 -18.03
C ILE A 64 12.37 11.44 -17.77
N ARG A 65 11.36 10.65 -17.46
CA ARG A 65 10.06 11.22 -17.11
C ARG A 65 10.10 11.94 -15.75
N LEU A 66 10.74 11.29 -14.77
CA LEU A 66 11.06 11.87 -13.49
C LEU A 66 11.93 13.15 -13.57
N MET A 67 12.99 13.14 -14.38
CA MET A 67 13.79 14.34 -14.47
C MET A 67 13.17 15.43 -15.34
N LYS A 68 12.13 15.08 -16.06
CA LYS A 68 11.31 16.07 -16.75
C LYS A 68 10.35 16.79 -15.76
N GLU A 69 9.75 16.03 -14.84
CA GLU A 69 8.94 16.61 -13.78
C GLU A 69 9.75 17.48 -12.83
N LEU A 70 11.02 17.16 -12.68
CA LEU A 70 11.95 17.98 -11.90
C LEU A 70 12.04 19.42 -12.41
N GLY A 71 11.89 19.62 -13.72
CA GLY A 71 11.97 20.96 -14.28
C GLY A 71 13.38 21.35 -14.63
N ILE A 72 14.17 20.32 -14.84
CA ILE A 72 15.62 20.41 -15.07
C ILE A 72 15.91 20.74 -16.56
N ARG A 73 17.06 21.35 -16.85
CA ARG A 73 17.42 21.70 -18.23
C ARG A 73 18.54 20.87 -18.89
N THR A 74 19.42 20.27 -18.09
CA THR A 74 20.43 19.35 -18.61
C THR A 74 20.35 18.06 -17.85
N TYR A 75 21.05 17.07 -18.39
CA TYR A 75 21.28 15.81 -17.70
C TYR A 75 22.68 15.39 -18.04
N ARG A 76 23.55 15.30 -17.03
CA ARG A 76 24.89 14.72 -17.24
C ARG A 76 24.88 13.20 -17.05
N PHE A 77 25.37 12.51 -18.07
CA PHE A 77 25.48 11.06 -18.04
C PHE A 77 26.83 10.74 -18.66
N SER A 78 27.35 9.54 -18.39
CA SER A 78 28.50 9.04 -19.10
C SER A 78 28.15 7.93 -20.11
N VAL A 79 29.03 7.73 -21.09
CA VAL A 79 28.91 6.65 -22.07
C VAL A 79 29.75 5.43 -21.66
N SER A 80 29.14 4.24 -21.64
CA SER A 80 29.94 3.02 -21.43
C SER A 80 30.81 2.71 -22.65
N TRP A 81 32.08 3.06 -22.55
CA TRP A 81 33.05 2.68 -23.56
C TRP A 81 32.93 1.23 -24.06
N PRO A 82 33.03 0.21 -23.17
CA PRO A 82 32.95 -1.18 -23.64
C PRO A 82 31.58 -1.65 -24.18
N ARG A 83 30.59 -0.76 -24.22
CA ARG A 83 29.35 -1.01 -24.95
C ARG A 83 29.54 -0.63 -26.43
N ILE A 84 30.41 0.36 -26.68
CA ILE A 84 30.61 0.91 -28.01
C ILE A 84 31.76 0.16 -28.67
N PHE A 85 32.86 0.04 -27.95
CA PHE A 85 33.96 -0.82 -28.40
C PHE A 85 34.22 -1.87 -27.35
N PRO A 86 33.48 -2.97 -27.43
CA PRO A 86 33.54 -4.07 -26.46
C PRO A 86 34.94 -4.62 -26.16
N ASN A 87 35.90 -4.33 -27.04
CA ASN A 87 37.30 -4.60 -26.73
C ASN A 87 38.13 -3.33 -26.46
N GLY A 88 37.59 -2.18 -26.82
CA GLY A 88 38.30 -0.92 -26.66
C GLY A 88 38.87 -0.44 -27.97
N ASP A 89 39.26 -1.40 -28.80
CA ASP A 89 39.96 -1.15 -30.05
C ASP A 89 39.10 -1.39 -31.30
N GLY A 90 38.37 -2.49 -31.30
CA GLY A 90 37.99 -3.13 -32.56
C GLY A 90 36.86 -2.49 -33.34
N GLU A 91 35.84 -3.27 -33.59
CA GLU A 91 34.72 -2.83 -34.39
C GLU A 91 33.62 -2.29 -33.48
N VAL A 92 32.94 -1.24 -33.95
CA VAL A 92 31.90 -0.60 -33.18
C VAL A 92 30.75 -1.58 -32.94
N ASN A 93 30.09 -1.42 -31.80
CA ASN A 93 28.88 -2.14 -31.51
C ASN A 93 27.71 -1.18 -31.73
N GLN A 94 26.89 -1.47 -32.73
CA GLN A 94 25.77 -0.60 -33.06
C GLN A 94 24.68 -0.64 -31.99
N LYS A 95 24.72 -1.81 -31.17
CA LYS A 95 23.66 -1.89 -30.17
C LYS A 95 23.94 -0.92 -29.01
N GLY A 96 25.08 -0.91 -28.77
CA GLY A 96 25.58 0.07 -27.81
C GLY A 96 25.26 1.51 -28.19
N LEU A 97 25.57 1.89 -29.43
CA LEU A 97 25.22 3.21 -29.95
C LEU A 97 23.72 3.48 -29.89
N ASP A 98 22.94 2.46 -30.21
CA ASP A 98 21.50 2.61 -30.31
C ASP A 98 20.88 2.98 -28.96
N TYR A 99 21.40 2.37 -27.90
CA TYR A 99 20.95 2.64 -26.55
C TYR A 99 21.07 4.13 -26.23
N TYR A 100 22.25 4.69 -26.47
CA TYR A 100 22.47 6.10 -26.21
C TYR A 100 21.70 7.00 -27.16
N HIS A 101 21.41 6.51 -28.36
CA HIS A 101 20.45 7.20 -29.23
C HIS A 101 19.06 7.20 -28.64
N ARG A 102 18.65 6.10 -28.03
CA ARG A 102 17.34 6.04 -27.38
C ARG A 102 17.24 6.99 -26.20
N VAL A 103 18.30 7.04 -25.39
CA VAL A 103 18.43 7.98 -24.28
C VAL A 103 18.44 9.45 -24.72
N VAL A 104 19.35 9.79 -25.64
CA VAL A 104 19.51 11.17 -26.11
C VAL A 104 18.27 11.73 -26.81
N ASP A 105 17.61 10.89 -27.59
CA ASP A 105 16.44 11.34 -28.36
C ASP A 105 15.34 11.67 -27.41
N LEU A 106 15.18 10.82 -26.41
CA LEU A 106 14.23 11.03 -25.33
C LEU A 106 14.50 12.34 -24.57
N LEU A 107 15.76 12.56 -24.20
CA LEU A 107 16.17 13.79 -23.52
C LEU A 107 15.83 15.00 -24.37
N ASN A 108 16.27 14.94 -25.62
CA ASN A 108 16.04 16.02 -26.57
C ASN A 108 14.56 16.25 -26.84
N ASP A 109 13.80 15.17 -26.90
CA ASP A 109 12.36 15.24 -27.01
C ASP A 109 11.75 15.97 -25.82
N ASN A 110 12.38 15.83 -24.66
CA ASN A 110 11.84 16.43 -23.44
C ASN A 110 12.46 17.78 -23.07
N GLY A 111 13.26 18.34 -23.96
CA GLY A 111 13.81 19.67 -23.73
C GLY A 111 14.97 19.69 -22.74
N ILE A 112 15.57 18.52 -22.51
CA ILE A 112 16.67 18.37 -21.59
C ILE A 112 17.96 18.20 -22.41
N GLU A 113 18.88 19.13 -22.27
CA GLU A 113 20.15 19.08 -22.99
C GLU A 113 21.07 18.02 -22.42
N PRO A 114 21.44 17.03 -23.24
CA PRO A 114 22.52 16.08 -22.85
C PRO A 114 23.84 16.80 -22.57
N PHE A 115 24.44 16.44 -21.43
CA PHE A 115 25.79 16.85 -21.05
C PHE A 115 26.57 15.57 -20.93
N CYS A 116 27.33 15.26 -21.98
CA CYS A 116 27.92 13.94 -22.13
C CYS A 116 29.35 13.87 -21.61
N THR A 117 29.59 12.91 -20.71
CA THR A 117 30.92 12.54 -20.27
C THR A 117 31.35 11.27 -21.03
N LEU A 118 32.41 11.41 -21.82
CA LEU A 118 32.94 10.30 -22.60
C LEU A 118 33.57 9.26 -21.68
N TYR A 119 34.48 9.71 -20.82
CA TYR A 119 35.13 8.78 -19.91
C TYR A 119 34.80 9.01 -18.43
N HIS A 120 34.03 8.07 -17.90
CA HIS A 120 33.76 7.99 -16.48
C HIS A 120 34.09 6.61 -15.92
N TRP A 121 35.32 6.17 -16.22
CA TRP A 121 36.10 5.21 -15.43
C TRP A 121 36.02 3.75 -15.91
N ASP A 122 35.13 3.50 -16.87
CA ASP A 122 34.95 2.14 -17.39
C ASP A 122 35.83 1.85 -18.61
N LEU A 123 37.13 1.77 -18.38
CA LEU A 123 38.07 1.33 -19.40
C LEU A 123 37.75 -0.12 -19.73
N PRO A 124 37.66 -0.45 -21.05
CA PRO A 124 37.60 -1.85 -21.47
C PRO A 124 38.77 -2.66 -20.89
N GLN A 125 38.42 -3.77 -20.23
CA GLN A 125 39.37 -4.66 -19.60
C GLN A 125 40.45 -5.10 -20.57
N ALA A 126 40.05 -5.28 -21.84
CA ALA A 126 40.95 -5.66 -22.93
C ALA A 126 42.17 -4.71 -23.04
N LEU A 127 41.91 -3.41 -22.95
CA LEU A 127 42.96 -2.40 -22.96
C LEU A 127 43.76 -2.41 -21.66
N GLN A 128 43.11 -2.74 -20.54
CA GLN A 128 43.83 -2.86 -19.28
C GLN A 128 44.81 -4.03 -19.35
N ASP A 129 44.38 -5.13 -19.95
CA ASP A 129 45.26 -6.26 -20.22
C ASP A 129 46.52 -5.85 -20.99
N ALA A 130 46.40 -4.83 -21.84
CA ALA A 130 47.55 -4.29 -22.55
C ALA A 130 48.26 -3.16 -21.78
N GLY A 131 47.83 -2.92 -20.55
CA GLY A 131 48.48 -1.93 -19.72
C GLY A 131 47.65 -0.68 -19.48
N GLY A 132 46.46 -0.62 -20.07
CA GLY A 132 45.54 0.48 -19.84
C GLY A 132 46.16 1.83 -20.12
N TRP A 133 45.88 2.80 -19.25
CA TRP A 133 46.32 4.18 -19.48
C TRP A 133 47.82 4.35 -19.31
N GLY A 134 48.47 3.32 -18.80
CA GLY A 134 49.91 3.28 -18.76
C GLY A 134 50.50 3.07 -20.15
N ASN A 135 49.71 2.48 -21.04
CA ASN A 135 50.08 2.29 -22.44
C ASN A 135 49.57 3.44 -23.29
N ARG A 136 50.43 4.02 -24.09
CA ARG A 136 50.03 5.07 -25.03
C ARG A 136 49.09 4.61 -26.15
N ARG A 137 49.03 3.32 -26.41
CA ARG A 137 48.08 2.78 -27.37
C ARG A 137 46.64 3.11 -26.96
N THR A 138 46.42 3.14 -25.65
CA THR A 138 45.12 3.47 -25.10
C THR A 138 44.68 4.90 -25.45
N ILE A 139 45.65 5.78 -25.64
CA ILE A 139 45.37 7.12 -26.10
C ILE A 139 44.62 7.09 -27.44
N GLN A 140 45.09 6.21 -28.33
CA GLN A 140 44.54 6.09 -29.67
C GLN A 140 43.16 5.42 -29.65
N ALA A 141 43.05 4.34 -28.88
CA ALA A 141 41.77 3.69 -28.61
C ALA A 141 40.74 4.71 -28.08
N PHE A 142 41.19 5.64 -27.26
CA PHE A 142 40.30 6.67 -26.75
C PHE A 142 39.87 7.66 -27.81
N VAL A 143 40.81 8.19 -28.57
CA VAL A 143 40.49 9.15 -29.62
C VAL A 143 39.49 8.59 -30.64
N GLN A 144 39.67 7.31 -30.99
CA GLN A 144 38.72 6.55 -31.80
C GLN A 144 37.31 6.53 -31.20
N PHE A 145 37.21 6.05 -29.96
CA PHE A 145 35.97 6.14 -29.16
C PHE A 145 35.33 7.55 -29.22
N ALA A 146 36.13 8.57 -28.93
CA ALA A 146 35.68 9.96 -28.94
C ALA A 146 35.10 10.40 -30.29
N GLU A 147 35.88 10.19 -31.37
CA GLU A 147 35.42 10.38 -32.75
C GLU A 147 34.08 9.72 -33.05
N THR A 148 34.00 8.44 -32.77
CA THR A 148 32.79 7.68 -32.98
C THR A 148 31.58 8.37 -32.37
N MET A 149 31.74 8.89 -31.16
CA MET A 149 30.64 9.53 -30.44
C MET A 149 30.38 10.91 -30.99
N PHE A 150 31.44 11.63 -31.33
CA PHE A 150 31.32 12.95 -31.95
C PHE A 150 30.53 12.89 -33.26
N ARG A 151 30.83 11.87 -34.07
CA ARG A 151 30.18 11.70 -35.35
C ARG A 151 28.76 11.15 -35.25
N GLU A 152 28.58 10.15 -34.40
CA GLU A 152 27.26 9.58 -34.18
C GLU A 152 26.28 10.58 -33.60
N PHE A 153 26.76 11.44 -32.71
CA PHE A 153 25.85 12.26 -31.91
C PHE A 153 25.93 13.72 -32.22
N HIS A 154 26.44 14.00 -33.42
CA HIS A 154 26.80 15.34 -33.84
C HIS A 154 25.78 16.41 -33.42
N GLY A 155 24.60 16.43 -34.00
CA GLY A 155 23.73 17.55 -33.66
C GLY A 155 22.90 17.38 -32.40
N LYS A 156 23.07 16.25 -31.71
CA LYS A 156 22.16 15.84 -30.64
C LYS A 156 22.70 16.24 -29.25
N ILE A 157 24.02 16.30 -29.14
CA ILE A 157 24.68 16.65 -27.88
C ILE A 157 25.48 17.93 -28.10
N GLN A 158 25.27 18.90 -27.23
CA GLN A 158 25.92 20.21 -27.35
C GLN A 158 26.96 20.45 -26.25
N HIS A 159 27.06 19.52 -25.31
CA HIS A 159 27.93 19.69 -24.14
C HIS A 159 28.68 18.39 -23.89
N TRP A 160 30.00 18.47 -23.88
CA TRP A 160 30.86 17.28 -23.87
C TRP A 160 31.98 17.45 -22.84
N LEU A 161 32.24 16.39 -22.09
CA LEU A 161 33.43 16.32 -21.24
C LEU A 161 34.22 15.11 -21.66
N THR A 162 35.53 15.29 -21.79
CA THR A 162 36.42 14.17 -22.05
C THR A 162 36.53 13.23 -20.85
N PHE A 163 36.99 13.76 -19.71
CA PHE A 163 37.30 12.92 -18.56
C PHE A 163 36.63 13.44 -17.29
N ASN A 164 36.02 12.53 -16.55
CA ASN A 164 35.53 12.82 -15.21
C ASN A 164 36.60 12.49 -14.18
N GLU A 165 37.07 13.50 -13.45
CA GLU A 165 37.88 13.30 -12.25
C GLU A 165 39.19 12.58 -12.50
N PRO A 166 40.09 13.22 -13.25
CA PRO A 166 41.45 12.70 -13.58
C PRO A 166 42.27 12.29 -12.35
N TRP A 167 42.07 13.01 -11.23
CA TRP A 167 42.76 12.70 -9.97
C TRP A 167 42.43 11.28 -9.52
N CYS A 168 41.15 10.92 -9.59
CA CYS A 168 40.72 9.59 -9.23
C CYS A 168 41.22 8.53 -10.19
N ILE A 169 41.02 8.77 -11.48
CA ILE A 169 41.47 7.87 -12.54
C ILE A 169 42.95 7.51 -12.36
N ALA A 170 43.78 8.53 -12.11
CA ALA A 170 45.23 8.36 -11.94
C ALA A 170 45.67 7.95 -10.53
N PHE A 171 45.42 8.83 -9.55
CA PHE A 171 46.04 8.66 -8.23
C PHE A 171 45.27 7.74 -7.31
N LEU A 172 43.96 7.97 -7.18
CA LEU A 172 43.12 7.07 -6.39
C LEU A 172 43.15 5.61 -6.91
N SER A 173 43.22 5.48 -8.23
CA SER A 173 43.16 4.17 -8.88
C SER A 173 44.48 3.44 -9.01
N ASN A 174 45.57 4.17 -9.15
CA ASN A 174 46.86 3.58 -9.49
C ASN A 174 47.96 3.82 -8.43
N MET A 175 47.74 4.77 -7.53
CA MET A 175 48.67 5.04 -6.44
C MET A 175 48.11 4.49 -5.12
N LEU A 176 46.81 4.68 -4.93
CA LEU A 176 46.16 4.32 -3.69
C LEU A 176 45.41 3.00 -3.78
N GLY A 177 45.31 2.45 -4.99
CA GLY A 177 44.64 1.17 -5.18
C GLY A 177 43.18 1.05 -4.75
N VAL A 178 42.51 2.19 -4.53
CA VAL A 178 41.15 2.20 -3.98
C VAL A 178 40.09 1.98 -5.07
N HIS A 179 40.41 2.47 -6.27
CA HIS A 179 39.54 2.34 -7.42
C HIS A 179 40.20 1.49 -8.49
N ALA A 180 39.39 0.89 -9.37
CA ALA A 180 39.92 0.16 -10.53
C ALA A 180 40.87 1.05 -11.36
N PRO A 181 42.03 0.51 -11.76
CA PRO A 181 42.42 -0.92 -11.66
C PRO A 181 43.06 -1.41 -10.34
N GLY A 182 43.22 -0.51 -9.37
CA GLY A 182 43.60 -0.90 -8.02
C GLY A 182 45.09 -1.08 -7.83
N LEU A 183 45.88 -0.23 -8.50
CA LEU A 183 47.32 -0.32 -8.41
C LEU A 183 47.84 0.68 -7.38
N THR A 184 49.06 0.47 -6.93
CA THR A 184 49.69 1.31 -5.91
C THR A 184 51.15 1.60 -6.29
N ASN A 185 51.33 2.49 -7.25
CA ASN A 185 52.64 2.72 -7.82
C ASN A 185 52.54 4.12 -8.40
N LEU A 186 53.33 5.02 -7.83
CA LEU A 186 53.30 6.45 -8.15
C LEU A 186 53.55 6.68 -9.63
N GLN A 187 54.59 6.02 -10.14
CA GLN A 187 55.01 6.18 -11.52
C GLN A 187 53.89 5.80 -12.49
N THR A 188 53.18 4.71 -12.20
CA THR A 188 52.01 4.29 -12.96
C THR A 188 50.91 5.34 -12.92
N ALA A 189 50.64 5.86 -11.73
CA ALA A 189 49.65 6.90 -11.54
C ALA A 189 49.98 8.14 -12.34
N ILE A 190 51.25 8.54 -12.36
CA ILE A 190 51.72 9.68 -13.15
C ILE A 190 51.65 9.41 -14.67
N ASP A 191 51.99 8.19 -15.08
CA ASP A 191 51.81 7.76 -16.47
C ASP A 191 50.36 7.89 -16.91
N VAL A 192 49.47 7.34 -16.09
CA VAL A 192 48.05 7.40 -16.37
C VAL A 192 47.54 8.83 -16.50
N GLY A 193 47.97 9.69 -15.57
CA GLY A 193 47.57 11.08 -15.62
C GLY A 193 48.08 11.80 -16.85
N HIS A 194 49.30 11.48 -17.27
CA HIS A 194 49.91 12.15 -18.43
C HIS A 194 49.21 11.70 -19.71
N HIS A 195 48.95 10.40 -19.82
CA HIS A 195 48.32 9.83 -21.01
C HIS A 195 46.85 10.19 -21.20
N LEU A 196 46.08 10.28 -20.12
CA LEU A 196 44.70 10.78 -20.23
C LEU A 196 44.68 12.25 -20.63
N LEU A 197 45.74 12.97 -20.31
CA LEU A 197 45.81 14.39 -20.68
C LEU A 197 46.11 14.55 -22.19
N VAL A 198 47.01 13.72 -22.70
CA VAL A 198 47.30 13.67 -24.14
C VAL A 198 46.05 13.19 -24.92
N ALA A 199 45.39 12.17 -24.40
CA ALA A 199 44.14 11.66 -24.94
C ALA A 199 43.09 12.76 -25.01
N HIS A 200 43.00 13.52 -23.92
CA HIS A 200 42.09 14.66 -23.81
C HIS A 200 42.38 15.72 -24.89
N GLY A 201 43.63 16.14 -25.02
CA GLY A 201 43.93 17.22 -25.96
C GLY A 201 43.70 16.80 -27.40
N LEU A 202 44.05 15.55 -27.71
CA LEU A 202 43.82 14.96 -29.02
C LEU A 202 42.33 14.84 -29.37
N SER A 203 41.52 14.48 -28.40
CA SER A 203 40.07 14.43 -28.58
C SER A 203 39.42 15.79 -28.80
N VAL A 204 39.97 16.85 -28.18
CA VAL A 204 39.46 18.20 -28.42
C VAL A 204 39.82 18.63 -29.85
N ARG A 205 41.04 18.32 -30.29
CA ARG A 205 41.43 18.50 -31.70
C ARG A 205 40.42 17.85 -32.65
N ARG A 206 40.17 16.55 -32.47
CA ARG A 206 39.22 15.84 -33.31
C ARG A 206 37.87 16.53 -33.32
N PHE A 207 37.43 16.94 -32.14
CA PHE A 207 36.17 17.65 -31.98
C PHE A 207 36.13 18.88 -32.88
N ARG A 208 37.22 19.61 -32.92
CA ARG A 208 37.26 20.85 -33.67
C ARG A 208 37.39 20.57 -35.17
N GLU A 209 38.15 19.53 -35.52
CA GLU A 209 38.41 19.17 -36.92
C GLU A 209 37.13 18.62 -37.59
N LEU A 210 36.34 17.89 -36.82
CA LEU A 210 35.12 17.29 -37.32
C LEU A 210 34.00 18.31 -37.35
N GLY A 211 34.25 19.50 -36.79
CA GLY A 211 33.21 20.50 -36.67
C GLY A 211 32.00 20.03 -35.86
N THR A 212 32.24 19.21 -34.84
CA THR A 212 31.17 18.75 -33.96
C THR A 212 30.51 19.92 -33.23
N SER A 213 29.21 19.75 -32.92
CA SER A 213 28.37 20.80 -32.36
C SER A 213 28.57 20.89 -30.86
N GLY A 214 28.34 22.09 -30.33
CA GLY A 214 28.50 22.35 -28.91
C GLY A 214 29.88 22.74 -28.43
N GLN A 215 30.16 22.39 -27.18
CA GLN A 215 31.36 22.82 -26.49
C GLN A 215 31.91 21.62 -25.76
N ILE A 216 33.19 21.67 -25.45
CA ILE A 216 33.88 20.53 -24.92
C ILE A 216 34.88 20.99 -23.86
N GLY A 217 34.86 20.28 -22.74
CA GLY A 217 35.86 20.52 -21.71
C GLY A 217 36.20 19.24 -20.96
N ILE A 218 36.76 19.43 -19.76
CA ILE A 218 37.11 18.33 -18.88
C ILE A 218 36.53 18.63 -17.46
N ALA A 219 36.28 17.59 -16.66
CA ALA A 219 35.60 17.75 -15.37
C ALA A 219 36.43 17.14 -14.20
N PRO A 220 37.51 17.85 -13.76
CA PRO A 220 38.22 17.48 -12.54
C PRO A 220 37.37 17.51 -11.25
N ASN A 221 37.60 16.54 -10.38
CA ASN A 221 37.21 16.71 -8.98
C ASN A 221 38.17 17.70 -8.33
N VAL A 222 37.61 18.54 -7.49
CA VAL A 222 38.32 19.69 -6.96
C VAL A 222 38.44 19.55 -5.41
N SER A 223 39.68 19.57 -4.91
CA SER A 223 39.92 19.56 -3.46
C SER A 223 40.24 20.96 -2.94
N TRP A 224 39.89 21.19 -1.68
CA TRP A 224 40.22 22.44 -1.00
C TRP A 224 40.65 22.15 0.43
N ALA A 225 41.89 22.53 0.73
CA ALA A 225 42.48 22.34 2.04
C ALA A 225 42.98 23.68 2.55
N VAL A 226 42.79 23.88 3.84
CA VAL A 226 43.11 25.13 4.52
C VAL A 226 44.02 24.74 5.72
N PRO A 227 45.13 25.47 5.93
CA PRO A 227 46.16 24.99 6.87
C PRO A 227 45.76 25.14 8.35
N TYR A 228 46.15 24.14 9.15
CA TYR A 228 45.78 24.13 10.56
C TYR A 228 46.50 25.26 11.30
N SER A 229 47.81 25.34 11.09
CA SER A 229 48.57 26.43 11.64
C SER A 229 48.98 27.39 10.53
N THR A 230 49.71 28.42 10.93
CA THR A 230 50.15 29.45 10.01
C THR A 230 51.53 29.10 9.44
N SER A 231 52.07 27.93 9.78
CA SER A 231 53.38 27.53 9.28
C SER A 231 53.44 27.35 7.75
N GLU A 232 54.59 27.70 7.18
CA GLU A 232 54.90 27.42 5.78
C GLU A 232 54.77 25.95 5.41
N GLU A 233 55.10 25.06 6.33
CA GLU A 233 54.99 23.64 6.05
C GLU A 233 53.55 23.15 5.94
N ASP A 234 52.66 23.71 6.76
CA ASP A 234 51.25 23.37 6.71
C ASP A 234 50.66 23.95 5.41
N LYS A 235 51.13 25.14 5.06
CA LYS A 235 50.74 25.83 3.86
C LYS A 235 51.13 25.05 2.62
N ALA A 236 52.34 24.52 2.64
CA ALA A 236 52.89 23.68 1.58
C ALA A 236 52.10 22.38 1.41
N ALA A 237 51.74 21.76 2.52
CA ALA A 237 50.93 20.54 2.55
C ALA A 237 49.58 20.76 1.88
N CYS A 238 48.98 21.91 2.13
CA CYS A 238 47.68 22.26 1.57
C CYS A 238 47.80 22.56 0.08
N ALA A 239 48.90 23.21 -0.30
CA ALA A 239 49.21 23.48 -1.71
C ALA A 239 49.33 22.20 -2.50
N ARG A 240 50.05 21.22 -1.95
CA ARG A 240 50.12 19.89 -2.54
C ARG A 240 48.78 19.20 -2.70
N THR A 241 47.98 19.20 -1.64
CA THR A 241 46.65 18.61 -1.63
C THR A 241 45.71 19.22 -2.67
N ILE A 242 45.68 20.55 -2.74
CA ILE A 242 44.83 21.27 -3.69
C ILE A 242 45.34 21.04 -5.12
N SER A 243 46.63 21.22 -5.32
CA SER A 243 47.20 21.28 -6.66
C SER A 243 47.16 19.96 -7.41
N LEU A 244 47.19 18.84 -6.71
CA LEU A 244 47.25 17.55 -7.39
C LEU A 244 45.91 17.20 -8.01
N HIS A 245 44.84 17.60 -7.32
CA HIS A 245 43.49 17.39 -7.81
C HIS A 245 43.21 18.24 -9.05
N SER A 246 43.53 19.53 -8.99
CA SER A 246 43.13 20.45 -10.03
C SER A 246 44.28 20.94 -10.93
N ASP A 247 45.26 21.64 -10.34
CA ASP A 247 46.36 22.28 -11.07
C ASP A 247 47.22 21.31 -11.88
N TRP A 248 47.36 20.10 -11.36
CA TRP A 248 48.17 19.11 -12.03
C TRP A 248 47.61 18.71 -13.37
N PHE A 249 46.30 18.82 -13.52
CA PHE A 249 45.64 18.61 -14.79
C PHE A 249 45.33 19.91 -15.53
N LEU A 250 45.05 20.96 -14.78
CA LEU A 250 44.59 22.23 -15.37
C LEU A 250 45.71 23.14 -15.84
N GLN A 251 46.88 23.00 -15.24
CA GLN A 251 47.98 23.85 -15.63
C GLN A 251 48.65 23.38 -16.94
N PRO A 252 48.76 22.05 -17.17
CA PRO A 252 49.08 21.58 -18.52
C PRO A 252 48.09 22.04 -19.59
N ILE A 253 46.80 21.93 -19.30
CA ILE A 253 45.77 22.40 -20.20
C ILE A 253 45.84 23.90 -20.45
N TYR A 254 45.91 24.69 -19.39
CA TYR A 254 45.76 26.12 -19.52
C TYR A 254 47.09 26.82 -19.66
N GLN A 255 48.14 26.25 -19.11
CA GLN A 255 49.41 26.98 -19.11
C GLN A 255 50.58 26.24 -19.68
N GLY A 256 50.35 25.03 -20.18
CA GLY A 256 51.39 24.30 -20.87
C GLY A 256 52.47 23.66 -20.00
N SER A 257 52.23 23.52 -18.70
CA SER A 257 53.20 22.89 -17.83
C SER A 257 52.55 22.29 -16.62
N TYR A 258 53.17 21.26 -16.09
CA TYR A 258 52.80 20.71 -14.80
C TYR A 258 53.32 21.61 -13.68
N PRO A 259 52.59 21.66 -12.54
CA PRO A 259 53.07 22.36 -11.33
C PRO A 259 54.45 21.89 -10.90
N GLN A 260 55.42 22.77 -11.07
CA GLN A 260 56.81 22.44 -10.80
C GLN A 260 57.07 21.89 -9.39
N PHE A 261 56.44 22.49 -8.37
CA PHE A 261 56.64 22.05 -6.99
C PHE A 261 56.19 20.62 -6.76
N LEU A 262 55.16 20.23 -7.49
CA LEU A 262 54.70 18.85 -7.44
C LEU A 262 55.57 17.97 -8.33
N VAL A 263 56.06 18.52 -9.43
CA VAL A 263 57.05 17.83 -10.27
C VAL A 263 58.26 17.48 -9.42
N ASP A 264 58.73 18.46 -8.67
CA ASP A 264 59.90 18.29 -7.80
C ASP A 264 59.63 17.33 -6.67
N TRP A 265 58.41 17.41 -6.13
CA TRP A 265 57.97 16.54 -5.06
C TRP A 265 58.04 15.09 -5.50
N PHE A 266 57.49 14.80 -6.67
CA PHE A 266 57.44 13.41 -7.15
C PHE A 266 58.81 12.95 -7.60
N ALA A 267 59.64 13.87 -8.06
CA ALA A 267 61.02 13.54 -8.43
C ALA A 267 61.75 13.04 -7.19
N GLU A 268 61.47 13.68 -6.05
CA GLU A 268 62.02 13.27 -4.77
C GLU A 268 61.67 11.82 -4.48
N GLN A 269 60.46 11.44 -4.87
CA GLN A 269 59.99 10.08 -4.68
C GLN A 269 60.38 9.18 -5.87
N GLY A 270 61.09 9.77 -6.82
CA GLY A 270 61.73 8.99 -7.87
C GLY A 270 60.82 8.73 -9.05
N ALA A 271 59.82 9.59 -9.24
CA ALA A 271 58.88 9.43 -10.34
C ALA A 271 58.96 10.64 -11.24
N THR A 272 58.81 10.39 -12.53
CA THR A 272 58.92 11.44 -13.54
C THR A 272 57.79 11.31 -14.54
N VAL A 273 57.30 12.46 -15.04
CA VAL A 273 56.24 12.45 -16.02
C VAL A 273 56.80 12.04 -17.39
N PRO A 274 56.16 11.03 -18.01
CA PRO A 274 56.64 10.48 -19.28
C PRO A 274 56.30 11.39 -20.48
N ILE A 275 56.78 12.65 -20.41
CA ILE A 275 56.50 13.67 -21.43
C ILE A 275 57.35 13.49 -22.70
N GLN A 276 56.69 13.20 -23.81
CA GLN A 276 57.36 13.17 -25.10
C GLN A 276 57.28 14.53 -25.73
N ASP A 277 58.16 14.79 -26.68
CA ASP A 277 58.08 16.03 -27.45
C ASP A 277 56.73 16.18 -28.15
N GLY A 278 56.17 17.38 -28.03
CA GLY A 278 54.90 17.69 -28.64
C GLY A 278 53.72 17.48 -27.72
N ASP A 279 53.92 16.71 -26.65
CA ASP A 279 52.84 16.33 -25.71
C ASP A 279 52.17 17.53 -25.04
N MET A 280 52.99 18.44 -24.51
CA MET A 280 52.47 19.56 -23.77
C MET A 280 51.69 20.50 -24.68
N ASP A 281 52.11 20.57 -25.94
CA ASP A 281 51.40 21.35 -26.95
C ASP A 281 50.01 20.76 -27.25
N ILE A 282 49.94 19.44 -27.36
CA ILE A 282 48.68 18.75 -27.56
C ILE A 282 47.73 18.94 -26.37
N ILE A 283 48.27 18.83 -25.16
CA ILE A 283 47.47 19.01 -23.95
C ILE A 283 46.96 20.44 -23.78
N GLY A 284 47.66 21.40 -24.38
CA GLY A 284 47.25 22.79 -24.28
C GLY A 284 46.16 23.24 -25.23
N GLU A 285 45.54 22.27 -25.92
CA GLU A 285 44.39 22.51 -26.80
C GLU A 285 43.30 23.31 -26.09
N PRO A 286 42.89 24.46 -26.68
CA PRO A 286 41.85 25.31 -26.07
C PRO A 286 40.55 24.57 -25.83
N ILE A 287 40.01 24.70 -24.62
CA ILE A 287 38.74 24.07 -24.25
C ILE A 287 37.70 25.12 -23.92
N ASP A 288 36.43 24.74 -24.00
CA ASP A 288 35.37 25.74 -23.97
C ASP A 288 34.93 26.09 -22.56
N MET A 289 35.06 25.11 -21.67
CA MET A 289 34.63 25.26 -20.29
C MET A 289 35.27 24.11 -19.53
N ILE A 290 35.14 24.13 -18.21
CA ILE A 290 35.40 22.94 -17.40
C ILE A 290 34.20 22.69 -16.52
N GLY A 291 34.05 21.43 -16.14
CA GLY A 291 33.21 21.09 -15.01
C GLY A 291 34.06 20.94 -13.77
N ILE A 292 33.45 21.20 -12.62
CA ILE A 292 34.09 21.18 -11.30
C ILE A 292 33.22 20.24 -10.45
N ASN A 293 33.85 19.21 -9.87
CA ASN A 293 33.15 18.33 -8.91
C ASN A 293 33.56 18.62 -7.45
N TYR A 294 32.59 19.07 -6.65
CA TYR A 294 32.91 19.49 -5.30
C TYR A 294 31.98 18.86 -4.28
N TYR A 295 32.58 18.32 -3.24
CA TYR A 295 31.81 17.73 -2.17
C TYR A 295 32.15 18.27 -0.79
N SER A 296 33.44 18.56 -0.60
CA SER A 296 33.99 18.75 0.72
C SER A 296 35.27 19.58 0.75
N MET A 297 35.68 19.91 1.98
CA MET A 297 36.73 20.89 2.29
C MET A 297 37.47 20.29 3.50
N SER A 298 38.74 20.62 3.69
CA SER A 298 39.42 20.09 4.87
C SER A 298 40.43 21.10 5.47
N VAL A 299 40.79 20.86 6.74
CA VAL A 299 41.92 21.55 7.39
C VAL A 299 43.05 20.54 7.52
N ASN A 300 44.20 20.87 6.95
CA ASN A 300 45.32 19.93 6.86
C ASN A 300 46.58 20.47 7.57
N ARG A 301 47.44 19.57 7.99
CA ARG A 301 48.76 19.98 8.48
C ARG A 301 49.78 19.08 7.84
N PHE A 302 51.00 19.60 7.68
CA PHE A 302 52.12 18.77 7.28
C PHE A 302 52.30 17.58 8.23
N ASN A 303 52.46 16.40 7.66
CA ASN A 303 52.80 15.24 8.44
C ASN A 303 53.52 14.26 7.52
N PRO A 304 54.81 14.01 7.79
CA PRO A 304 55.68 13.22 6.91
C PRO A 304 55.19 11.79 6.79
N GLU A 305 54.22 11.44 7.61
CA GLU A 305 53.67 10.10 7.63
C GLU A 305 52.36 10.04 6.92
N ALA A 306 51.85 11.19 6.50
CA ALA A 306 50.48 11.28 6.05
C ALA A 306 50.40 11.06 4.53
N GLY A 307 50.76 9.85 4.12
CA GLY A 307 50.67 9.47 2.72
C GLY A 307 51.75 10.07 1.83
N PHE A 308 51.62 9.86 0.52
CA PHE A 308 52.62 10.32 -0.42
C PHE A 308 52.67 11.85 -0.61
N LEU A 309 51.66 12.54 -0.13
CA LEU A 309 51.68 14.00 -0.11
C LEU A 309 52.04 14.59 1.27
N GLN A 310 52.16 13.74 2.28
CA GLN A 310 52.55 14.16 3.62
C GLN A 310 51.72 15.32 4.13
N SER A 311 50.41 15.15 4.05
CA SER A 311 49.44 16.19 4.28
C SER A 311 48.30 15.50 4.99
N GLU A 312 48.17 15.78 6.28
CA GLU A 312 47.20 15.11 7.14
C GLU A 312 45.97 15.98 7.31
N GLU A 313 44.81 15.38 7.20
CA GLU A 313 43.57 16.08 7.44
C GLU A 313 43.17 16.00 8.91
N ILE A 314 42.74 17.12 9.46
CA ILE A 314 42.41 17.22 10.87
C ILE A 314 40.92 17.02 10.96
N ASN A 315 40.52 16.09 11.81
CA ASN A 315 39.13 16.02 12.24
C ASN A 315 38.80 17.22 13.18
N MET A 316 38.15 18.22 12.60
CA MET A 316 37.82 19.45 13.28
C MET A 316 36.54 19.40 14.12
N GLY A 317 35.87 18.24 14.12
CA GLY A 317 34.64 18.10 14.87
C GLY A 317 33.38 18.52 14.12
N LEU A 318 33.52 18.92 12.85
CA LEU A 318 32.34 19.30 12.03
C LEU A 318 31.43 18.10 11.82
N PRO A 319 30.12 18.36 11.76
CA PRO A 319 29.13 17.42 11.24
C PRO A 319 29.49 16.87 9.86
N VAL A 320 29.36 15.55 9.74
CA VAL A 320 29.63 14.84 8.50
C VAL A 320 28.36 14.22 7.90
N THR A 321 28.45 13.92 6.62
CA THR A 321 27.45 13.16 5.89
C THR A 321 27.58 11.68 6.29
N ASP A 322 26.71 10.84 5.74
CA ASP A 322 26.68 9.43 6.08
C ASP A 322 27.83 8.63 5.49
N ILE A 323 28.56 9.21 4.54
CA ILE A 323 29.80 8.62 4.06
C ILE A 323 30.97 9.19 4.89
N GLY A 324 30.67 10.18 5.73
CA GLY A 324 31.63 10.67 6.68
C GLY A 324 32.42 11.87 6.23
N TRP A 325 31.86 12.66 5.33
CA TRP A 325 32.54 13.88 4.88
C TRP A 325 31.96 15.07 5.62
N PRO A 326 32.83 15.97 6.12
CA PRO A 326 32.32 17.21 6.71
C PRO A 326 31.68 18.10 5.64
N VAL A 327 30.54 18.68 5.97
CA VAL A 327 29.98 19.70 5.11
C VAL A 327 30.41 21.11 5.52
N GLU A 328 31.15 21.75 4.60
CA GLU A 328 31.62 23.12 4.74
C GLU A 328 31.64 23.70 3.33
N SER A 329 30.58 24.42 2.99
CA SER A 329 30.31 24.81 1.63
C SER A 329 31.23 25.91 1.12
N ARG A 330 31.78 26.73 2.04
CA ARG A 330 32.71 27.82 1.67
C ARG A 330 33.81 27.34 0.74
N GLY A 331 34.24 26.09 0.92
CA GLY A 331 35.24 25.49 0.04
C GLY A 331 34.95 25.61 -1.46
N LEU A 332 33.67 25.61 -1.81
CA LEU A 332 33.24 25.83 -3.19
C LEU A 332 33.52 27.28 -3.66
N TYR A 333 33.06 28.25 -2.87
CA TYR A 333 33.39 29.64 -3.07
C TYR A 333 34.91 29.84 -3.22
N GLU A 334 35.67 29.27 -2.29
CA GLU A 334 37.10 29.42 -2.24
C GLU A 334 37.81 28.82 -3.46
N VAL A 335 37.48 27.59 -3.81
CA VAL A 335 38.12 26.95 -4.97
C VAL A 335 37.74 27.58 -6.32
N LEU A 336 36.51 28.12 -6.41
CA LEU A 336 36.12 28.80 -7.63
C LEU A 336 36.93 30.07 -7.82
N HIS A 337 37.15 30.80 -6.73
CA HIS A 337 38.01 31.98 -6.77
C HIS A 337 39.47 31.63 -7.00
N TYR A 338 39.90 30.50 -6.43
CA TYR A 338 41.23 29.98 -6.68
C TYR A 338 41.50 29.73 -8.19
N LEU A 339 40.52 29.15 -8.86
CA LEU A 339 40.66 28.70 -10.24
C LEU A 339 40.69 29.87 -11.21
N GLN A 340 40.39 31.06 -10.70
CA GLN A 340 40.47 32.27 -11.52
C GLN A 340 41.88 32.56 -11.97
N LYS A 341 42.82 31.78 -11.45
CA LYS A 341 44.21 31.81 -11.91
C LYS A 341 44.35 31.41 -13.38
N TYR A 342 43.39 30.62 -13.88
CA TYR A 342 43.33 30.25 -15.30
C TYR A 342 42.49 31.18 -16.16
N GLY A 343 42.04 32.28 -15.57
CA GLY A 343 41.16 33.18 -16.26
C GLY A 343 39.74 32.97 -15.76
N ASN A 344 38.89 33.95 -16.05
CA ASN A 344 37.48 33.81 -15.77
C ASN A 344 36.87 32.89 -16.81
N ILE A 345 37.25 31.62 -16.71
CA ILE A 345 36.78 30.59 -17.62
C ILE A 345 35.34 30.20 -17.28
N ASP A 346 34.64 29.60 -18.25
CA ASP A 346 33.32 29.04 -17.99
C ASP A 346 33.42 27.80 -17.13
N ILE A 347 32.64 27.75 -16.06
CA ILE A 347 32.64 26.63 -15.14
C ILE A 347 31.23 26.12 -14.90
N TYR A 348 31.07 24.81 -15.01
CA TYR A 348 29.85 24.16 -14.52
C TYR A 348 30.22 23.31 -13.30
N ILE A 349 29.37 23.38 -12.27
CA ILE A 349 29.45 22.45 -11.16
C ILE A 349 28.79 21.16 -11.65
N THR A 350 29.59 20.22 -12.11
CA THR A 350 29.08 19.05 -12.80
C THR A 350 28.79 17.92 -11.80
N GLU A 351 29.26 18.09 -10.56
CA GLU A 351 28.82 17.28 -9.43
C GLU A 351 28.84 18.09 -8.11
N ASN A 352 27.77 17.98 -7.35
CA ASN A 352 27.78 18.37 -5.95
C ASN A 352 26.58 17.70 -5.30
N GLY A 353 26.81 16.95 -4.22
CA GLY A 353 25.74 16.46 -3.39
C GLY A 353 26.27 15.79 -2.13
N ALA A 354 25.48 14.92 -1.52
CA ALA A 354 25.75 14.41 -0.18
C ALA A 354 25.25 12.98 -0.02
N CYS A 355 26.03 12.15 0.65
CA CYS A 355 25.55 10.86 1.06
C CYS A 355 24.69 11.00 2.32
N ILE A 356 23.39 10.85 2.13
CA ILE A 356 22.42 10.91 3.21
C ILE A 356 21.59 9.66 2.94
N ASN A 357 21.53 8.76 3.92
CA ASN A 357 21.09 7.39 3.65
C ASN A 357 19.64 7.11 4.04
N ASP A 358 18.87 8.17 4.23
CA ASP A 358 17.45 8.04 4.56
C ASP A 358 16.74 7.12 3.54
N GLU A 359 15.71 6.44 4.02
CA GLU A 359 14.99 5.47 3.22
C GLU A 359 13.52 5.82 3.27
N VAL A 360 12.71 5.03 2.58
CA VAL A 360 11.28 5.33 2.46
C VAL A 360 10.52 4.98 3.76
N VAL A 361 9.92 6.00 4.37
CA VAL A 361 9.13 5.81 5.59
C VAL A 361 7.81 6.52 5.35
N ASN A 362 6.72 5.77 5.41
CA ASN A 362 5.40 6.30 5.11
C ASN A 362 5.38 6.98 3.74
N GLY A 363 5.97 6.28 2.77
CA GLY A 363 5.88 6.71 1.40
C GLY A 363 6.78 7.86 0.98
N LYS A 364 7.57 8.37 1.91
CA LYS A 364 8.52 9.40 1.56
C LYS A 364 9.87 9.21 2.17
N VAL A 365 10.82 9.93 1.59
CA VAL A 365 12.20 9.91 2.05
C VAL A 365 12.49 11.33 2.56
N GLN A 366 12.52 11.47 3.88
CA GLN A 366 12.56 12.78 4.50
C GLN A 366 14.02 13.23 4.65
N ASP A 367 14.66 13.48 3.52
CA ASP A 367 16.10 13.74 3.51
C ASP A 367 16.42 15.23 3.66
N ASP A 368 15.97 15.77 4.80
CA ASP A 368 16.22 17.15 5.20
C ASP A 368 17.67 17.56 5.19
N ARG A 369 18.56 16.64 5.55
CA ARG A 369 19.99 16.90 5.51
C ARG A 369 20.53 17.09 4.10
N ARG A 370 19.90 16.47 3.09
CA ARG A 370 20.32 16.69 1.70
C ARG A 370 19.85 18.05 1.23
N ILE A 371 18.62 18.41 1.57
CA ILE A 371 18.13 19.77 1.26
C ILE A 371 19.04 20.83 1.89
N SER A 372 19.49 20.55 3.11
CA SER A 372 20.34 21.44 3.88
C SER A 372 21.70 21.64 3.21
N TYR A 373 22.36 20.52 2.93
CA TYR A 373 23.62 20.51 2.17
C TYR A 373 23.51 21.33 0.86
N MET A 374 22.48 21.02 0.07
CA MET A 374 22.33 21.58 -1.27
C MET A 374 22.11 23.07 -1.25
N GLN A 375 21.19 23.47 -0.41
CA GLN A 375 20.90 24.87 -0.12
C GLN A 375 22.14 25.68 0.29
N GLN A 376 23.01 25.11 1.13
CA GLN A 376 24.28 25.75 1.49
C GLN A 376 25.24 25.94 0.31
N HIS A 377 25.34 24.94 -0.56
CA HIS A 377 26.26 25.02 -1.68
C HIS A 377 25.73 25.87 -2.84
N LEU A 378 24.40 25.96 -2.94
CA LEU A 378 23.76 26.78 -3.94
C LEU A 378 23.89 28.27 -3.62
N VAL A 379 23.99 28.57 -2.31
CA VAL A 379 24.31 29.94 -1.88
C VAL A 379 25.72 30.31 -2.34
N GLN A 380 26.66 29.38 -2.17
CA GLN A 380 28.01 29.63 -2.64
C GLN A 380 28.07 29.87 -4.14
N VAL A 381 27.16 29.22 -4.89
CA VAL A 381 27.14 29.33 -6.36
C VAL A 381 26.63 30.72 -6.77
N HIS A 382 25.51 31.14 -6.20
CA HIS A 382 24.97 32.48 -6.40
C HIS A 382 26.01 33.56 -6.06
N ARG A 383 26.66 33.33 -4.93
CA ARG A 383 27.73 34.18 -4.41
C ARG A 383 28.84 34.39 -5.44
N THR A 384 29.37 33.31 -6.01
CA THR A 384 30.44 33.45 -7.03
C THR A 384 29.95 34.12 -8.32
N ILE A 385 28.72 33.81 -8.73
CA ILE A 385 28.10 34.44 -9.88
C ILE A 385 28.02 35.93 -9.62
N HIS A 386 27.64 36.29 -8.41
CA HIS A 386 27.61 37.70 -8.06
C HIS A 386 28.95 38.36 -7.75
N ASP A 387 30.00 37.56 -7.64
CA ASP A 387 31.38 38.04 -7.76
C ASP A 387 31.86 38.15 -9.19
N GLY A 388 30.99 37.84 -10.14
CA GLY A 388 31.33 38.04 -11.54
C GLY A 388 32.02 36.86 -12.19
N LEU A 389 32.02 35.72 -11.51
CA LEU A 389 32.63 34.52 -12.05
C LEU A 389 31.64 33.80 -12.95
N HIS A 390 32.17 33.21 -14.02
CA HIS A 390 31.35 32.61 -15.06
C HIS A 390 30.93 31.19 -14.74
N VAL A 391 30.15 31.05 -13.68
CA VAL A 391 29.64 29.74 -13.25
C VAL A 391 28.26 29.54 -13.88
N LYS A 392 28.14 28.49 -14.69
CA LYS A 392 27.18 28.47 -15.77
C LYS A 392 26.03 27.54 -15.46
N GLY A 393 26.27 26.61 -14.56
CA GLY A 393 25.24 25.71 -14.12
C GLY A 393 25.69 24.80 -12.99
N TYR A 394 24.78 23.91 -12.60
CA TYR A 394 24.92 23.10 -11.41
C TYR A 394 24.19 21.80 -11.69
N MET A 395 24.89 20.68 -11.49
CA MET A 395 24.30 19.37 -11.61
C MET A 395 24.36 18.68 -10.26
N ALA A 396 23.21 18.31 -9.74
CA ALA A 396 23.14 17.60 -8.47
C ALA A 396 23.63 16.15 -8.64
N TRP A 397 24.61 15.76 -7.83
CA TRP A 397 25.03 14.38 -7.80
C TRP A 397 24.51 13.75 -6.07
N SER A 398 23.57 13.27 -7.99
CA SER A 398 22.91 12.20 -8.15
C SER A 398 21.40 12.11 -8.36
N LEU A 399 21.01 11.82 -9.60
CA LEU A 399 19.60 11.68 -9.92
C LEU A 399 19.06 10.56 -9.07
N LEU A 400 19.86 9.52 -8.91
CA LEU A 400 19.38 8.25 -8.45
C LEU A 400 20.34 7.77 -7.40
N ASP A 401 19.85 7.13 -6.35
CA ASP A 401 20.73 6.27 -5.54
C ASP A 401 21.34 5.25 -6.47
N ASN A 402 22.64 5.03 -6.35
CA ASN A 402 23.32 4.16 -7.28
C ASN A 402 24.53 3.43 -6.69
N PHE A 403 25.34 2.84 -7.56
CA PHE A 403 26.52 2.09 -7.18
C PHE A 403 27.67 3.06 -6.88
N GLU A 404 27.91 3.32 -5.60
CA GLU A 404 28.92 4.30 -5.20
C GLU A 404 30.32 3.69 -5.12
N TRP A 405 30.76 3.14 -6.25
CA TRP A 405 32.12 2.64 -6.42
C TRP A 405 32.53 1.68 -5.31
N ALA A 406 33.62 1.96 -4.56
CA ALA A 406 34.07 1.02 -3.53
C ALA A 406 33.14 0.90 -2.31
N GLU A 407 32.17 1.80 -2.19
CA GLU A 407 31.14 1.74 -1.16
C GLU A 407 30.00 0.76 -1.49
N GLY A 408 29.87 0.44 -2.78
CA GLY A 408 28.69 -0.24 -3.27
C GLY A 408 27.45 0.61 -3.15
N TYR A 409 26.33 -0.05 -2.86
CA TYR A 409 25.01 0.57 -2.81
C TYR A 409 24.67 1.14 -1.43
N ASN A 410 25.61 0.99 -0.51
CA ASN A 410 25.45 1.40 0.89
C ASN A 410 25.31 2.91 1.06
N MET A 411 26.01 3.65 0.20
CA MET A 411 26.06 5.08 0.32
C MET A 411 25.18 5.73 -0.74
N ARG A 412 24.07 6.33 -0.28
CA ARG A 412 23.06 6.94 -1.15
C ARG A 412 23.26 8.42 -1.39
N PHE A 413 23.34 8.79 -2.66
CA PHE A 413 23.53 10.17 -3.09
C PHE A 413 22.35 10.74 -3.85
N GLY A 414 21.32 9.94 -4.05
CA GLY A 414 20.31 10.29 -5.01
C GLY A 414 19.26 11.26 -4.49
N MET A 415 18.70 12.05 -5.40
CA MET A 415 17.49 12.77 -5.05
C MET A 415 16.27 11.90 -5.29
N ILE A 416 16.47 10.78 -5.97
CA ILE A 416 15.44 9.77 -6.09
C ILE A 416 15.95 8.49 -5.49
N HIS A 417 15.22 8.04 -4.48
CA HIS A 417 15.46 6.75 -3.85
C HIS A 417 15.19 5.63 -4.86
N VAL A 418 16.09 4.64 -4.87
CA VAL A 418 15.90 3.41 -5.61
C VAL A 418 15.97 2.24 -4.62
N ASP A 419 14.91 1.45 -4.55
CA ASP A 419 14.97 0.20 -3.83
C ASP A 419 15.59 -0.81 -4.78
N PHE A 420 16.85 -1.16 -4.55
CA PHE A 420 17.55 -2.10 -5.42
C PHE A 420 16.95 -3.52 -5.35
N ARG A 421 16.07 -3.77 -4.38
CA ARG A 421 15.30 -5.01 -4.35
C ARG A 421 14.27 -5.03 -5.48
N THR A 422 13.63 -3.89 -5.72
CA THR A 422 12.43 -3.82 -6.56
C THR A 422 12.70 -3.01 -7.81
N GLN A 423 13.78 -2.22 -7.78
CA GLN A 423 14.03 -1.13 -8.72
C GLN A 423 13.04 0.02 -8.68
N VAL A 424 12.15 0.02 -7.69
CA VAL A 424 11.20 1.10 -7.52
C VAL A 424 11.87 2.45 -7.20
N ARG A 425 11.40 3.48 -7.89
CA ARG A 425 11.91 4.84 -7.73
C ARG A 425 10.97 5.60 -6.80
N THR A 426 11.53 6.23 -5.76
CA THR A 426 10.76 7.15 -4.90
C THR A 426 11.52 8.47 -4.78
N PRO A 427 11.05 9.49 -5.52
CA PRO A 427 11.63 10.84 -5.42
C PRO A 427 11.62 11.31 -3.97
N LYS A 428 12.80 11.70 -3.49
CA LYS A 428 13.00 12.11 -2.10
C LYS A 428 12.45 13.53 -1.86
N GLU A 429 12.37 13.95 -0.60
CA GLU A 429 11.90 15.29 -0.32
C GLU A 429 12.80 16.39 -0.91
N SER A 430 14.06 16.05 -1.13
CA SER A 430 15.01 16.95 -1.79
C SER A 430 14.69 17.20 -3.27
N TYR A 431 14.11 16.18 -3.90
CA TYR A 431 13.67 16.22 -5.27
C TYR A 431 12.64 17.36 -5.45
N TYR A 432 11.64 17.37 -4.59
CA TYR A 432 10.58 18.34 -4.68
C TYR A 432 11.03 19.74 -4.30
N TRP A 433 12.03 19.78 -3.42
CA TRP A 433 12.70 21.01 -3.04
C TRP A 433 13.50 21.53 -4.23
N TYR A 434 14.26 20.64 -4.85
CA TYR A 434 15.06 21.03 -6.00
C TYR A 434 14.17 21.45 -7.18
N ARG A 435 13.06 20.73 -7.38
CA ARG A 435 12.07 21.04 -8.42
C ARG A 435 11.66 22.51 -8.34
N ASN A 436 11.35 22.96 -7.12
CA ASN A 436 11.02 24.35 -6.83
C ASN A 436 12.13 25.34 -7.16
N VAL A 437 13.35 25.01 -6.74
CA VAL A 437 14.49 25.88 -6.98
C VAL A 437 14.76 26.03 -8.48
N VAL A 438 14.84 24.91 -9.20
CA VAL A 438 15.20 24.95 -10.62
C VAL A 438 14.08 25.50 -11.48
N SER A 439 12.84 25.35 -11.03
CA SER A 439 11.70 25.92 -11.74
C SER A 439 11.50 27.41 -11.47
N ASN A 440 11.61 27.83 -10.22
CA ASN A 440 11.56 29.28 -9.92
C ASN A 440 12.85 29.98 -10.35
N ASN A 441 13.95 29.25 -10.34
CA ASN A 441 15.25 29.82 -10.69
C ASN A 441 15.71 30.87 -9.65
N TRP A 442 15.17 30.77 -8.45
CA TRP A 442 15.75 31.42 -7.27
C TRP A 442 15.59 30.54 -6.05
N LEU A 443 16.54 30.70 -5.13
CA LEU A 443 16.58 29.98 -3.86
C LEU A 443 16.26 30.96 -2.70
N GLU A 444 15.60 30.46 -1.66
CA GLU A 444 15.40 31.22 -0.43
C GLU A 444 15.84 30.45 0.81
N THR A 445 16.75 31.03 1.58
CA THR A 445 17.04 30.52 2.91
C THR A 445 16.11 31.21 3.96
N ARG A 446 15.52 30.41 4.82
CA ARG A 446 14.62 30.90 5.87
C ARG A 446 15.03 30.21 7.16
N ARG A 447 14.64 30.80 8.30
CA ARG A 447 14.65 30.08 9.58
C ARG A 447 13.28 29.46 9.89
N THR B 1 36.08 -12.40 7.26
CA THR B 1 36.78 -13.49 6.51
C THR B 1 36.02 -13.75 5.20
N ILE B 2 36.77 -13.85 4.11
CA ILE B 2 36.20 -14.16 2.80
C ILE B 2 36.36 -15.63 2.47
N PHE B 3 35.25 -16.27 2.19
CA PHE B 3 35.23 -17.69 1.84
C PHE B 3 34.82 -17.81 0.37
N GLN B 4 35.81 -18.05 -0.47
CA GLN B 4 35.60 -18.27 -1.90
C GLN B 4 35.20 -19.72 -2.17
N PHE B 5 34.07 -19.92 -2.84
CA PHE B 5 33.62 -21.27 -3.19
C PHE B 5 34.12 -21.71 -4.57
N PRO B 6 34.09 -23.04 -4.82
CA PRO B 6 34.56 -23.54 -6.13
C PRO B 6 33.70 -23.05 -7.28
N GLN B 7 34.36 -22.86 -8.42
CA GLN B 7 33.79 -22.32 -9.65
C GLN B 7 32.49 -23.01 -10.02
N ASP B 8 32.49 -24.32 -9.85
CA ASP B 8 31.35 -25.08 -10.29
C ASP B 8 30.48 -25.56 -9.14
N PHE B 9 30.55 -24.83 -8.03
CA PHE B 9 29.71 -25.12 -6.87
C PHE B 9 28.24 -24.90 -7.20
N MET B 10 27.39 -25.81 -6.75
CA MET B 10 25.98 -25.77 -7.13
C MET B 10 25.11 -25.20 -6.01
N TRP B 11 24.64 -23.96 -6.18
CA TRP B 11 23.73 -23.30 -5.24
C TRP B 11 22.25 -23.56 -5.57
N GLY B 12 21.44 -23.83 -4.54
CA GLY B 12 20.05 -24.08 -4.76
C GLY B 12 19.12 -23.71 -3.61
N THR B 13 17.84 -24.06 -3.80
CA THR B 13 16.85 -24.07 -2.73
C THR B 13 16.09 -25.37 -2.92
N ALA B 14 15.29 -25.74 -1.92
CA ALA B 14 14.58 -27.01 -1.96
C ALA B 14 13.14 -26.83 -1.50
N THR B 15 12.23 -27.62 -2.09
CA THR B 15 10.86 -27.80 -1.61
C THR B 15 10.51 -29.29 -1.65
N ALA B 16 9.34 -29.62 -1.13
CA ALA B 16 8.70 -30.93 -1.37
C ALA B 16 7.27 -30.67 -1.84
N ALA B 17 6.72 -31.68 -2.51
CA ALA B 17 5.46 -31.57 -3.23
C ALA B 17 4.30 -31.23 -2.31
N TYR B 18 4.10 -32.05 -1.27
CA TYR B 18 2.93 -31.91 -0.40
C TYR B 18 3.00 -30.64 0.45
N GLN B 19 4.22 -30.10 0.63
CA GLN B 19 4.42 -28.90 1.43
C GLN B 19 4.05 -27.61 0.71
N ILE B 20 4.24 -27.60 -0.61
CA ILE B 20 4.04 -26.40 -1.43
C ILE B 20 2.87 -26.44 -2.47
N GLU B 21 2.55 -27.61 -3.02
CA GLU B 21 1.66 -27.69 -4.19
C GLU B 21 0.21 -27.45 -3.78
N GLY B 22 -0.46 -26.58 -4.52
CA GLY B 22 -1.70 -26.08 -3.94
C GLY B 22 -3.05 -26.67 -4.36
N ALA B 23 -3.14 -28.00 -4.53
CA ALA B 23 -4.24 -28.54 -5.32
C ALA B 23 -4.42 -30.05 -5.17
N TYR B 24 -4.79 -30.47 -3.97
CA TYR B 24 -4.65 -31.88 -3.57
C TYR B 24 -5.69 -32.81 -4.23
N GLN B 25 -6.77 -32.22 -4.71
CA GLN B 25 -7.80 -32.98 -5.38
C GLN B 25 -7.82 -32.76 -6.89
N GLU B 26 -6.89 -31.96 -7.38
CA GLU B 26 -6.96 -31.44 -8.74
C GLU B 26 -6.35 -32.44 -9.73
N ASP B 27 -6.95 -32.49 -10.91
CA ASP B 27 -6.43 -33.29 -12.04
C ASP B 27 -6.25 -34.74 -11.70
N GLY B 28 -7.17 -35.26 -10.88
CA GLY B 28 -7.17 -36.67 -10.55
C GLY B 28 -6.07 -37.13 -9.60
N ARG B 29 -5.46 -36.20 -8.88
CA ARG B 29 -4.53 -36.55 -7.82
C ARG B 29 -5.24 -37.46 -6.82
N GLY B 30 -4.62 -38.60 -6.54
CA GLY B 30 -5.06 -39.43 -5.45
C GLY B 30 -4.57 -38.90 -4.12
N LEU B 31 -5.16 -39.41 -3.03
CA LEU B 31 -4.76 -39.07 -1.68
C LEU B 31 -3.47 -39.76 -1.26
N SER B 32 -2.55 -39.01 -0.66
CA SER B 32 -1.41 -39.60 0.05
C SER B 32 -1.72 -39.87 1.52
N ILE B 33 -0.86 -40.67 2.14
CA ILE B 33 -0.91 -40.93 3.58
C ILE B 33 -0.81 -39.65 4.43
N TRP B 34 -0.28 -38.58 3.84
CA TRP B 34 -0.17 -37.29 4.49
C TRP B 34 -1.41 -36.42 4.38
N ASP B 35 -2.23 -36.67 3.35
CA ASP B 35 -3.55 -36.01 3.27
C ASP B 35 -4.35 -36.62 4.38
N THR B 36 -4.35 -37.94 4.41
CA THR B 36 -5.00 -38.72 5.46
C THR B 36 -4.58 -38.33 6.88
N PHE B 37 -3.27 -38.25 7.10
CA PHE B 37 -2.72 -37.86 8.39
C PHE B 37 -3.15 -36.44 8.78
N ALA B 38 -2.89 -35.48 7.88
CA ALA B 38 -3.27 -34.10 8.11
C ALA B 38 -4.78 -33.90 8.29
N HIS B 39 -5.59 -34.81 7.76
CA HIS B 39 -7.04 -34.70 7.88
C HIS B 39 -7.59 -35.39 9.14
N THR B 40 -6.71 -36.00 9.92
CA THR B 40 -7.08 -36.61 11.20
C THR B 40 -6.88 -35.63 12.38
N PRO B 41 -7.92 -35.41 13.20
CA PRO B 41 -7.81 -34.50 14.36
C PRO B 41 -6.68 -34.91 15.30
N GLY B 42 -5.85 -33.93 15.70
CA GLY B 42 -4.75 -34.23 16.60
C GLY B 42 -3.38 -34.58 16.02
N LYS B 43 -3.30 -34.83 14.71
CA LYS B 43 -2.04 -35.23 14.08
C LYS B 43 -1.16 -34.06 13.73
N VAL B 44 -1.76 -32.99 13.27
CA VAL B 44 -1.02 -31.80 12.82
C VAL B 44 -1.51 -30.56 13.56
N PHE B 45 -0.57 -29.67 13.89
CA PHE B 45 -0.88 -28.52 14.68
C PHE B 45 -1.95 -27.67 14.01
N ASN B 46 -3.01 -27.43 14.77
CA ASN B 46 -4.09 -26.55 14.37
C ASN B 46 -4.99 -27.16 13.28
N GLY B 47 -4.73 -28.42 12.95
CA GLY B 47 -5.48 -29.08 11.90
C GLY B 47 -5.13 -28.54 10.53
N ASP B 48 -3.96 -27.91 10.43
CA ASP B 48 -3.42 -27.51 9.14
C ASP B 48 -3.23 -28.75 8.25
N ASN B 49 -3.33 -28.55 6.93
CA ASN B 49 -3.02 -29.60 5.96
C ASN B 49 -2.47 -28.97 4.68
N GLY B 50 -2.07 -29.80 3.74
CA GLY B 50 -1.55 -29.28 2.50
C GLY B 50 -2.58 -29.20 1.38
N ASN B 51 -3.86 -29.08 1.71
CA ASN B 51 -4.89 -28.91 0.69
C ASN B 51 -4.54 -27.78 -0.28
N VAL B 52 -4.14 -26.63 0.26
CA VAL B 52 -3.80 -25.45 -0.55
C VAL B 52 -2.31 -25.07 -0.47
N ALA B 53 -1.70 -25.29 0.71
CA ALA B 53 -0.29 -24.98 0.93
C ALA B 53 0.13 -23.63 0.28
N CYS B 54 1.12 -23.65 -0.62
CA CYS B 54 1.54 -22.44 -1.31
C CYS B 54 0.89 -22.25 -2.69
N ASP B 55 0.00 -23.18 -3.03
CA ASP B 55 -0.65 -23.20 -4.34
C ASP B 55 0.41 -23.20 -5.46
N SER B 56 1.47 -23.94 -5.24
CA SER B 56 2.53 -23.99 -6.20
C SER B 56 2.18 -24.85 -7.42
N TYR B 57 1.06 -25.58 -7.31
CA TYR B 57 0.46 -26.25 -8.45
C TYR B 57 0.07 -25.23 -9.51
N HIS B 58 -0.30 -24.02 -9.04
CA HIS B 58 -0.73 -22.94 -9.92
C HIS B 58 0.27 -21.78 -10.04
N ARG B 59 1.12 -21.58 -9.04
CA ARG B 59 1.94 -20.35 -8.96
C ARG B 59 3.42 -20.61 -9.18
N TYR B 60 3.72 -21.74 -9.81
CA TYR B 60 5.09 -22.20 -9.99
C TYR B 60 5.87 -21.29 -10.90
N GLU B 61 5.17 -20.58 -11.80
CA GLU B 61 5.89 -19.73 -12.75
C GLU B 61 6.50 -18.52 -12.06
N GLU B 62 5.74 -17.96 -11.13
CA GLU B 62 6.19 -16.82 -10.32
C GLU B 62 7.34 -17.25 -9.38
N ASP B 63 7.23 -18.44 -8.81
CA ASP B 63 8.30 -18.99 -7.98
C ASP B 63 9.58 -19.21 -8.77
N ILE B 64 9.44 -19.76 -9.98
CA ILE B 64 10.60 -19.93 -10.86
C ILE B 64 11.18 -18.58 -11.31
N ARG B 65 10.33 -17.56 -11.45
CA ARG B 65 10.82 -16.22 -11.74
C ARG B 65 11.63 -15.63 -10.57
N LEU B 66 11.12 -15.86 -9.36
CA LEU B 66 11.79 -15.49 -8.13
C LEU B 66 13.11 -16.25 -7.93
N MET B 67 13.11 -17.55 -8.16
CA MET B 67 14.36 -18.27 -7.98
C MET B 67 15.37 -18.06 -9.12
N LYS B 68 14.89 -17.47 -10.20
CA LYS B 68 15.75 -17.02 -11.28
C LYS B 68 16.47 -15.71 -10.88
N GLU B 69 15.74 -14.78 -10.27
CA GLU B 69 16.34 -13.54 -9.75
C GLU B 69 17.34 -13.81 -8.62
N LEU B 70 17.11 -14.88 -7.87
CA LEU B 70 18.04 -15.34 -6.85
C LEU B 70 19.45 -15.60 -7.40
N GLY B 71 19.57 -16.01 -8.66
CA GLY B 71 20.89 -16.30 -9.23
C GLY B 71 21.35 -17.72 -8.94
N ILE B 72 20.36 -18.56 -8.65
CA ILE B 72 20.51 -19.96 -8.25
C ILE B 72 20.76 -20.88 -9.47
N ARG B 73 21.43 -22.02 -9.26
CA ARG B 73 21.71 -22.96 -10.36
C ARG B 73 20.91 -24.28 -10.39
N THR B 74 20.43 -24.74 -9.24
CA THR B 74 19.54 -25.89 -9.15
C THR B 74 18.28 -25.52 -8.38
N TYR B 75 17.32 -26.43 -8.46
CA TYR B 75 16.14 -26.38 -7.65
C TYR B 75 15.81 -27.81 -7.30
N ARG B 76 15.81 -28.12 -5.99
CA ARG B 76 15.34 -29.42 -5.54
C ARG B 76 13.85 -29.38 -5.24
N PHE B 77 13.12 -30.30 -5.86
CA PHE B 77 11.68 -30.42 -5.65
C PHE B 77 11.41 -31.93 -5.58
N SER B 78 10.26 -32.28 -5.02
CA SER B 78 9.80 -33.65 -5.08
C SER B 78 8.61 -33.83 -6.06
N VAL B 79 8.40 -35.06 -6.49
CA VAL B 79 7.26 -35.42 -7.32
C VAL B 79 6.15 -36.02 -6.46
N SER B 80 4.93 -35.50 -6.57
CA SER B 80 3.78 -36.16 -5.95
C SER B 80 3.46 -37.50 -6.64
N TRP B 81 3.87 -38.60 -6.01
CA TRP B 81 3.51 -39.93 -6.44
C TRP B 81 2.02 -40.08 -6.84
N PRO B 82 1.07 -39.77 -5.92
CA PRO B 82 -0.35 -40.00 -6.24
C PRO B 82 -0.94 -39.04 -7.29
N ARG B 83 -0.10 -38.17 -7.86
CA ARG B 83 -0.49 -37.39 -9.02
C ARG B 83 -0.22 -38.22 -10.28
N ILE B 84 0.80 -39.07 -10.20
CA ILE B 84 1.29 -39.83 -11.34
C ILE B 84 0.58 -41.17 -11.36
N PHE B 85 0.56 -41.82 -10.21
CA PHE B 85 -0.23 -43.03 -10.05
C PHE B 85 -1.19 -42.82 -8.89
N PRO B 86 -2.36 -42.25 -9.19
CA PRO B 86 -3.39 -41.90 -8.20
C PRO B 86 -3.82 -43.04 -7.28
N ASN B 87 -3.51 -44.27 -7.66
CA ASN B 87 -3.65 -45.38 -6.74
C ASN B 87 -2.30 -45.97 -6.21
N GLY B 88 -1.20 -45.60 -6.88
CA GLY B 88 0.08 -46.15 -6.52
C GLY B 88 0.54 -47.24 -7.46
N ASP B 89 -0.45 -47.98 -7.97
CA ASP B 89 -0.23 -49.15 -8.80
C ASP B 89 -0.61 -48.96 -10.27
N GLY B 90 -1.77 -48.35 -10.51
CA GLY B 90 -2.52 -48.59 -11.74
C GLY B 90 -2.00 -47.90 -12.98
N GLU B 91 -2.88 -47.13 -13.60
CA GLU B 91 -2.56 -46.49 -14.85
C GLU B 91 -2.02 -45.09 -14.58
N VAL B 92 -1.07 -44.65 -15.41
CA VAL B 92 -0.45 -43.34 -15.25
C VAL B 92 -1.48 -42.25 -15.48
N ASN B 93 -1.32 -41.15 -14.76
CA ASN B 93 -2.09 -39.95 -14.98
C ASN B 93 -1.23 -38.96 -15.76
N GLN B 94 -1.63 -38.71 -17.00
CA GLN B 94 -0.85 -37.84 -17.88
C GLN B 94 -0.90 -36.38 -17.41
N LYS B 95 -2.05 -36.08 -16.54
CA LYS B 95 -2.14 -34.68 -16.12
C LYS B 95 -1.08 -34.38 -15.04
N GLY B 96 -0.94 -35.43 -14.33
CA GLY B 96 0.13 -35.33 -13.34
C GLY B 96 1.51 -35.05 -13.94
N LEU B 97 1.83 -35.92 -14.95
CA LEU B 97 3.09 -35.79 -15.68
C LEU B 97 3.25 -34.42 -16.31
N ASP B 98 2.16 -33.90 -16.84
CA ASP B 98 2.20 -32.66 -17.61
C ASP B 98 2.61 -31.49 -16.73
N TYR B 99 2.11 -31.50 -15.49
CA TYR B 99 2.44 -30.47 -14.51
C TYR B 99 3.96 -30.39 -14.30
N TYR B 100 4.58 -31.53 -14.05
CA TYR B 100 6.01 -31.58 -13.82
C TYR B 100 6.79 -31.29 -15.10
N HIS B 101 6.20 -31.59 -16.26
CA HIS B 101 6.76 -31.11 -17.53
C HIS B 101 6.72 -29.58 -17.64
N ARG B 102 5.63 -28.98 -17.18
CA ARG B 102 5.51 -27.52 -17.15
C ARG B 102 6.54 -26.88 -16.23
N VAL B 103 6.70 -27.45 -15.05
CA VAL B 103 7.73 -27.01 -14.08
C VAL B 103 9.17 -27.19 -14.62
N VAL B 104 9.52 -28.40 -15.02
CA VAL B 104 10.86 -28.72 -15.51
C VAL B 104 11.28 -27.92 -16.74
N ASP B 105 10.35 -27.72 -17.66
CA ASP B 105 10.66 -27.01 -18.91
C ASP B 105 10.99 -25.58 -18.61
N LEU B 106 10.19 -24.99 -17.74
CA LEU B 106 10.40 -23.67 -17.20
C LEU B 106 11.78 -23.53 -16.51
N LEU B 107 12.09 -24.47 -15.61
CA LEU B 107 13.38 -24.48 -14.92
C LEU B 107 14.51 -24.52 -15.94
N ASN B 108 14.43 -25.48 -16.86
CA ASN B 108 15.43 -25.67 -17.89
C ASN B 108 15.51 -24.48 -18.82
N ASP B 109 14.37 -23.87 -19.12
CA ASP B 109 14.36 -22.62 -19.87
C ASP B 109 15.13 -21.53 -19.15
N ASN B 110 15.11 -21.57 -17.83
CA ASN B 110 15.74 -20.50 -17.04
C ASN B 110 17.14 -20.85 -16.55
N GLY B 111 17.69 -21.96 -17.02
CA GLY B 111 19.06 -22.28 -16.70
C GLY B 111 19.23 -22.85 -15.30
N ILE B 112 18.12 -23.31 -14.72
CA ILE B 112 18.12 -23.91 -13.39
C ILE B 112 17.99 -25.43 -13.56
N GLU B 113 19.01 -26.15 -13.12
CA GLU B 113 19.00 -27.61 -13.16
C GLU B 113 18.02 -28.22 -12.13
N PRO B 114 16.99 -28.93 -12.60
CA PRO B 114 16.18 -29.76 -11.70
C PRO B 114 17.01 -30.79 -10.91
N PHE B 115 16.75 -30.82 -9.60
CA PHE B 115 17.27 -31.84 -8.71
C PHE B 115 16.03 -32.55 -8.15
N CYS B 116 15.75 -33.72 -8.70
CA CYS B 116 14.46 -34.36 -8.47
C CYS B 116 14.49 -35.41 -7.38
N THR B 117 13.60 -35.24 -6.39
CA THR B 117 13.36 -36.23 -5.35
C THR B 117 12.08 -36.99 -5.70
N LEU B 118 12.24 -38.28 -5.95
CA LEU B 118 11.13 -39.14 -6.31
C LEU B 118 10.21 -39.33 -5.13
N TYR B 119 10.77 -39.76 -4.01
CA TYR B 119 9.98 -39.96 -2.81
C TYR B 119 10.26 -38.97 -1.66
N HIS B 120 9.32 -38.04 -1.49
CA HIS B 120 9.29 -37.18 -0.34
C HIS B 120 7.97 -37.30 0.45
N TRP B 121 7.61 -38.54 0.78
CA TRP B 121 6.75 -38.89 1.91
C TRP B 121 5.28 -39.08 1.59
N ASP B 122 4.90 -38.73 0.37
CA ASP B 122 3.50 -38.85 -0.06
C ASP B 122 3.18 -40.20 -0.73
N LEU B 123 3.17 -41.25 0.08
CA LEU B 123 2.77 -42.56 -0.37
C LEU B 123 1.29 -42.50 -0.68
N PRO B 124 0.89 -43.03 -1.86
CA PRO B 124 -0.55 -43.20 -2.15
C PRO B 124 -1.25 -43.99 -1.04
N GLN B 125 -2.34 -43.43 -0.54
CA GLN B 125 -3.11 -44.02 0.55
C GLN B 125 -3.55 -45.44 0.19
N ALA B 126 -3.82 -45.67 -1.09
CA ALA B 126 -4.20 -46.99 -1.63
C ALA B 126 -3.19 -48.06 -1.25
N LEU B 127 -1.90 -47.74 -1.43
CA LEU B 127 -0.83 -48.64 -1.05
C LEU B 127 -0.70 -48.78 0.48
N GLN B 128 -1.02 -47.73 1.22
CA GLN B 128 -1.00 -47.80 2.66
C GLN B 128 -2.09 -48.73 3.15
N ASP B 129 -3.27 -48.64 2.53
CA ASP B 129 -4.34 -49.59 2.77
C ASP B 129 -3.89 -51.05 2.62
N ALA B 130 -2.94 -51.29 1.73
CA ALA B 130 -2.38 -52.64 1.56
C ALA B 130 -1.16 -52.89 2.46
N GLY B 131 -0.84 -51.94 3.32
CA GLY B 131 0.24 -52.10 4.27
C GLY B 131 1.44 -51.22 4.02
N GLY B 132 1.37 -50.42 2.96
CA GLY B 132 2.42 -49.46 2.65
C GLY B 132 3.78 -50.10 2.54
N TRP B 133 4.79 -49.42 3.08
CA TRP B 133 6.17 -49.87 2.96
C TRP B 133 6.46 -51.12 3.78
N GLY B 134 5.50 -51.48 4.64
CA GLY B 134 5.55 -52.77 5.33
C GLY B 134 5.30 -53.92 4.37
N ASN B 135 4.59 -53.66 3.27
CA ASN B 135 4.34 -54.64 2.20
C ASN B 135 5.40 -54.51 1.10
N ARG B 136 6.00 -55.63 0.72
CA ARG B 136 6.97 -55.64 -0.37
C ARG B 136 6.36 -55.31 -1.75
N ARG B 137 5.04 -55.43 -1.88
CA ARG B 137 4.38 -55.05 -3.13
C ARG B 137 4.63 -53.57 -3.43
N THR B 138 4.73 -52.77 -2.38
CA THR B 138 5.02 -51.36 -2.49
C THR B 138 6.38 -51.08 -3.13
N ILE B 139 7.32 -52.00 -2.94
CA ILE B 139 8.62 -51.89 -3.58
C ILE B 139 8.44 -51.86 -5.11
N GLN B 140 7.56 -52.73 -5.62
CA GLN B 140 7.28 -52.83 -7.05
C GLN B 140 6.52 -51.60 -7.59
N ALA B 141 5.49 -51.19 -6.87
CA ALA B 141 4.79 -49.95 -7.14
C ALA B 141 5.77 -48.77 -7.23
N PHE B 142 6.77 -48.76 -6.34
CA PHE B 142 7.76 -47.70 -6.39
C PHE B 142 8.66 -47.75 -7.61
N VAL B 143 9.20 -48.93 -7.92
CA VAL B 143 10.07 -49.09 -9.10
C VAL B 143 9.37 -48.67 -10.41
N GLN B 144 8.08 -49.01 -10.51
CA GLN B 144 7.22 -48.56 -11.60
C GLN B 144 7.14 -47.03 -11.68
N PHE B 145 6.74 -46.39 -10.59
CA PHE B 145 6.79 -44.93 -10.43
C PHE B 145 8.14 -44.33 -10.88
N ALA B 146 9.23 -44.88 -10.34
CA ALA B 146 10.59 -44.46 -10.70
C ALA B 146 10.89 -44.56 -12.21
N GLU B 147 10.63 -45.74 -12.78
CA GLU B 147 10.73 -45.96 -14.24
C GLU B 147 9.98 -44.91 -15.04
N THR B 148 8.71 -44.74 -14.73
CA THR B 148 7.86 -43.78 -15.40
C THR B 148 8.49 -42.40 -15.43
N MET B 149 9.13 -42.00 -14.33
CA MET B 149 9.74 -40.67 -14.24
C MET B 149 11.06 -40.62 -14.96
N PHE B 150 11.81 -41.71 -14.86
CA PHE B 150 13.07 -41.83 -15.60
C PHE B 150 12.88 -41.73 -17.11
N ARG B 151 11.84 -42.39 -17.61
CA ARG B 151 11.55 -42.38 -19.03
C ARG B 151 10.93 -41.08 -19.50
N GLU B 152 9.95 -40.58 -18.76
CA GLU B 152 9.30 -39.32 -19.10
C GLU B 152 10.26 -38.14 -19.11
N PHE B 153 11.21 -38.15 -18.18
CA PHE B 153 12.02 -36.96 -17.94
C PHE B 153 13.47 -37.13 -18.30
N HIS B 154 13.68 -38.12 -19.17
CA HIS B 154 15.02 -38.57 -19.51
C HIS B 154 16.02 -37.44 -19.67
N GLY B 155 15.93 -36.66 -20.73
CA GLY B 155 17.00 -35.69 -20.94
C GLY B 155 16.84 -34.38 -20.17
N LYS B 156 15.78 -34.27 -19.35
CA LYS B 156 15.41 -32.99 -18.78
C LYS B 156 15.94 -32.82 -17.35
N ILE B 157 16.11 -33.94 -16.65
CA ILE B 157 16.57 -33.96 -15.27
C ILE B 157 17.86 -34.74 -15.22
N GLN B 158 18.88 -34.13 -14.63
CA GLN B 158 20.22 -34.71 -14.55
C GLN B 158 20.61 -35.13 -13.13
N HIS B 159 19.75 -34.85 -12.17
CA HIS B 159 20.04 -35.08 -10.74
C HIS B 159 18.81 -35.66 -10.08
N TRP B 160 18.97 -36.84 -9.51
CA TRP B 160 17.86 -37.62 -8.99
C TRP B 160 18.18 -38.13 -7.59
N LEU B 161 17.20 -38.07 -6.70
CA LEU B 161 17.27 -38.77 -5.43
C LEU B 161 16.10 -39.72 -5.35
N THR B 162 16.36 -40.95 -4.94
CA THR B 162 15.29 -41.88 -4.63
C THR B 162 14.45 -41.43 -3.42
N PHE B 163 15.07 -41.36 -2.24
CA PHE B 163 14.32 -41.11 -1.01
C PHE B 163 14.88 -39.92 -0.23
N ASN B 164 13.97 -39.09 0.26
CA ASN B 164 14.33 -38.05 1.20
C ASN B 164 14.12 -38.56 2.63
N GLU B 165 15.21 -38.63 3.39
CA GLU B 165 15.15 -38.80 4.84
C GLU B 165 14.50 -40.09 5.29
N PRO B 166 15.14 -41.23 4.97
CA PRO B 166 14.70 -42.59 5.33
C PRO B 166 14.43 -42.79 6.82
N TRP B 167 15.16 -42.06 7.66
CA TRP B 167 15.01 -42.14 9.11
C TRP B 167 13.63 -41.69 9.50
N CYS B 168 13.18 -40.61 8.88
CA CYS B 168 11.84 -40.08 9.13
C CYS B 168 10.77 -41.01 8.60
N ILE B 169 10.93 -41.42 7.34
CA ILE B 169 9.96 -42.29 6.68
C ILE B 169 9.70 -43.55 7.53
N ALA B 170 10.78 -44.13 8.05
CA ALA B 170 10.71 -45.38 8.84
C ALA B 170 10.45 -45.17 10.34
N PHE B 171 11.38 -44.50 11.02
CA PHE B 171 11.33 -44.43 12.48
C PHE B 171 10.41 -43.34 13.05
N LEU B 172 10.55 -42.10 12.58
CA LEU B 172 9.67 -41.03 12.98
C LEU B 172 8.20 -41.33 12.64
N SER B 173 7.99 -42.01 11.51
CA SER B 173 6.63 -42.27 11.00
C SER B 173 5.98 -43.55 11.54
N ASN B 174 6.79 -44.56 11.82
CA ASN B 174 6.27 -45.88 12.15
C ASN B 174 6.63 -46.38 13.56
N MET B 175 7.60 -45.71 14.20
CA MET B 175 8.02 -46.07 15.56
C MET B 175 7.53 -44.99 16.53
N LEU B 176 7.65 -43.73 16.11
CA LEU B 176 7.31 -42.59 16.94
C LEU B 176 5.94 -42.01 16.63
N GLY B 177 5.34 -42.46 15.53
CA GLY B 177 3.98 -42.03 15.18
C GLY B 177 3.80 -40.54 14.93
N VAL B 178 4.89 -39.80 14.76
CA VAL B 178 4.83 -38.33 14.65
C VAL B 178 4.45 -37.90 13.22
N HIS B 179 4.91 -38.69 12.26
CA HIS B 179 4.65 -38.43 10.84
C HIS B 179 3.78 -39.53 10.26
N ALA B 180 3.11 -39.23 9.15
CA ALA B 180 2.31 -40.25 8.44
C ALA B 180 3.19 -41.45 8.03
N PRO B 181 2.71 -42.69 8.27
CA PRO B 181 1.32 -43.03 8.66
C PRO B 181 0.98 -43.02 10.16
N GLY B 182 1.94 -42.68 11.01
CA GLY B 182 1.64 -42.45 12.42
C GLY B 182 1.59 -43.71 13.26
N LEU B 183 2.45 -44.66 12.94
CA LEU B 183 2.47 -45.93 13.67
C LEU B 183 3.57 -45.87 14.74
N THR B 184 3.49 -46.79 15.70
CA THR B 184 4.43 -46.85 16.81
C THR B 184 4.80 -48.30 17.12
N ASN B 185 5.62 -48.88 16.27
CA ASN B 185 5.91 -50.29 16.30
C ASN B 185 7.25 -50.43 15.62
N LEU B 186 8.25 -50.82 16.41
CA LEU B 186 9.63 -50.90 15.99
C LEU B 186 9.79 -51.79 14.76
N GLN B 187 9.18 -52.97 14.83
CA GLN B 187 9.28 -53.97 13.78
C GLN B 187 8.77 -53.40 12.46
N THR B 188 7.63 -52.71 12.49
CA THR B 188 7.08 -52.03 11.31
C THR B 188 8.06 -50.98 10.77
N ALA B 189 8.64 -50.19 11.67
CA ALA B 189 9.61 -49.18 11.31
C ALA B 189 10.83 -49.77 10.63
N ILE B 190 11.30 -50.91 11.15
CA ILE B 190 12.43 -51.66 10.56
C ILE B 190 12.05 -52.30 9.21
N ASP B 191 10.83 -52.81 9.10
CA ASP B 191 10.30 -53.28 7.81
C ASP B 191 10.32 -52.18 6.76
N VAL B 192 9.75 -51.05 7.11
CA VAL B 192 9.68 -49.91 6.23
C VAL B 192 11.07 -49.47 5.78
N GLY B 193 12.01 -49.41 6.71
CA GLY B 193 13.36 -49.01 6.36
C GLY B 193 14.02 -49.99 5.41
N HIS B 194 13.78 -51.28 5.63
CA HIS B 194 14.41 -52.32 4.81
C HIS B 194 13.84 -52.28 3.40
N HIS B 195 12.52 -52.15 3.31
CA HIS B 195 11.83 -52.14 2.02
C HIS B 195 12.08 -50.91 1.16
N LEU B 196 12.17 -49.74 1.77
CA LEU B 196 12.56 -48.55 1.02
C LEU B 196 14.01 -48.66 0.50
N LEU B 197 14.83 -49.43 1.19
CA LEU B 197 16.21 -49.62 0.77
C LEU B 197 16.31 -50.57 -0.44
N VAL B 198 15.48 -51.62 -0.43
CA VAL B 198 15.38 -52.52 -1.57
C VAL B 198 14.77 -51.76 -2.76
N ALA B 199 13.75 -50.97 -2.49
CA ALA B 199 13.12 -50.13 -3.52
C ALA B 199 14.12 -49.18 -4.11
N HIS B 200 14.96 -48.61 -3.25
CA HIS B 200 16.05 -47.72 -3.66
C HIS B 200 17.04 -48.41 -4.61
N GLY B 201 17.58 -49.55 -4.19
CA GLY B 201 18.58 -50.22 -5.01
C GLY B 201 18.04 -50.71 -6.35
N LEU B 202 16.79 -51.17 -6.34
CA LEU B 202 16.09 -51.59 -7.56
C LEU B 202 15.83 -50.43 -8.54
N SER B 203 15.50 -49.27 -8.00
CA SER B 203 15.35 -48.07 -8.81
C SER B 203 16.66 -47.56 -9.43
N VAL B 204 17.79 -47.71 -8.72
CA VAL B 204 19.07 -47.32 -9.28
C VAL B 204 19.43 -48.27 -10.43
N ARG B 205 19.18 -49.57 -10.26
CA ARG B 205 19.29 -50.55 -11.34
C ARG B 205 18.52 -50.10 -12.58
N ARG B 206 17.22 -49.86 -12.42
CA ARG B 206 16.40 -49.41 -13.54
C ARG B 206 17.00 -48.18 -14.22
N PHE B 207 17.42 -47.22 -13.41
CA PHE B 207 18.06 -46.00 -13.89
C PHE B 207 19.24 -46.34 -14.81
N ARG B 208 20.06 -47.30 -14.40
CA ARG B 208 21.25 -47.65 -15.16
C ARG B 208 20.88 -48.44 -16.43
N GLU B 209 19.86 -49.30 -16.31
CA GLU B 209 19.42 -50.17 -17.41
C GLU B 209 18.74 -49.36 -18.51
N LEU B 210 18.02 -48.32 -18.10
CA LEU B 210 17.31 -47.46 -19.04
C LEU B 210 18.23 -46.42 -19.65
N GLY B 211 19.47 -46.38 -19.16
CA GLY B 211 20.40 -45.37 -19.63
C GLY B 211 19.90 -43.95 -19.39
N THR B 212 19.17 -43.74 -18.31
CA THR B 212 18.71 -42.41 -17.97
C THR B 212 19.88 -41.44 -17.75
N SER B 213 19.64 -40.17 -18.03
CA SER B 213 20.66 -39.13 -17.98
C SER B 213 20.87 -38.65 -16.55
N GLY B 214 22.09 -38.21 -16.27
CA GLY B 214 22.42 -37.65 -14.98
C GLY B 214 22.94 -38.65 -13.96
N GLN B 215 22.68 -38.35 -12.70
CA GLN B 215 23.26 -39.08 -11.60
C GLN B 215 22.13 -39.28 -10.60
N ILE B 216 22.28 -40.30 -9.76
CA ILE B 216 21.21 -40.71 -8.87
C ILE B 216 21.81 -41.10 -7.52
N GLY B 217 21.19 -40.60 -6.46
CA GLY B 217 21.56 -40.98 -5.12
C GLY B 217 20.38 -41.01 -4.19
N ILE B 218 20.67 -40.98 -2.90
CA ILE B 218 19.64 -40.92 -1.85
C ILE B 218 20.00 -39.76 -0.87
N ALA B 219 19.01 -39.20 -0.20
CA ALA B 219 19.21 -38.02 0.66
C ALA B 219 18.75 -38.25 2.10
N PRO B 220 19.54 -38.98 2.92
CA PRO B 220 19.31 -39.07 4.37
C PRO B 220 19.36 -37.73 5.13
N ASN B 221 18.45 -37.57 6.09
CA ASN B 221 18.70 -36.60 7.16
C ASN B 221 19.78 -37.15 8.10
N VAL B 222 20.63 -36.24 8.53
CA VAL B 222 21.85 -36.60 9.20
C VAL B 222 21.79 -36.02 10.64
N SER B 223 21.95 -36.90 11.63
CA SER B 223 22.06 -36.47 13.02
C SER B 223 23.52 -36.46 13.52
N TRP B 224 23.80 -35.56 14.45
CA TRP B 224 25.12 -35.50 15.09
C TRP B 224 24.96 -35.25 16.59
N ALA B 225 25.44 -36.20 17.37
CA ALA B 225 25.35 -36.12 18.82
C ALA B 225 26.75 -36.33 19.38
N VAL B 226 27.05 -35.55 20.42
CA VAL B 226 28.36 -35.48 21.05
C VAL B 226 28.10 -35.76 22.57
N PRO B 227 28.91 -36.64 23.19
CA PRO B 227 28.57 -37.17 24.53
C PRO B 227 28.80 -36.16 25.67
N TYR B 228 27.87 -36.13 26.62
CA TYR B 228 27.91 -35.17 27.73
C TYR B 228 29.12 -35.46 28.63
N SER B 229 29.28 -36.72 29.00
CA SER B 229 30.48 -37.13 29.72
C SER B 229 31.39 -37.96 28.83
N THR B 230 32.49 -38.37 29.42
CA THR B 230 33.48 -39.14 28.73
C THR B 230 33.19 -40.65 28.84
N SER B 231 32.06 -41.01 29.45
CA SER B 231 31.74 -42.42 29.65
C SER B 231 31.49 -43.18 28.36
N GLU B 232 31.88 -44.45 28.35
CA GLU B 232 31.53 -45.36 27.26
C GLU B 232 30.01 -45.47 27.00
N GLU B 233 29.21 -45.38 28.04
CA GLU B 233 27.77 -45.46 27.86
C GLU B 233 27.18 -44.22 27.17
N ASP B 234 27.74 -43.04 27.46
CA ASP B 234 27.32 -41.82 26.80
C ASP B 234 27.78 -41.81 25.35
N LYS B 235 28.96 -42.36 25.14
CA LYS B 235 29.54 -42.55 23.82
C LYS B 235 28.66 -43.50 22.98
N ALA B 236 28.21 -44.59 23.62
CA ALA B 236 27.37 -45.59 22.97
C ALA B 236 26.01 -45.02 22.59
N ALA B 237 25.48 -44.15 23.45
CA ALA B 237 24.21 -43.50 23.22
C ALA B 237 24.27 -42.59 22.00
N CYS B 238 25.40 -41.92 21.84
CA CYS B 238 25.61 -41.00 20.72
C CYS B 238 25.84 -41.76 19.43
N ALA B 239 26.52 -42.90 19.53
CA ALA B 239 26.73 -43.79 18.38
C ALA B 239 25.38 -44.29 17.85
N ARG B 240 24.48 -44.67 18.75
CA ARG B 240 23.15 -45.10 18.35
C ARG B 240 22.35 -43.99 17.66
N THR B 241 22.40 -42.79 18.24
CA THR B 241 21.69 -41.63 17.73
C THR B 241 22.19 -41.25 16.33
N ILE B 242 23.51 -41.23 16.16
CA ILE B 242 24.10 -40.87 14.88
C ILE B 242 23.79 -41.94 13.84
N SER B 243 24.04 -43.20 14.22
CA SER B 243 24.07 -44.30 13.27
C SER B 243 22.70 -44.67 12.71
N LEU B 244 21.64 -44.42 13.46
CA LEU B 244 20.32 -44.81 12.97
C LEU B 244 19.82 -43.91 11.86
N HIS B 245 20.20 -42.63 11.94
CA HIS B 245 19.87 -41.65 10.93
C HIS B 245 20.63 -41.94 9.63
N SER B 246 21.94 -42.15 9.72
CA SER B 246 22.76 -42.24 8.52
C SER B 246 23.27 -43.66 8.22
N ASP B 247 24.07 -44.23 9.12
CA ASP B 247 24.72 -45.52 8.90
C ASP B 247 23.76 -46.68 8.64
N TRP B 248 22.60 -46.60 9.25
CA TRP B 248 21.63 -47.67 9.13
C TRP B 248 21.11 -47.82 7.71
N PHE B 249 21.13 -46.71 6.97
CA PHE B 249 20.79 -46.72 5.58
C PHE B 249 22.02 -46.74 4.69
N LEU B 250 23.10 -46.07 5.13
CA LEU B 250 24.28 -45.89 4.27
C LEU B 250 25.23 -47.07 4.27
N GLN B 251 25.22 -47.84 5.33
CA GLN B 251 26.12 -48.97 5.41
C GLN B 251 25.61 -50.16 4.57
N PRO B 252 24.28 -50.41 4.55
CA PRO B 252 23.76 -51.34 3.54
C PRO B 252 24.09 -50.92 2.10
N ILE B 253 23.89 -49.63 1.80
CA ILE B 253 24.22 -49.09 0.50
C ILE B 253 25.69 -49.23 0.15
N TYR B 254 26.55 -48.78 1.05
CA TYR B 254 27.99 -48.66 0.74
C TYR B 254 28.76 -49.90 1.14
N GLN B 255 28.31 -50.61 2.16
CA GLN B 255 29.11 -51.71 2.67
C GLN B 255 28.41 -53.05 2.75
N GLY B 256 27.16 -53.09 2.31
CA GLY B 256 26.46 -54.36 2.25
C GLY B 256 25.98 -54.95 3.55
N SER B 257 25.92 -54.16 4.61
CA SER B 257 25.40 -54.65 5.87
C SER B 257 24.82 -53.53 6.70
N TYR B 258 23.85 -53.89 7.54
CA TYR B 258 23.37 -53.01 8.59
C TYR B 258 24.39 -52.91 9.73
N PRO B 259 24.44 -51.76 10.42
CA PRO B 259 25.26 -51.61 11.65
C PRO B 259 24.93 -52.66 12.70
N GLN B 260 25.87 -53.57 12.93
CA GLN B 260 25.65 -54.71 13.79
C GLN B 260 25.19 -54.34 15.21
N PHE B 261 25.82 -53.32 15.80
CA PHE B 261 25.49 -52.88 17.15
C PHE B 261 24.04 -52.40 17.26
N LEU B 262 23.53 -51.83 16.17
CA LEU B 262 22.14 -51.45 16.12
C LEU B 262 21.25 -52.62 15.79
N VAL B 263 21.76 -53.56 15.00
CA VAL B 263 21.09 -54.85 14.76
C VAL B 263 20.87 -55.57 16.09
N ASP B 264 21.93 -55.61 16.88
CA ASP B 264 21.89 -56.26 18.20
C ASP B 264 20.98 -55.52 19.17
N TRP B 265 21.03 -54.19 19.12
CA TRP B 265 20.21 -53.35 19.95
C TRP B 265 18.74 -53.65 19.71
N PHE B 266 18.35 -53.72 18.45
CA PHE B 266 16.94 -53.95 18.12
C PHE B 266 16.53 -55.38 18.40
N ALA B 267 17.47 -56.30 18.26
CA ALA B 267 17.20 -57.70 18.58
C ALA B 267 16.84 -57.82 20.05
N GLU B 268 17.53 -57.02 20.87
CA GLU B 268 17.25 -56.93 22.29
C GLU B 268 15.81 -56.54 22.52
N GLN B 269 15.31 -55.65 21.67
CA GLN B 269 13.93 -55.19 21.76
C GLN B 269 12.98 -56.09 20.95
N GLY B 270 13.56 -57.14 20.36
CA GLY B 270 12.76 -58.20 19.77
C GLY B 270 12.36 -57.95 18.33
N ALA B 271 13.13 -57.11 17.66
CA ALA B 271 12.83 -56.76 16.28
C ALA B 271 13.99 -57.23 15.40
N THR B 272 13.65 -57.68 14.20
CA THR B 272 14.64 -58.21 13.26
C THR B 272 14.38 -57.64 11.87
N VAL B 273 15.46 -57.40 11.13
CA VAL B 273 15.31 -56.88 9.77
C VAL B 273 14.85 -58.01 8.84
N PRO B 274 13.77 -57.78 8.09
CA PRO B 274 13.17 -58.79 7.22
C PRO B 274 13.99 -59.03 5.93
N ILE B 275 15.26 -59.39 6.09
CA ILE B 275 16.18 -59.54 4.97
C ILE B 275 16.01 -60.87 4.22
N GLN B 276 15.60 -60.78 2.96
CA GLN B 276 15.51 -61.96 2.10
C GLN B 276 16.81 -62.12 1.37
N ASP B 277 17.07 -63.33 0.89
CA ASP B 277 18.27 -63.58 0.09
C ASP B 277 18.28 -62.68 -1.13
N GLY B 278 19.45 -62.09 -1.40
CA GLY B 278 19.62 -61.20 -2.53
C GLY B 278 19.40 -59.73 -2.20
N ASP B 279 18.72 -59.46 -1.09
CA ASP B 279 18.32 -58.10 -0.70
C ASP B 279 19.51 -57.17 -0.51
N MET B 280 20.50 -57.62 0.25
CA MET B 280 21.66 -56.79 0.56
C MET B 280 22.48 -56.50 -0.69
N ASP B 281 22.51 -57.44 -1.61
CA ASP B 281 23.14 -57.21 -2.90
C ASP B 281 22.45 -56.13 -3.74
N ILE B 282 21.12 -56.18 -3.77
CA ILE B 282 20.33 -55.16 -4.45
C ILE B 282 20.55 -53.77 -3.83
N ILE B 283 20.55 -53.71 -2.50
CA ILE B 283 20.73 -52.44 -1.78
C ILE B 283 22.12 -51.85 -1.98
N GLY B 284 23.10 -52.72 -2.24
CA GLY B 284 24.46 -52.26 -2.50
C GLY B 284 24.76 -51.72 -3.88
N GLU B 285 23.72 -51.51 -4.69
CA GLU B 285 23.81 -50.86 -6.00
C GLU B 285 24.59 -49.53 -5.95
N PRO B 286 25.65 -49.40 -6.77
CA PRO B 286 26.47 -48.18 -6.76
C PRO B 286 25.65 -46.92 -7.05
N ILE B 287 25.80 -45.90 -6.20
CA ILE B 287 25.13 -44.63 -6.42
C ILE B 287 26.14 -43.54 -6.70
N ASP B 288 25.69 -42.43 -7.28
CA ASP B 288 26.62 -41.43 -7.81
C ASP B 288 27.02 -40.38 -6.78
N MET B 289 26.13 -40.15 -5.82
CA MET B 289 26.33 -39.12 -4.81
C MET B 289 25.28 -39.38 -3.75
N ILE B 290 25.37 -38.65 -2.64
CA ILE B 290 24.24 -38.56 -1.69
C ILE B 290 23.95 -37.10 -1.43
N GLY B 291 22.70 -36.85 -1.07
CA GLY B 291 22.38 -35.60 -0.39
C GLY B 291 22.37 -35.82 1.12
N ILE B 292 22.67 -34.74 1.84
CA ILE B 292 22.77 -34.70 3.29
C ILE B 292 21.85 -33.57 3.76
N ASN B 293 20.91 -33.90 4.63
CA ASN B 293 20.02 -32.90 5.25
C ASN B 293 20.42 -32.58 6.70
N TYR B 294 20.87 -31.35 6.94
CA TYR B 294 21.40 -31.02 8.25
C TYR B 294 20.79 -29.76 8.82
N TYR B 295 20.33 -29.85 10.06
CA TYR B 295 19.76 -28.68 10.72
C TYR B 295 20.42 -28.34 12.06
N SER B 296 20.85 -29.38 12.77
CA SER B 296 21.14 -29.26 14.19
C SER B 296 22.05 -30.36 14.70
N MET B 297 22.48 -30.17 15.94
CA MET B 297 23.53 -30.94 16.61
C MET B 297 23.05 -31.09 18.07
N SER B 298 23.46 -32.15 18.77
CA SER B 298 23.09 -32.24 20.17
C SER B 298 24.16 -32.84 21.10
N VAL B 299 24.03 -32.58 22.40
CA VAL B 299 24.84 -33.24 23.41
C VAL B 299 23.95 -34.23 24.13
N ASN B 300 24.34 -35.49 24.09
CA ASN B 300 23.47 -36.56 24.59
C ASN B 300 24.15 -37.36 25.73
N ARG B 301 23.33 -37.98 26.58
CA ARG B 301 23.83 -38.91 27.56
C ARG B 301 22.98 -40.16 27.53
N PHE B 302 23.58 -41.30 27.86
CA PHE B 302 22.81 -42.50 28.09
C PHE B 302 21.70 -42.27 29.15
N ASN B 303 20.50 -42.71 28.81
CA ASN B 303 19.41 -42.70 29.76
C ASN B 303 18.42 -43.78 29.35
N PRO B 304 18.28 -44.83 30.19
CA PRO B 304 17.51 -46.02 29.85
C PRO B 304 16.04 -45.69 29.63
N GLU B 305 15.67 -44.48 30.00
CA GLU B 305 14.29 -44.03 29.88
C GLU B 305 14.08 -43.17 28.64
N ALA B 306 15.18 -42.83 27.97
CA ALA B 306 15.17 -41.83 26.93
C ALA B 306 14.86 -42.48 25.58
N GLY B 307 13.67 -43.04 25.47
CA GLY B 307 13.19 -43.56 24.20
C GLY B 307 13.80 -44.89 23.85
N PHE B 308 13.45 -45.39 22.67
CA PHE B 308 13.93 -46.70 22.23
C PHE B 308 15.43 -46.78 21.95
N LEU B 309 16.09 -45.63 21.84
CA LEU B 309 17.55 -45.59 21.75
C LEU B 309 18.25 -45.28 23.09
N GLN B 310 17.48 -44.93 24.12
CA GLN B 310 18.01 -44.67 25.45
C GLN B 310 19.14 -43.65 25.42
N SER B 311 18.85 -42.54 24.78
CA SER B 311 19.84 -41.54 24.46
C SER B 311 19.14 -40.21 24.64
N GLU B 312 19.52 -39.51 25.70
CA GLU B 312 18.83 -38.30 26.10
C GLU B 312 19.63 -37.08 25.64
N GLU B 313 18.93 -36.11 25.06
CA GLU B 313 19.56 -34.88 24.65
C GLU B 313 19.53 -33.89 25.79
N ILE B 314 20.67 -33.23 26.00
CA ILE B 314 20.82 -32.26 27.08
C ILE B 314 20.52 -30.88 26.51
N ASN B 315 19.61 -30.19 27.15
CA ASN B 315 19.48 -28.76 26.93
C ASN B 315 20.70 -28.02 27.52
N MET B 316 21.61 -27.63 26.63
CA MET B 316 22.88 -27.01 26.98
C MET B 316 22.78 -25.49 27.17
N GLY B 317 21.59 -24.93 27.01
CA GLY B 317 21.43 -23.49 27.12
C GLY B 317 21.67 -22.70 25.85
N LEU B 318 22.01 -23.37 24.75
CA LEU B 318 22.26 -22.69 23.47
C LEU B 318 20.99 -21.99 22.97
N PRO B 319 21.17 -20.84 22.32
CA PRO B 319 20.12 -20.24 21.49
C PRO B 319 19.50 -21.22 20.47
N VAL B 320 18.17 -21.17 20.40
CA VAL B 320 17.42 -22.02 19.49
C VAL B 320 16.69 -21.20 18.43
N THR B 321 16.32 -21.87 17.35
CA THR B 321 15.41 -21.31 16.34
C THR B 321 13.97 -21.30 16.88
N ASP B 322 13.07 -20.80 16.06
CA ASP B 322 11.67 -20.66 16.44
C ASP B 322 10.90 -21.96 16.50
N ILE B 323 11.48 -23.02 15.96
CA ILE B 323 10.95 -24.37 16.15
C ILE B 323 11.64 -25.02 17.38
N GLY B 324 12.66 -24.34 17.90
CA GLY B 324 13.26 -24.79 19.14
C GLY B 324 14.51 -25.63 18.99
N TRP B 325 15.22 -25.51 17.87
CA TRP B 325 16.44 -26.29 17.66
C TRP B 325 17.64 -25.40 17.93
N PRO B 326 18.61 -25.89 18.71
CA PRO B 326 19.86 -25.14 18.89
C PRO B 326 20.63 -25.03 17.58
N VAL B 327 21.13 -23.84 17.30
CA VAL B 327 22.06 -23.70 16.20
C VAL B 327 23.52 -23.86 16.62
N GLU B 328 24.14 -24.93 16.12
CA GLU B 328 25.55 -25.22 16.30
C GLU B 328 26.05 -25.84 15.02
N SER B 329 26.67 -25.00 14.19
CA SER B 329 26.97 -25.39 12.82
C SER B 329 28.11 -26.41 12.68
N ARG B 330 28.99 -26.49 13.68
CA ARG B 330 30.13 -27.41 13.65
C ARG B 330 29.70 -28.86 13.37
N GLY B 331 28.49 -29.21 13.81
CA GLY B 331 27.91 -30.51 13.53
C GLY B 331 27.89 -30.90 12.07
N LEU B 332 27.76 -29.92 11.17
CA LEU B 332 27.87 -30.14 9.73
C LEU B 332 29.29 -30.54 9.33
N TYR B 333 30.27 -29.75 9.75
CA TYR B 333 31.67 -30.08 9.58
C TYR B 333 31.98 -31.50 10.09
N GLU B 334 31.49 -31.79 11.30
CA GLU B 334 31.76 -33.04 11.99
C GLU B 334 31.16 -34.26 11.30
N VAL B 335 29.88 -34.16 10.92
CA VAL B 335 29.21 -35.26 10.23
C VAL B 335 29.71 -35.51 8.78
N LEU B 336 30.16 -34.45 8.10
CA LEU B 336 30.74 -34.62 6.79
C LEU B 336 32.06 -35.38 6.87
N HIS B 337 32.87 -35.05 7.87
CA HIS B 337 34.08 -35.81 8.12
C HIS B 337 33.80 -37.24 8.60
N TYR B 338 32.78 -37.40 9.42
CA TYR B 338 32.33 -38.71 9.84
C TYR B 338 32.04 -39.65 8.64
N LEU B 339 31.30 -39.09 7.65
CA LEU B 339 30.78 -39.84 6.51
C LEU B 339 31.89 -40.25 5.54
N GLN B 340 33.10 -39.74 5.76
CA GLN B 340 34.25 -40.15 4.98
C GLN B 340 34.60 -41.60 5.19
N LYS B 341 33.92 -42.22 6.15
CA LYS B 341 34.01 -43.67 6.36
C LYS B 341 33.52 -44.46 5.13
N TYR B 342 32.66 -43.84 4.32
CA TYR B 342 32.18 -44.47 3.06
C TYR B 342 33.00 -44.08 1.84
N GLY B 343 34.09 -43.37 2.08
CA GLY B 343 34.88 -42.84 1.00
C GLY B 343 34.61 -41.36 0.83
N ASN B 344 35.49 -40.70 0.09
CA ASN B 344 35.28 -39.32 -0.28
C ASN B 344 34.25 -39.29 -1.40
N ILE B 345 33.04 -39.64 -1.03
CA ILE B 345 31.92 -39.66 -1.96
C ILE B 345 31.44 -38.25 -2.25
N ASP B 346 30.73 -38.08 -3.35
CA ASP B 346 30.12 -36.79 -3.68
C ASP B 346 28.95 -36.54 -2.77
N ILE B 347 28.90 -35.34 -2.18
CA ILE B 347 27.85 -34.96 -1.25
C ILE B 347 27.25 -33.61 -1.61
N TYR B 348 25.93 -33.58 -1.74
CA TYR B 348 25.23 -32.31 -1.75
C TYR B 348 24.49 -32.12 -0.41
N ILE B 349 24.58 -30.91 0.13
CA ILE B 349 23.72 -30.49 1.24
C ILE B 349 22.38 -30.15 0.60
N THR B 350 21.45 -31.10 0.64
CA THR B 350 20.21 -30.99 -0.09
C THR B 350 19.12 -30.32 0.77
N GLU B 351 19.42 -30.17 2.07
CA GLU B 351 18.63 -29.30 2.96
C GLU B 351 19.52 -28.69 4.05
N ASN B 352 19.37 -27.40 4.28
CA ASN B 352 19.87 -26.74 5.49
C ASN B 352 19.17 -25.39 5.59
N GLY B 353 18.52 -25.16 6.73
CA GLY B 353 18.04 -23.81 7.04
C GLY B 353 17.50 -23.75 8.45
N ALA B 354 16.63 -22.78 8.72
CA ALA B 354 16.20 -22.47 10.07
C ALA B 354 14.74 -22.02 10.09
N CYS B 355 14.00 -22.46 11.09
CA CYS B 355 12.70 -21.87 11.36
C CYS B 355 12.87 -20.53 12.10
N ILE B 356 12.63 -19.45 11.37
CA ILE B 356 12.68 -18.10 11.89
C ILE B 356 11.37 -17.50 11.40
N ASN B 357 10.53 -17.06 12.33
CA ASN B 357 9.12 -16.83 12.01
C ASN B 357 8.75 -15.37 11.75
N ASP B 358 9.76 -14.55 11.43
CA ASP B 358 9.55 -13.14 11.14
C ASP B 358 8.53 -13.00 9.99
N GLU B 359 7.83 -11.89 10.00
CA GLU B 359 6.74 -11.66 9.07
C GLU B 359 6.99 -10.32 8.43
N VAL B 360 6.12 -9.93 7.51
CA VAL B 360 6.32 -8.69 6.75
C VAL B 360 6.00 -7.44 7.60
N VAL B 361 7.01 -6.59 7.78
CA VAL B 361 6.86 -5.34 8.54
C VAL B 361 7.44 -4.24 7.68
N ASN B 362 6.60 -3.28 7.31
CA ASN B 362 7.00 -2.22 6.39
C ASN B 362 7.59 -2.79 5.11
N GLY B 363 6.90 -3.80 4.57
CA GLY B 363 7.21 -4.31 3.26
C GLY B 363 8.39 -5.26 3.20
N LYS B 364 9.05 -5.52 4.32
CA LYS B 364 10.11 -6.49 4.35
C LYS B 364 10.04 -7.43 5.53
N VAL B 365 10.77 -8.53 5.38
CA VAL B 365 10.89 -9.54 6.41
C VAL B 365 12.34 -9.52 6.86
N GLN B 366 12.58 -8.95 8.02
CA GLN B 366 13.94 -8.65 8.47
C GLN B 366 14.50 -9.86 9.22
N ASP B 367 14.72 -10.95 8.47
CA ASP B 367 15.06 -12.22 9.06
C ASP B 367 16.59 -12.41 9.24
N ASP B 368 17.15 -11.52 10.06
CA ASP B 368 18.57 -11.49 10.36
C ASP B 368 19.09 -12.78 10.96
N ARG B 369 18.25 -13.43 11.74
CA ARG B 369 18.59 -14.71 12.33
C ARG B 369 18.73 -15.82 11.30
N ARG B 370 18.00 -15.73 10.18
CA ARG B 370 18.17 -16.72 9.11
C ARG B 370 19.48 -16.46 8.37
N ILE B 371 19.79 -15.20 8.11
CA ILE B 371 21.07 -14.85 7.48
C ILE B 371 22.25 -15.34 8.34
N SER B 372 22.07 -15.20 9.65
CA SER B 372 23.06 -15.60 10.64
C SER B 372 23.29 -17.12 10.62
N TYR B 373 22.19 -17.87 10.76
CA TYR B 373 22.23 -19.32 10.66
C TYR B 373 22.95 -19.77 9.39
N MET B 374 22.52 -19.25 8.24
CA MET B 374 23.00 -19.71 6.93
C MET B 374 24.48 -19.45 6.73
N GLN B 375 24.86 -18.22 7.01
CA GLN B 375 26.24 -17.78 7.04
C GLN B 375 27.18 -18.68 7.88
N GLN B 376 26.70 -19.10 9.06
CA GLN B 376 27.46 -20.05 9.90
C GLN B 376 27.61 -21.43 9.26
N HIS B 377 26.59 -21.92 8.59
CA HIS B 377 26.66 -23.25 8.01
C HIS B 377 27.40 -23.29 6.68
N LEU B 378 27.40 -22.17 5.96
CA LEU B 378 28.14 -22.03 4.72
C LEU B 378 29.65 -21.92 4.96
N VAL B 379 30.03 -21.40 6.12
CA VAL B 379 31.43 -21.44 6.54
C VAL B 379 31.85 -22.90 6.73
N GLN B 380 31.00 -23.69 7.37
CA GLN B 380 31.31 -25.10 7.55
C GLN B 380 31.46 -25.84 6.22
N VAL B 381 30.72 -25.40 5.20
CA VAL B 381 30.73 -26.03 3.87
C VAL B 381 32.05 -25.70 3.15
N HIS B 382 32.41 -24.43 3.15
CA HIS B 382 33.70 -23.99 2.60
C HIS B 382 34.87 -24.74 3.26
N ARG B 383 34.76 -24.84 4.58
CA ARG B 383 35.73 -25.52 5.44
C ARG B 383 35.96 -26.98 5.02
N THR B 384 34.88 -27.75 4.85
CA THR B 384 35.02 -29.14 4.41
C THR B 384 35.57 -29.26 2.99
N ILE B 385 35.12 -28.37 2.08
CA ILE B 385 35.65 -28.31 0.72
C ILE B 385 37.14 -28.08 0.80
N HIS B 386 37.56 -27.18 1.68
CA HIS B 386 38.99 -26.95 1.85
C HIS B 386 39.76 -27.97 2.65
N ASP B 387 39.04 -28.85 3.32
CA ASP B 387 39.61 -30.13 3.77
C ASP B 387 39.65 -31.22 2.69
N GLY B 388 39.23 -30.88 1.48
CA GLY B 388 39.34 -31.78 0.34
C GLY B 388 38.19 -32.74 0.20
N LEU B 389 37.10 -32.47 0.90
CA LEU B 389 35.92 -33.31 0.81
C LEU B 389 35.07 -32.87 -0.40
N HIS B 390 34.45 -33.84 -1.05
CA HIS B 390 33.71 -33.59 -2.29
C HIS B 390 32.30 -33.13 -2.04
N VAL B 391 32.18 -31.95 -1.44
CA VAL B 391 30.88 -31.35 -1.18
C VAL B 391 30.57 -30.45 -2.35
N LYS B 392 29.45 -30.73 -3.02
CA LYS B 392 29.28 -30.34 -4.41
C LYS B 392 28.29 -29.20 -4.56
N GLY B 393 27.41 -29.07 -3.57
CA GLY B 393 26.47 -27.96 -3.59
C GLY B 393 25.69 -27.88 -2.29
N TYR B 394 24.76 -26.94 -2.26
CA TYR B 394 24.04 -26.54 -1.06
C TYR B 394 22.69 -26.03 -1.50
N MET B 395 21.64 -26.63 -0.96
CA MET B 395 20.27 -26.19 -1.21
C MET B 395 19.68 -25.65 0.09
N ALA B 396 19.26 -24.40 0.06
CA ALA B 396 18.61 -23.79 1.21
C ALA B 396 17.20 -24.35 1.41
N TRP B 397 16.92 -24.84 2.62
CA TRP B 397 15.57 -25.26 2.94
C TRP B 397 14.75 -24.26 3.38
N SER B 398 14.37 -24.09 2.25
CA SER B 398 13.25 -23.62 1.92
C SER B 398 13.05 -22.39 1.06
N LEU B 399 12.65 -22.62 -0.20
CA LEU B 399 12.39 -21.51 -1.12
C LEU B 399 11.31 -20.66 -0.50
N LEU B 400 10.34 -21.33 0.09
CA LEU B 400 9.07 -20.72 0.41
C LEU B 400 8.75 -21.12 1.82
N ASP B 401 8.13 -20.23 2.59
CA ASP B 401 7.37 -20.67 3.76
C ASP B 401 6.32 -21.68 3.30
N ASN B 402 6.20 -22.80 4.01
CA ASN B 402 5.33 -23.85 3.57
C ASN B 402 4.75 -24.68 4.71
N PHE B 403 4.17 -25.83 4.34
CA PHE B 403 3.51 -26.73 5.27
C PHE B 403 4.55 -27.61 5.96
N GLU B 404 4.91 -27.24 7.20
CA GLU B 404 6.00 -27.89 7.91
C GLU B 404 5.51 -29.13 8.66
N TRP B 405 4.92 -30.06 7.91
CA TRP B 405 4.51 -31.36 8.42
C TRP B 405 3.66 -31.24 9.69
N ALA B 406 4.06 -31.87 10.80
CA ALA B 406 3.22 -31.86 12.02
C ALA B 406 3.12 -30.48 12.70
N GLU B 407 3.96 -29.53 12.27
CA GLU B 407 3.86 -28.13 12.74
C GLU B 407 2.80 -27.32 12.01
N GLY B 408 2.40 -27.80 10.83
CA GLY B 408 1.61 -26.99 9.92
C GLY B 408 2.37 -25.80 9.40
N TYR B 409 1.66 -24.68 9.22
CA TYR B 409 2.18 -23.46 8.60
C TYR B 409 2.83 -22.54 9.63
N ASN B 410 2.79 -22.96 10.89
CA ASN B 410 3.28 -22.17 12.03
C ASN B 410 4.78 -21.89 11.98
N MET B 411 5.52 -22.86 11.45
CA MET B 411 6.96 -22.81 11.48
C MET B 411 7.47 -22.50 10.10
N ARG B 412 8.00 -21.30 9.95
CA ARG B 412 8.49 -20.77 8.67
C ARG B 412 9.95 -21.02 8.42
N PHE B 413 10.25 -21.63 7.28
CA PHE B 413 11.61 -21.96 6.88
C PHE B 413 12.05 -21.22 5.63
N GLY B 414 11.19 -20.39 5.07
CA GLY B 414 11.40 -19.94 3.72
C GLY B 414 12.34 -18.75 3.63
N MET B 415 13.00 -18.63 2.49
CA MET B 415 13.65 -17.38 2.18
C MET B 415 12.70 -16.42 1.49
N ILE B 416 11.53 -16.95 1.11
CA ILE B 416 10.46 -16.12 0.61
C ILE B 416 9.26 -16.35 1.48
N HIS B 417 8.81 -15.25 2.08
CA HIS B 417 7.59 -15.21 2.86
C HIS B 417 6.37 -15.46 1.97
N VAL B 418 5.44 -16.29 2.46
CA VAL B 418 4.17 -16.50 1.80
C VAL B 418 3.07 -16.18 2.80
N ASP B 419 2.21 -15.22 2.45
CA ASP B 419 1.03 -15.00 3.24
C ASP B 419 0.00 -15.98 2.77
N PHE B 420 -0.24 -17.00 3.57
CA PHE B 420 -1.17 -18.05 3.20
C PHE B 420 -2.63 -17.55 3.10
N ARG B 421 -2.87 -16.33 3.60
CA ARG B 421 -4.16 -15.67 3.40
C ARG B 421 -4.32 -15.27 1.93
N THR B 422 -3.24 -14.76 1.35
CA THR B 422 -3.30 -14.08 0.07
C THR B 422 -2.56 -14.86 -1.03
N GLN B 423 -1.72 -15.79 -0.61
CA GLN B 423 -0.68 -16.40 -1.43
C GLN B 423 0.40 -15.45 -1.94
N VAL B 424 0.41 -14.22 -1.46
CA VAL B 424 1.44 -13.25 -1.81
C VAL B 424 2.85 -13.67 -1.33
N ARG B 425 3.82 -13.53 -2.24
CA ARG B 425 5.21 -13.86 -2.00
C ARG B 425 5.98 -12.58 -1.66
N THR B 426 6.71 -12.59 -0.54
CA THR B 426 7.62 -11.48 -0.21
C THR B 426 8.99 -12.07 0.13
N PRO B 427 9.92 -11.96 -0.82
CA PRO B 427 11.30 -12.40 -0.59
C PRO B 427 11.83 -11.70 0.67
N LYS B 428 12.32 -12.51 1.59
CA LYS B 428 12.85 -12.04 2.87
C LYS B 428 14.23 -11.43 2.69
N GLU B 429 14.73 -10.76 3.73
CA GLU B 429 16.06 -10.17 3.66
C GLU B 429 17.18 -11.19 3.44
N SER B 430 16.95 -12.42 3.87
CA SER B 430 17.88 -13.53 3.62
C SER B 430 17.99 -13.92 2.14
N TYR B 431 16.89 -13.75 1.41
CA TYR B 431 16.81 -13.95 -0.03
C TYR B 431 17.86 -13.07 -0.74
N TYR B 432 17.89 -11.79 -0.39
CA TYR B 432 18.75 -10.86 -1.08
C TYR B 432 20.19 -11.04 -0.67
N TRP B 433 20.36 -11.54 0.56
CA TRP B 433 21.66 -11.90 1.10
C TRP B 433 22.14 -13.15 0.37
N TYR B 434 21.27 -14.14 0.23
CA TYR B 434 21.63 -15.36 -0.47
C TYR B 434 21.94 -15.08 -1.95
N ARG B 435 21.14 -14.23 -2.58
CA ARG B 435 21.33 -13.79 -3.96
C ARG B 435 22.77 -13.35 -4.19
N ASN B 436 23.27 -12.54 -3.25
CA ASN B 436 24.64 -12.02 -3.30
C ASN B 436 25.67 -13.12 -3.19
N VAL B 437 25.48 -14.03 -2.23
CA VAL B 437 26.39 -15.13 -2.03
C VAL B 437 26.47 -16.04 -3.26
N VAL B 438 25.30 -16.46 -3.79
CA VAL B 438 25.26 -17.44 -4.87
C VAL B 438 25.68 -16.83 -6.19
N SER B 439 25.45 -15.53 -6.35
CA SER B 439 25.91 -14.82 -7.52
C SER B 439 27.41 -14.45 -7.50
N ASN B 440 27.91 -13.99 -6.35
CA ASN B 440 29.36 -13.74 -6.24
C ASN B 440 30.12 -15.05 -6.13
N ASN B 441 29.48 -16.06 -5.56
CA ASN B 441 30.13 -17.34 -5.34
C ASN B 441 31.28 -17.24 -4.33
N TRP B 442 31.22 -16.23 -3.49
CA TRP B 442 31.96 -16.20 -2.23
C TRP B 442 31.13 -15.54 -1.13
N LEU B 443 31.43 -15.96 0.11
CA LEU B 443 30.81 -15.44 1.33
C LEU B 443 31.83 -14.60 2.11
N GLU B 444 31.36 -13.55 2.77
CA GLU B 444 32.17 -12.80 3.72
C GLU B 444 31.51 -12.67 5.11
N THR B 445 32.22 -13.10 6.14
CA THR B 445 31.81 -12.79 7.50
C THR B 445 32.49 -11.47 7.93
N ARG B 446 31.71 -10.58 8.52
CA ARG B 446 32.20 -9.30 9.01
C ARG B 446 31.64 -9.09 10.42
N ARG B 447 32.28 -8.22 11.20
CA ARG B 447 31.65 -7.67 12.41
C ARG B 447 30.95 -6.33 12.12
N THR C 1 -9.32 -29.40 23.73
CA THR C 1 -10.41 -30.42 23.48
C THR C 1 -10.80 -30.32 22.00
N ILE C 2 -10.87 -31.47 21.36
CA ILE C 2 -11.30 -31.57 19.97
C ILE C 2 -12.79 -31.89 19.89
N PHE C 3 -13.51 -31.05 19.17
CA PHE C 3 -14.94 -31.24 18.94
C PHE C 3 -15.21 -31.55 17.48
N GLN C 4 -15.43 -32.83 17.18
CA GLN C 4 -15.72 -33.29 15.83
C GLN C 4 -17.19 -33.10 15.52
N PHE C 5 -17.50 -32.39 14.43
CA PHE C 5 -18.90 -32.22 14.03
C PHE C 5 -19.39 -33.32 13.06
N PRO C 6 -20.71 -33.44 12.91
CA PRO C 6 -21.26 -34.47 12.01
C PRO C 6 -20.88 -34.20 10.54
N GLN C 7 -20.70 -35.30 9.82
CA GLN C 7 -20.26 -35.31 8.43
C GLN C 7 -21.07 -34.34 7.57
N ASP C 8 -22.36 -34.31 7.81
CA ASP C 8 -23.23 -33.53 6.99
C ASP C 8 -23.73 -32.28 7.68
N PHE C 9 -22.96 -31.82 8.67
CA PHE C 9 -23.24 -30.55 9.34
C PHE C 9 -23.14 -29.40 8.35
N MET C 10 -24.07 -28.46 8.46
CA MET C 10 -24.16 -27.36 7.50
C MET C 10 -23.56 -26.06 8.08
N TRP C 11 -22.39 -25.67 7.61
CA TRP C 11 -21.75 -24.41 7.98
C TRP C 11 -22.14 -23.25 7.05
N GLY C 12 -22.36 -22.08 7.63
CA GLY C 12 -22.72 -20.92 6.84
C GLY C 12 -22.37 -19.55 7.40
N THR C 13 -22.81 -18.52 6.69
CA THR C 13 -22.84 -17.16 7.20
C THR C 13 -24.20 -16.62 6.80
N ALA C 14 -24.57 -15.46 7.33
CA ALA C 14 -25.89 -14.91 7.10
C ALA C 14 -25.80 -13.38 6.91
N THR C 15 -26.70 -12.88 6.06
CA THR C 15 -26.94 -11.45 5.88
C THR C 15 -28.44 -11.21 5.79
N ALA C 16 -28.83 -9.95 5.76
CA ALA C 16 -30.17 -9.56 5.36
C ALA C 16 -30.04 -8.51 4.26
N ALA C 17 -31.12 -8.34 3.49
CA ALA C 17 -31.14 -7.52 2.28
C ALA C 17 -30.84 -6.05 2.57
N TYR C 18 -31.61 -5.43 3.45
CA TYR C 18 -31.48 -4.00 3.69
C TYR C 18 -30.16 -3.65 4.37
N GLN C 19 -29.52 -4.63 5.01
CA GLN C 19 -28.31 -4.40 5.77
C GLN C 19 -27.07 -4.34 4.86
N ILE C 20 -27.13 -5.09 3.77
CA ILE C 20 -25.99 -5.23 2.87
C ILE C 20 -26.16 -4.66 1.43
N GLU C 21 -27.39 -4.66 0.89
CA GLU C 21 -27.60 -4.40 -0.54
C GLU C 21 -27.45 -2.92 -0.86
N GLY C 22 -26.66 -2.61 -1.88
CA GLY C 22 -26.24 -1.22 -1.97
C GLY C 22 -26.94 -0.23 -2.89
N ALA C 23 -28.27 -0.26 -2.97
CA ALA C 23 -28.93 0.34 -4.12
C ALA C 23 -30.43 0.46 -3.93
N TYR C 24 -30.83 1.33 -3.00
CA TYR C 24 -32.19 1.34 -2.47
C TYR C 24 -33.23 1.93 -3.44
N GLN C 25 -32.75 2.70 -4.40
CA GLN C 25 -33.63 3.31 -5.40
C GLN C 25 -33.49 2.64 -6.78
N GLU C 26 -32.66 1.62 -6.86
CA GLU C 26 -32.20 1.11 -8.14
C GLU C 26 -33.18 0.07 -8.67
N ASP C 27 -33.35 0.06 -10.00
CA ASP C 27 -34.17 -0.92 -10.70
C ASP C 27 -35.61 -0.99 -10.22
N GLY C 28 -36.13 0.17 -9.85
CA GLY C 28 -37.52 0.28 -9.43
C GLY C 28 -37.86 -0.31 -8.07
N ARG C 29 -36.84 -0.50 -7.23
CA ARG C 29 -37.06 -0.87 -5.84
C ARG C 29 -37.95 0.19 -5.15
N GLY C 30 -39.04 -0.26 -4.56
CA GLY C 30 -39.82 0.63 -3.73
C GLY C 30 -39.19 0.78 -2.37
N LEU C 31 -39.70 1.76 -1.62
CA LEU C 31 -39.26 2.02 -0.25
C LEU C 31 -39.85 1.03 0.74
N SER C 32 -39.00 0.51 1.64
CA SER C 32 -39.47 -0.22 2.82
C SER C 32 -39.67 0.72 4.00
N ILE C 33 -40.36 0.21 5.02
CA ILE C 33 -40.53 0.88 6.30
C ILE C 33 -39.20 1.19 7.03
N TRP C 34 -38.15 0.49 6.64
CA TRP C 34 -36.81 0.76 7.14
C TRP C 34 -36.06 1.87 6.42
N ASP C 35 -36.40 2.11 5.14
CA ASP C 35 -35.85 3.27 4.45
C ASP C 35 -36.45 4.46 5.15
N THR C 36 -37.77 4.43 5.28
CA THR C 36 -38.54 5.46 5.98
C THR C 36 -38.02 5.74 7.38
N PHE C 37 -37.86 4.67 8.15
CA PHE C 37 -37.37 4.76 9.52
C PHE C 37 -35.97 5.38 9.56
N ALA C 38 -35.07 4.81 8.76
CA ALA C 38 -33.70 5.27 8.75
C ALA C 38 -33.57 6.70 8.24
N HIS C 39 -34.55 7.15 7.45
CA HIS C 39 -34.54 8.51 6.90
C HIS C 39 -35.18 9.53 7.84
N THR C 40 -35.67 9.06 8.99
CA THR C 40 -36.25 9.94 10.01
C THR C 40 -35.21 10.32 11.08
N PRO C 41 -34.98 11.63 11.29
CA PRO C 41 -34.02 12.09 12.31
C PRO C 41 -34.32 11.50 13.69
N GLY C 42 -33.30 10.93 14.32
CA GLY C 42 -33.46 10.39 15.66
C GLY C 42 -33.71 8.90 15.77
N LYS C 43 -34.03 8.23 14.67
CA LYS C 43 -34.38 6.81 14.70
C LYS C 43 -33.17 5.91 14.70
N VAL C 44 -32.16 6.29 13.94
CA VAL C 44 -30.97 5.45 13.77
C VAL C 44 -29.74 6.27 14.09
N PHE C 45 -28.77 5.63 14.76
CA PHE C 45 -27.58 6.31 15.22
C PHE C 45 -26.87 7.00 14.09
N ASN C 46 -26.69 8.31 14.25
CA ASN C 46 -25.88 9.12 13.35
C ASN C 46 -26.60 9.38 12.02
N GLY C 47 -27.86 8.99 11.94
CA GLY C 47 -28.60 9.19 10.71
C GLY C 47 -28.14 8.25 9.61
N ASP C 48 -27.44 7.18 10.01
CA ASP C 48 -27.08 6.13 9.07
C ASP C 48 -28.33 5.52 8.43
N ASN C 49 -28.20 5.03 7.20
CA ASN C 49 -29.27 4.26 6.56
C ASN C 49 -28.68 3.21 5.65
N GLY C 50 -29.54 2.40 5.04
CA GLY C 50 -29.08 1.39 4.12
C GLY C 50 -29.08 1.81 2.65
N ASN C 51 -29.05 3.12 2.35
CA ASN C 51 -29.02 3.58 0.96
C ASN C 51 -27.92 2.88 0.15
N VAL C 52 -26.72 2.78 0.71
CA VAL C 52 -25.58 2.17 0.04
C VAL C 52 -25.11 0.87 0.77
N ALA C 53 -25.21 0.87 2.11
CA ALA C 53 -24.78 -0.28 2.93
C ALA C 53 -23.45 -0.89 2.43
N CYS C 54 -23.43 -2.17 2.08
CA CYS C 54 -22.23 -2.80 1.54
C CYS C 54 -22.19 -2.85 -0.01
N ASP C 55 -23.17 -2.20 -0.63
CA ASP C 55 -23.29 -2.24 -2.08
C ASP C 55 -23.31 -3.66 -2.61
N SER C 56 -23.96 -4.55 -1.88
CA SER C 56 -23.98 -5.95 -2.26
C SER C 56 -24.92 -6.20 -3.43
N TYR C 57 -25.71 -5.19 -3.78
CA TYR C 57 -26.47 -5.18 -5.02
C TYR C 57 -25.54 -5.28 -6.22
N HIS C 58 -24.34 -4.71 -6.06
CA HIS C 58 -23.35 -4.64 -7.12
C HIS C 58 -22.11 -5.52 -6.90
N ARG C 59 -21.79 -5.82 -5.63
CA ARG C 59 -20.52 -6.50 -5.30
C ARG C 59 -20.70 -7.93 -4.83
N TYR C 60 -21.85 -8.51 -5.13
CA TYR C 60 -22.22 -9.84 -4.66
C TYR C 60 -21.29 -10.93 -5.20
N GLU C 61 -20.71 -10.70 -6.38
CA GLU C 61 -19.86 -11.73 -6.96
C GLU C 61 -18.59 -11.89 -6.15
N GLU C 62 -18.05 -10.77 -5.67
CA GLU C 62 -16.82 -10.76 -4.88
C GLU C 62 -17.07 -11.39 -3.52
N ASP C 63 -18.24 -11.10 -2.96
CA ASP C 63 -18.68 -11.70 -1.70
C ASP C 63 -18.86 -13.20 -1.80
N ILE C 64 -19.48 -13.65 -2.90
CA ILE C 64 -19.62 -15.08 -3.17
C ILE C 64 -18.25 -15.74 -3.41
N ARG C 65 -17.30 -14.99 -3.97
CA ARG C 65 -15.96 -15.54 -4.13
C ARG C 65 -15.26 -15.70 -2.78
N LEU C 66 -15.43 -14.69 -1.92
CA LEU C 66 -14.97 -14.74 -0.55
C LEU C 66 -15.60 -15.84 0.29
N MET C 67 -16.91 -16.02 0.18
CA MET C 67 -17.54 -17.09 0.95
C MET C 67 -17.33 -18.48 0.36
N LYS C 68 -16.79 -18.51 -0.85
CA LYS C 68 -16.36 -19.75 -1.47
C LYS C 68 -14.98 -20.17 -0.91
N GLU C 69 -14.08 -19.19 -0.75
CA GLU C 69 -12.78 -19.45 -0.12
C GLU C 69 -12.92 -19.84 1.37
N LEU C 70 -13.97 -19.36 2.01
CA LEU C 70 -14.31 -19.73 3.35
C LEU C 70 -14.48 -21.24 3.53
N GLY C 71 -14.95 -21.93 2.47
CA GLY C 71 -15.18 -23.37 2.56
C GLY C 71 -16.57 -23.71 3.10
N ILE C 72 -17.45 -22.72 3.02
CA ILE C 72 -18.80 -22.74 3.57
C ILE C 72 -19.79 -23.54 2.67
N ARG C 73 -20.86 -24.08 3.25
CA ARG C 73 -21.83 -24.87 2.48
C ARG C 73 -23.21 -24.23 2.20
N THR C 74 -23.62 -23.31 3.06
CA THR C 74 -24.83 -22.51 2.82
C THR C 74 -24.50 -21.04 2.90
N TYR C 75 -25.47 -20.24 2.47
CA TYR C 75 -25.46 -18.82 2.67
C TYR C 75 -26.89 -18.40 2.96
N ARG C 76 -27.14 -17.85 4.15
CA ARG C 76 -28.44 -17.28 4.45
C ARG C 76 -28.47 -15.80 4.05
N PHE C 77 -29.47 -15.49 3.24
CA PHE C 77 -29.69 -14.12 2.81
C PHE C 77 -31.20 -13.91 2.87
N SER C 78 -31.62 -12.64 2.90
CA SER C 78 -33.02 -12.32 2.74
C SER C 78 -33.32 -11.71 1.35
N VAL C 79 -34.60 -11.74 0.99
CA VAL C 79 -35.10 -11.12 -0.24
C VAL C 79 -35.73 -9.75 0.07
N SER C 80 -35.32 -8.71 -0.63
CA SER C 80 -36.00 -7.42 -0.52
C SER C 80 -37.39 -7.48 -1.16
N TRP C 81 -38.41 -7.60 -0.33
CA TRP C 81 -39.80 -7.54 -0.77
C TRP C 81 -40.07 -6.39 -1.76
N PRO C 82 -39.80 -5.13 -1.39
CA PRO C 82 -40.11 -4.01 -2.29
C PRO C 82 -39.24 -3.91 -3.58
N ARG C 83 -38.34 -4.87 -3.76
CA ARG C 83 -37.67 -5.03 -5.04
C ARG C 83 -38.54 -5.88 -5.97
N ILE C 84 -39.32 -6.78 -5.39
CA ILE C 84 -40.11 -7.75 -6.14
C ILE C 84 -41.51 -7.15 -6.35
N PHE C 85 -42.09 -6.66 -5.26
CA PHE C 85 -43.33 -5.94 -5.35
C PHE C 85 -43.14 -4.55 -4.79
N PRO C 86 -42.69 -3.61 -5.65
CA PRO C 86 -42.33 -2.25 -5.23
C PRO C 86 -43.45 -1.51 -4.50
N ASN C 87 -44.68 -1.99 -4.61
CA ASN C 87 -45.75 -1.48 -3.78
C ASN C 87 -46.20 -2.48 -2.67
N GLY C 88 -45.79 -3.75 -2.80
CA GLY C 88 -46.21 -4.77 -1.85
C GLY C 88 -47.32 -5.65 -2.43
N ASP C 89 -48.16 -5.01 -3.25
CA ASP C 89 -49.35 -5.62 -3.79
C ASP C 89 -49.31 -5.93 -5.30
N GLY C 90 -48.80 -4.97 -6.07
CA GLY C 90 -49.14 -4.87 -7.48
C GLY C 90 -48.46 -5.87 -8.39
N GLU C 91 -47.79 -5.35 -9.39
CA GLU C 91 -47.20 -6.15 -10.43
C GLU C 91 -45.75 -6.45 -10.07
N VAL C 92 -45.30 -7.64 -10.43
CA VAL C 92 -43.95 -8.07 -10.10
C VAL C 92 -42.94 -7.22 -10.85
N ASN C 93 -41.81 -6.98 -10.21
CA ASN C 93 -40.68 -6.35 -10.86
C ASN C 93 -39.69 -7.46 -11.25
N GLN C 94 -39.51 -7.64 -12.56
CA GLN C 94 -38.64 -8.69 -13.06
C GLN C 94 -37.17 -8.38 -12.79
N LYS C 95 -36.91 -6.97 -12.54
CA LYS C 95 -35.50 -6.65 -12.32
C LYS C 95 -35.06 -7.09 -10.90
N GLY C 96 -35.97 -7.00 -10.05
CA GLY C 96 -35.77 -7.52 -8.75
C GLY C 96 -35.54 -9.03 -8.68
N LEU C 97 -36.37 -9.69 -9.42
CA LEU C 97 -36.21 -11.14 -9.52
C LEU C 97 -34.87 -11.52 -10.13
N ASP C 98 -34.46 -10.76 -11.14
CA ASP C 98 -33.27 -11.09 -11.89
C ASP C 98 -32.03 -11.01 -11.01
N TYR C 99 -32.01 -10.03 -10.12
CA TYR C 99 -30.89 -9.84 -9.19
C TYR C 99 -30.69 -11.11 -8.34
N TYR C 100 -31.76 -11.56 -7.73
CA TYR C 100 -31.71 -12.76 -6.90
C TYR C 100 -31.42 -14.03 -7.71
N HIS C 101 -31.83 -14.05 -8.98
CA HIS C 101 -31.39 -15.09 -9.90
C HIS C 101 -29.89 -15.02 -10.16
N ARG C 102 -29.35 -13.81 -10.27
CA ARG C 102 -27.89 -13.65 -10.42
C ARG C 102 -27.13 -14.14 -9.19
N VAL C 103 -27.61 -13.76 -8.01
CA VAL C 103 -27.06 -14.24 -6.74
C VAL C 103 -27.18 -15.77 -6.56
N VAL C 104 -28.38 -16.31 -6.70
CA VAL C 104 -28.60 -17.74 -6.48
C VAL C 104 -27.81 -18.63 -7.46
N ASP C 105 -27.74 -18.21 -8.72
CA ASP C 105 -27.10 -19.03 -9.74
C ASP C 105 -25.63 -19.10 -9.46
N LEU C 106 -25.06 -17.96 -9.09
CA LEU C 106 -23.69 -17.86 -8.61
C LEU C 106 -23.42 -18.79 -7.39
N LEU C 107 -24.28 -18.72 -6.38
CA LEU C 107 -24.16 -19.57 -5.19
C LEU C 107 -24.17 -21.03 -5.61
N ASN C 108 -25.18 -21.39 -6.39
CA ASN C 108 -25.38 -22.77 -6.83
C ASN C 108 -24.24 -23.22 -7.72
N ASP C 109 -23.71 -22.31 -8.54
CA ASP C 109 -22.51 -22.58 -9.32
C ASP C 109 -21.34 -22.91 -8.41
N ASN C 110 -21.30 -22.30 -7.23
CA ASN C 110 -20.16 -22.46 -6.33
C ASN C 110 -20.37 -23.49 -5.24
N GLY C 111 -21.46 -24.24 -5.34
CA GLY C 111 -21.68 -25.34 -4.42
C GLY C 111 -22.17 -24.90 -3.06
N ILE C 112 -22.66 -23.66 -2.99
CA ILE C 112 -23.18 -23.07 -1.77
C ILE C 112 -24.70 -23.07 -1.82
N GLU C 113 -25.33 -23.81 -0.92
CA GLU C 113 -26.79 -23.88 -0.85
C GLU C 113 -27.40 -22.59 -0.33
N PRO C 114 -28.23 -21.93 -1.15
CA PRO C 114 -29.07 -20.82 -0.65
C PRO C 114 -30.00 -21.23 0.50
N PHE C 115 -29.99 -20.42 1.55
CA PHE C 115 -30.90 -20.53 2.69
C PHE C 115 -31.66 -19.21 2.74
N CYS C 116 -32.86 -19.22 2.19
CA CYS C 116 -33.56 -17.99 1.86
C CYS C 116 -34.57 -17.57 2.93
N THR C 117 -34.41 -16.34 3.41
CA THR C 117 -35.34 -15.71 4.31
C THR C 117 -36.22 -14.76 3.49
N LEU C 118 -37.51 -15.06 3.44
CA LEU C 118 -38.47 -14.25 2.68
C LEU C 118 -38.65 -12.91 3.34
N TYR C 119 -38.95 -12.92 4.63
CA TYR C 119 -39.14 -11.67 5.36
C TYR C 119 -38.08 -11.36 6.43
N HIS C 120 -37.24 -10.40 6.09
CA HIS C 120 -36.28 -9.82 7.04
C HIS C 120 -36.44 -8.31 7.15
N TRP C 121 -37.70 -7.89 7.38
CA TRP C 121 -38.07 -6.64 8.06
C TRP C 121 -38.39 -5.48 7.13
N ASP C 122 -38.14 -5.68 5.84
CA ASP C 122 -38.38 -4.64 4.83
C ASP C 122 -39.77 -4.72 4.20
N LEU C 123 -40.77 -4.37 5.00
CA LEU C 123 -42.13 -4.26 4.54
C LEU C 123 -42.19 -3.07 3.59
N PRO C 124 -42.81 -3.26 2.41
CA PRO C 124 -43.08 -2.11 1.54
C PRO C 124 -43.85 -1.03 2.27
N GLN C 125 -43.32 0.18 2.24
CA GLN C 125 -43.94 1.34 2.87
C GLN C 125 -45.41 1.50 2.47
N ALA C 126 -45.72 1.16 1.22
CA ALA C 126 -47.07 1.23 0.67
C ALA C 126 -48.07 0.45 1.52
N LEU C 127 -47.68 -0.76 1.92
CA LEU C 127 -48.48 -1.58 2.84
C LEU C 127 -48.53 -1.02 4.25
N GLN C 128 -47.47 -0.36 4.68
CA GLN C 128 -47.46 0.28 5.98
C GLN C 128 -48.44 1.44 6.01
N ASP C 129 -48.47 2.18 4.92
CA ASP C 129 -49.47 3.23 4.73
C ASP C 129 -50.89 2.69 4.93
N ALA C 130 -51.11 1.44 4.56
CA ALA C 130 -52.41 0.80 4.77
C ALA C 130 -52.52 0.10 6.14
N GLY C 131 -51.50 0.26 6.98
CA GLY C 131 -51.53 -0.27 8.32
C GLY C 131 -50.56 -1.42 8.56
N GLY C 132 -49.85 -1.81 7.50
CA GLY C 132 -48.84 -2.84 7.62
C GLY C 132 -49.41 -4.12 8.21
N TRP C 133 -48.64 -4.75 9.09
CA TRP C 133 -48.99 -6.07 9.62
C TRP C 133 -50.19 -6.01 10.59
N GLY C 134 -50.59 -4.79 10.95
CA GLY C 134 -51.82 -4.59 11.67
C GLY C 134 -53.02 -4.85 10.79
N ASN C 135 -52.83 -4.71 9.47
CA ASN C 135 -53.88 -4.99 8.47
C ASN C 135 -53.76 -6.41 7.95
N ARG C 136 -54.86 -7.16 7.99
CA ARG C 136 -54.89 -8.51 7.44
C ARG C 136 -54.65 -8.58 5.93
N ARG C 137 -54.88 -7.48 5.24
CA ARG C 137 -54.58 -7.42 3.80
C ARG C 137 -53.11 -7.71 3.52
N THR C 138 -52.27 -7.32 4.46
CA THR C 138 -50.84 -7.56 4.37
C THR C 138 -50.48 -9.06 4.43
N ILE C 139 -51.31 -9.85 5.09
CA ILE C 139 -51.18 -11.30 5.05
C ILE C 139 -51.24 -11.82 3.58
N GLN C 140 -52.19 -11.28 2.80
CA GLN C 140 -52.38 -11.70 1.41
C GLN C 140 -51.25 -11.23 0.51
N ALA C 141 -50.86 -9.96 0.69
CA ALA C 141 -49.70 -9.40 0.01
C ALA C 141 -48.48 -10.27 0.27
N PHE C 142 -48.34 -10.75 1.49
CA PHE C 142 -47.22 -11.60 1.83
C PHE C 142 -47.27 -12.98 1.14
N VAL C 143 -48.42 -13.65 1.19
CA VAL C 143 -48.57 -14.94 0.53
C VAL C 143 -48.26 -14.87 -0.97
N GLN C 144 -48.72 -13.78 -1.61
CA GLN C 144 -48.41 -13.52 -3.01
C GLN C 144 -46.89 -13.43 -3.24
N PHE C 145 -46.22 -12.54 -2.50
CA PHE C 145 -44.76 -12.48 -2.44
C PHE C 145 -44.09 -13.86 -2.29
N ALA C 146 -44.52 -14.60 -1.27
CA ALA C 146 -44.04 -15.97 -1.03
C ALA C 146 -44.20 -16.91 -2.25
N GLU C 147 -45.42 -16.99 -2.77
CA GLU C 147 -45.70 -17.72 -4.02
C GLU C 147 -44.74 -17.38 -5.13
N THR C 148 -44.65 -16.08 -5.42
CA THR C 148 -43.80 -15.59 -6.48
C THR C 148 -42.37 -16.12 -6.36
N MET C 149 -41.86 -16.14 -5.13
CA MET C 149 -40.51 -16.61 -4.87
C MET C 149 -40.41 -18.13 -4.94
N PHE C 150 -41.45 -18.81 -4.45
CA PHE C 150 -41.51 -20.27 -4.53
C PHE C 150 -41.51 -20.77 -5.98
N ARG C 151 -42.26 -20.10 -6.82
CA ARG C 151 -42.36 -20.47 -8.22
C ARG C 151 -41.16 -20.05 -9.03
N GLU C 152 -40.69 -18.82 -8.84
CA GLU C 152 -39.47 -18.36 -9.50
C GLU C 152 -38.21 -19.18 -9.19
N PHE C 153 -38.10 -19.62 -7.95
CA PHE C 153 -36.85 -20.19 -7.47
C PHE C 153 -36.94 -21.65 -7.13
N HIS C 154 -37.95 -22.27 -7.71
CA HIS C 154 -38.33 -23.63 -7.39
C HIS C 154 -37.13 -24.55 -7.18
N GLY C 155 -36.42 -24.92 -8.24
CA GLY C 155 -35.38 -25.92 -8.04
C GLY C 155 -34.05 -25.38 -7.55
N LYS C 156 -33.98 -24.07 -7.31
CA LYS C 156 -32.70 -23.41 -7.03
C LYS C 156 -32.41 -23.23 -5.52
N ILE C 157 -33.48 -23.11 -4.74
CA ILE C 157 -33.40 -22.92 -3.30
C ILE C 157 -34.07 -24.11 -2.62
N GLN C 158 -33.35 -24.72 -1.68
CA GLN C 158 -33.82 -25.89 -0.97
C GLN C 158 -34.10 -25.63 0.51
N HIS C 159 -33.89 -24.40 0.95
CA HIS C 159 -34.01 -24.04 2.38
C HIS C 159 -34.64 -22.68 2.47
N TRP C 160 -35.77 -22.62 3.17
CA TRP C 160 -36.62 -21.42 3.17
C TRP C 160 -37.01 -21.10 4.61
N LEU C 161 -37.00 -19.82 4.93
CA LEU C 161 -37.60 -19.34 6.18
C LEU C 161 -38.61 -18.27 5.81
N THR C 162 -39.81 -18.37 6.38
CA THR C 162 -40.79 -17.31 6.25
C THR C 162 -40.35 -15.99 6.91
N PHE C 163 -40.15 -16.02 8.23
CA PHE C 163 -39.91 -14.79 9.00
C PHE C 163 -38.65 -14.90 9.84
N ASN C 164 -37.86 -13.84 9.81
CA ASN C 164 -36.73 -13.68 10.71
C ASN C 164 -37.15 -12.88 11.95
N GLU C 165 -37.10 -13.51 13.12
CA GLU C 165 -37.21 -12.82 14.40
C GLU C 165 -38.52 -12.10 14.61
N PRO C 166 -39.62 -12.87 14.69
CA PRO C 166 -40.98 -12.36 14.92
C PRO C 166 -41.11 -11.44 16.15
N TRP C 167 -40.32 -11.71 17.18
CA TRP C 167 -40.33 -10.91 18.40
C TRP C 167 -39.95 -9.46 18.08
N CYS C 168 -38.93 -9.30 17.25
CA CYS C 168 -38.50 -7.97 16.85
C CYS C 168 -39.52 -7.29 15.97
N ILE C 169 -39.98 -8.02 14.95
CA ILE C 169 -40.97 -7.51 14.01
C ILE C 169 -42.19 -6.96 14.75
N ALA C 170 -42.65 -7.71 15.75
CA ALA C 170 -43.85 -7.33 16.50
C ALA C 170 -43.56 -6.41 17.69
N PHE C 171 -42.81 -6.91 18.68
CA PHE C 171 -42.68 -6.21 19.97
C PHE C 171 -41.61 -5.08 19.99
N LEU C 172 -40.39 -5.39 19.51
CA LEU C 172 -39.37 -4.37 19.38
C LEU C 172 -39.78 -3.22 18.44
N SER C 173 -40.52 -3.56 17.38
CA SER C 173 -40.93 -2.59 16.38
C SER C 173 -42.23 -1.82 16.68
N ASN C 174 -43.16 -2.46 17.38
CA ASN C 174 -44.50 -1.89 17.54
C ASN C 174 -44.88 -1.61 18.99
N MET C 175 -44.14 -2.17 19.94
CA MET C 175 -44.38 -1.93 21.36
C MET C 175 -43.30 -1.01 21.90
N LEU C 176 -42.06 -1.25 21.47
CA LEU C 176 -40.90 -0.55 22.00
C LEU C 176 -40.43 0.56 21.08
N GLY C 177 -40.98 0.63 19.87
CA GLY C 177 -40.66 1.71 18.97
C GLY C 177 -39.22 1.80 18.51
N VAL C 178 -38.41 0.76 18.75
CA VAL C 178 -36.97 0.80 18.50
C VAL C 178 -36.63 0.52 17.03
N HIS C 179 -37.43 -0.35 16.44
CA HIS C 179 -37.29 -0.73 15.04
C HIS C 179 -38.47 -0.26 14.23
N ALA C 180 -38.29 -0.12 12.91
CA ALA C 180 -39.38 0.20 12.00
C ALA C 180 -40.53 -0.81 12.17
N PRO C 181 -41.79 -0.32 12.26
CA PRO C 181 -42.21 1.06 11.98
C PRO C 181 -42.17 2.04 13.17
N GLY C 182 -41.73 1.57 14.34
CA GLY C 182 -41.41 2.48 15.43
C GLY C 182 -42.62 2.88 16.26
N LEU C 183 -43.53 1.93 16.44
CA LEU C 183 -44.74 2.19 17.21
C LEU C 183 -44.57 1.67 18.64
N THR C 184 -45.41 2.17 19.54
CA THR C 184 -45.34 1.81 20.96
C THR C 184 -46.74 1.56 21.50
N ASN C 185 -47.31 0.42 21.15
CA ASN C 185 -48.70 0.12 21.43
C ASN C 185 -48.78 -1.39 21.44
N LEU C 186 -49.08 -1.93 22.61
CA LEU C 186 -49.08 -3.35 22.86
C LEU C 186 -50.01 -4.06 21.89
N GLN C 187 -51.22 -3.55 21.78
CA GLN C 187 -52.26 -4.16 20.97
C GLN C 187 -51.81 -4.28 19.50
N THR C 188 -51.20 -3.22 18.98
CA THR C 188 -50.61 -3.24 17.63
C THR C 188 -49.53 -4.31 17.51
N ALA C 189 -48.63 -4.37 18.49
CA ALA C 189 -47.58 -5.39 18.52
C ALA C 189 -48.16 -6.80 18.51
N ILE C 190 -49.23 -7.01 19.27
CA ILE C 190 -49.91 -8.32 19.30
C ILE C 190 -50.64 -8.63 17.97
N ASP C 191 -51.24 -7.60 17.36
CA ASP C 191 -51.84 -7.73 16.03
C ASP C 191 -50.81 -8.16 15.00
N VAL C 192 -49.69 -7.47 15.01
CA VAL C 192 -48.59 -7.76 14.11
C VAL C 192 -48.11 -9.20 14.27
N GLY C 193 -47.92 -9.62 15.52
CA GLY C 193 -47.46 -10.96 15.79
C GLY C 193 -48.43 -12.01 15.31
N HIS C 194 -49.73 -11.76 15.51
CA HIS C 194 -50.75 -12.72 15.13
C HIS C 194 -50.83 -12.83 13.60
N HIS C 195 -50.80 -11.69 12.93
CA HIS C 195 -50.91 -11.63 11.47
C HIS C 195 -49.72 -12.20 10.71
N LEU C 196 -48.50 -11.97 11.21
CA LEU C 196 -47.33 -12.61 10.64
C LEU C 196 -47.34 -14.14 10.85
N LEU C 197 -48.04 -14.60 11.88
CA LEU C 197 -48.17 -16.02 12.12
C LEU C 197 -49.18 -16.69 11.18
N VAL C 198 -50.28 -15.99 10.91
CA VAL C 198 -51.23 -16.43 9.88
C VAL C 198 -50.58 -16.40 8.49
N ALA C 199 -49.88 -15.31 8.18
CA ALA C 199 -49.11 -15.18 6.95
C ALA C 199 -48.12 -16.33 6.79
N HIS C 200 -47.46 -16.69 7.90
CA HIS C 200 -46.49 -17.78 7.93
C HIS C 200 -47.15 -19.13 7.60
N GLY C 201 -48.23 -19.48 8.29
CA GLY C 201 -48.86 -20.77 8.06
C GLY C 201 -49.46 -20.91 6.66
N LEU C 202 -50.03 -19.80 6.15
CA LEU C 202 -50.55 -19.75 4.80
C LEU C 202 -49.48 -19.92 3.73
N SER C 203 -48.30 -19.35 3.97
CA SER C 203 -47.16 -19.51 3.08
C SER C 203 -46.56 -20.92 3.06
N VAL C 204 -46.63 -21.61 4.19
CA VAL C 204 -46.20 -22.99 4.24
C VAL C 204 -47.19 -23.87 3.46
N ARG C 205 -48.49 -23.64 3.61
CA ARG C 205 -49.50 -24.26 2.76
C ARG C 205 -49.17 -24.11 1.29
N ARG C 206 -49.03 -22.87 0.82
CA ARG C 206 -48.68 -22.61 -0.58
C ARG C 206 -47.47 -23.40 -1.01
N PHE C 207 -46.44 -23.39 -0.18
CA PHE C 207 -45.22 -24.11 -0.43
C PHE C 207 -45.52 -25.58 -0.70
N ARG C 208 -46.40 -26.16 0.11
CA ARG C 208 -46.70 -27.58 -0.03
C ARG C 208 -47.58 -27.83 -1.25
N GLU C 209 -48.52 -26.92 -1.51
CA GLU C 209 -49.47 -27.06 -2.61
C GLU C 209 -48.78 -26.91 -3.96
N LEU C 210 -47.78 -26.03 -4.01
CA LEU C 210 -47.01 -25.80 -5.20
C LEU C 210 -45.96 -26.86 -5.45
N GLY C 211 -45.78 -27.74 -4.48
CA GLY C 211 -44.73 -28.74 -4.55
C GLY C 211 -43.35 -28.14 -4.68
N THR C 212 -43.14 -27.00 -4.04
CA THR C 212 -41.82 -26.36 -4.06
C THR C 212 -40.75 -27.27 -3.41
N SER C 213 -39.51 -27.14 -3.90
CA SER C 213 -38.42 -27.99 -3.48
C SER C 213 -37.83 -27.50 -2.16
N GLY C 214 -37.26 -28.45 -1.41
CA GLY C 214 -36.63 -28.16 -0.15
C GLY C 214 -37.53 -28.21 1.08
N GLN C 215 -37.16 -27.43 2.06
CA GLN C 215 -37.81 -27.45 3.36
C GLN C 215 -38.05 -26.01 3.76
N ILE C 216 -38.98 -25.80 4.69
CA ILE C 216 -39.42 -24.47 5.02
C ILE C 216 -39.68 -24.43 6.52
N GLY C 217 -39.21 -23.35 7.14
CA GLY C 217 -39.54 -23.10 8.53
C GLY C 217 -39.55 -21.62 8.85
N ILE C 218 -39.39 -21.29 10.12
CA ILE C 218 -39.38 -19.91 10.59
C ILE C 218 -38.14 -19.74 11.52
N ALA C 219 -37.62 -18.53 11.64
CA ALA C 219 -36.39 -18.29 12.40
C ALA C 219 -36.57 -17.25 13.51
N PRO C 220 -37.17 -17.64 14.67
CA PRO C 220 -37.23 -16.77 15.84
C PRO C 220 -35.84 -16.41 16.43
N ASN C 221 -35.71 -15.16 16.88
CA ASN C 221 -34.68 -14.85 17.87
C ASN C 221 -35.07 -15.41 19.23
N VAL C 222 -34.08 -15.94 19.92
CA VAL C 222 -34.30 -16.77 21.09
C VAL C 222 -33.65 -16.08 22.31
N SER C 223 -34.46 -15.79 23.33
CA SER C 223 -33.95 -15.24 24.59
C SER C 223 -33.82 -16.30 25.67
N TRP C 224 -32.85 -16.12 26.55
CA TRP C 224 -32.67 -17.00 27.70
C TRP C 224 -32.35 -16.17 28.94
N ALA C 225 -33.22 -16.28 29.94
CA ALA C 225 -33.06 -15.56 31.19
C ALA C 225 -33.11 -16.58 32.32
N VAL C 226 -32.28 -16.32 33.31
CA VAL C 226 -32.10 -17.19 34.46
C VAL C 226 -32.33 -16.31 35.72
N PRO C 227 -33.10 -16.80 36.72
CA PRO C 227 -33.56 -15.90 37.80
C PRO C 227 -32.47 -15.54 38.80
N TYR C 228 -32.48 -14.28 39.24
CA TYR C 228 -31.47 -13.81 40.19
C TYR C 228 -31.62 -14.50 41.56
N SER C 229 -32.84 -14.52 42.07
CA SER C 229 -33.10 -15.27 43.28
C SER C 229 -33.90 -16.51 42.94
N THR C 230 -34.22 -17.26 43.99
CA THR C 230 -34.98 -18.48 43.88
C THR C 230 -36.48 -18.22 44.02
N SER C 231 -36.89 -16.95 44.07
CA SER C 231 -38.31 -16.64 44.21
C SER C 231 -39.14 -17.03 42.98
N GLU C 232 -40.38 -17.45 43.24
CA GLU C 232 -41.37 -17.63 42.20
C GLU C 232 -41.58 -16.41 41.32
N GLU C 233 -41.49 -15.21 41.89
CA GLU C 233 -41.69 -14.02 41.10
C GLU C 233 -40.56 -13.76 40.12
N ASP C 234 -39.33 -14.06 40.53
CA ASP C 234 -38.19 -13.92 39.63
C ASP C 234 -38.27 -15.00 38.53
N LYS C 235 -38.69 -16.19 38.93
CA LYS C 235 -38.89 -17.30 38.03
C LYS C 235 -39.93 -16.94 36.96
N ALA C 236 -41.04 -16.34 37.40
CA ALA C 236 -42.13 -15.91 36.54
C ALA C 236 -41.66 -14.85 35.53
N ALA C 237 -40.82 -13.91 36.00
CA ALA C 237 -40.27 -12.85 35.18
C ALA C 237 -39.41 -13.42 34.06
N CYS C 238 -38.68 -14.48 34.36
CA CYS C 238 -37.81 -15.12 33.38
C CYS C 238 -38.64 -15.93 32.39
N ALA C 239 -39.69 -16.59 32.87
CA ALA C 239 -40.64 -17.29 32.01
C ALA C 239 -41.27 -16.33 31.00
N ARG C 240 -41.68 -15.15 31.44
CA ARG C 240 -42.20 -14.14 30.54
C ARG C 240 -41.18 -13.71 29.48
N THR C 241 -39.97 -13.37 29.93
CA THR C 241 -38.88 -12.99 29.06
C THR C 241 -38.57 -14.05 27.98
N ILE C 242 -38.41 -15.30 28.41
CA ILE C 242 -38.11 -16.39 27.49
C ILE C 242 -39.28 -16.64 26.52
N SER C 243 -40.48 -16.74 27.08
CA SER C 243 -41.63 -17.21 26.34
C SER C 243 -42.12 -16.26 25.26
N LEU C 244 -41.90 -14.95 25.42
CA LEU C 244 -42.40 -14.00 24.44
C LEU C 244 -41.58 -14.02 23.16
N HIS C 245 -40.30 -14.28 23.29
CA HIS C 245 -39.41 -14.41 22.16
C HIS C 245 -39.72 -15.68 21.36
N SER C 246 -39.84 -16.81 22.05
CA SER C 246 -39.91 -18.08 21.36
C SER C 246 -41.29 -18.75 21.40
N ASP C 247 -41.77 -19.09 22.60
CA ASP C 247 -43.03 -19.81 22.80
C ASP C 247 -44.26 -19.11 22.24
N TRP C 248 -44.24 -17.80 22.29
CA TRP C 248 -45.37 -17.05 21.82
C TRP C 248 -45.62 -17.23 20.33
N PHE C 249 -44.56 -17.53 19.60
CA PHE C 249 -44.66 -17.83 18.19
C PHE C 249 -44.63 -19.34 17.94
N LEU C 250 -43.89 -20.06 18.77
CA LEU C 250 -43.66 -21.49 18.54
C LEU C 250 -44.77 -22.41 19.05
N GLN C 251 -45.52 -21.94 20.04
CA GLN C 251 -46.56 -22.76 20.59
C GLN C 251 -47.83 -22.71 19.74
N PRO C 252 -48.16 -21.55 19.14
CA PRO C 252 -49.18 -21.58 18.08
C PRO C 252 -48.81 -22.50 16.91
N ILE C 253 -47.55 -22.42 16.48
CA ILE C 253 -47.07 -23.27 15.39
C ILE C 253 -47.12 -24.75 15.75
N TYR C 254 -46.55 -25.10 16.90
CA TYR C 254 -46.37 -26.49 17.27
C TYR C 254 -47.52 -27.06 18.05
N GLN C 255 -48.19 -26.23 18.83
CA GLN C 255 -49.21 -26.76 19.73
C GLN C 255 -50.60 -26.14 19.59
N GLY C 256 -50.75 -25.22 18.64
CA GLY C 256 -52.05 -24.69 18.35
C GLY C 256 -52.62 -23.72 19.35
N SER C 257 -51.78 -23.13 20.19
CA SER C 257 -52.24 -22.11 21.13
C SER C 257 -51.13 -21.18 21.53
N TYR C 258 -51.52 -19.97 21.90
CA TYR C 258 -50.60 -19.03 22.53
C TYR C 258 -50.39 -19.42 24.00
N PRO C 259 -49.17 -19.15 24.56
CA PRO C 259 -48.90 -19.29 25.99
C PRO C 259 -49.91 -18.56 26.87
N GLN C 260 -50.74 -19.34 27.55
CA GLN C 260 -51.84 -18.79 28.33
C GLN C 260 -51.42 -17.73 29.34
N PHE C 261 -50.34 -17.99 30.07
CA PHE C 261 -49.85 -17.06 31.09
C PHE C 261 -49.50 -15.70 30.50
N LEU C 262 -49.01 -15.72 29.26
CA LEU C 262 -48.70 -14.47 28.57
C LEU C 262 -49.97 -13.86 27.96
N VAL C 263 -50.91 -14.72 27.55
CA VAL C 263 -52.24 -14.28 27.15
C VAL C 263 -52.90 -13.53 28.31
N ASP C 264 -52.87 -14.12 29.49
CA ASP C 264 -53.44 -13.52 30.70
C ASP C 264 -52.70 -12.25 31.10
N TRP C 265 -51.38 -12.27 30.95
CA TRP C 265 -50.54 -11.13 31.27
C TRP C 265 -50.97 -9.94 30.43
N PHE C 266 -51.13 -10.16 29.13
CA PHE C 266 -51.46 -9.06 28.22
C PHE C 266 -52.90 -8.64 28.36
N ALA C 267 -53.75 -9.56 28.79
CA ALA C 267 -55.15 -9.23 29.07
C ALA C 267 -55.22 -8.25 30.24
N GLU C 268 -54.34 -8.46 31.22
CA GLU C 268 -54.22 -7.57 32.35
C GLU C 268 -53.91 -6.16 31.86
N GLN C 269 -53.11 -6.07 30.82
CA GLN C 269 -52.73 -4.79 30.24
C GLN C 269 -53.72 -4.35 29.18
N GLY C 270 -54.76 -5.16 28.99
CA GLY C 270 -55.91 -4.75 28.20
C GLY C 270 -55.76 -5.03 26.71
N ALA C 271 -54.91 -5.98 26.38
CA ALA C 271 -54.67 -6.33 25.00
C ALA C 271 -55.08 -7.78 24.77
N THR C 272 -55.61 -8.05 23.58
CA THR C 272 -56.13 -9.36 23.23
C THR C 272 -55.67 -9.73 21.83
N VAL C 273 -55.35 -11.00 21.62
CA VAL C 273 -54.95 -11.45 20.31
C VAL C 273 -56.17 -11.49 19.36
N PRO C 274 -56.04 -10.86 18.20
CA PRO C 274 -57.15 -10.76 17.23
C PRO C 274 -57.35 -12.09 16.46
N ILE C 275 -57.66 -13.16 17.21
CA ILE C 275 -57.78 -14.50 16.63
C ILE C 275 -59.15 -14.70 15.98
N GLN C 276 -59.17 -14.91 14.68
CA GLN C 276 -60.39 -15.28 13.97
C GLN C 276 -60.51 -16.78 13.89
N ASP C 277 -61.72 -17.26 13.65
CA ASP C 277 -61.94 -18.69 13.48
C ASP C 277 -61.11 -19.22 12.33
N GLY C 278 -60.48 -20.37 12.56
CA GLY C 278 -59.64 -20.97 11.54
C GLY C 278 -58.19 -20.57 11.64
N ASP C 279 -57.89 -19.45 12.31
CA ASP C 279 -56.53 -18.89 12.40
C ASP C 279 -55.50 -19.82 13.04
N MET C 280 -55.85 -20.40 14.18
CA MET C 280 -54.92 -21.24 14.91
C MET C 280 -54.62 -22.52 14.14
N ASP C 281 -55.62 -22.99 13.38
CA ASP C 281 -55.42 -24.14 12.50
C ASP C 281 -54.45 -23.85 11.37
N ILE C 282 -54.60 -22.69 10.75
CA ILE C 282 -53.67 -22.25 9.73
C ILE C 282 -52.24 -22.11 10.27
N ILE C 283 -52.10 -21.52 11.46
CA ILE C 283 -50.79 -21.32 12.07
C ILE C 283 -50.10 -22.64 12.43
N GLY C 284 -50.92 -23.66 12.66
CA GLY C 284 -50.39 -24.96 13.05
C GLY C 284 -49.88 -25.84 11.90
N GLU C 285 -49.79 -25.26 10.72
CA GLU C 285 -49.21 -25.91 9.54
C GLU C 285 -47.84 -26.52 9.85
N PRO C 286 -47.64 -27.82 9.58
CA PRO C 286 -46.37 -28.51 9.85
C PRO C 286 -45.22 -27.87 9.12
N ILE C 287 -44.13 -27.62 9.86
CA ILE C 287 -42.94 -27.02 9.28
C ILE C 287 -41.78 -28.00 9.40
N ASP C 288 -40.78 -27.84 8.55
CA ASP C 288 -39.73 -28.86 8.42
C ASP C 288 -38.59 -28.69 9.43
N MET C 289 -38.35 -27.46 9.85
CA MET C 289 -37.29 -27.14 10.76
C MET C 289 -37.58 -25.75 11.30
N ILE C 290 -36.78 -25.30 12.25
CA ILE C 290 -36.71 -23.87 12.58
C ILE C 290 -35.25 -23.43 12.56
N GLY C 291 -35.04 -22.15 12.33
CA GLY C 291 -33.80 -21.52 12.70
C GLY C 291 -33.92 -20.83 14.05
N ILE C 292 -32.78 -20.75 14.74
CA ILE C 292 -32.69 -20.18 16.08
C ILE C 292 -31.61 -19.10 15.96
N ASN C 293 -31.96 -17.87 16.34
CA ASN C 293 -30.98 -16.78 16.43
C ASN C 293 -30.58 -16.50 17.89
N TYR C 294 -29.30 -16.72 18.22
CA TYR C 294 -28.84 -16.58 19.58
C TYR C 294 -27.59 -15.73 19.72
N TYR C 295 -27.65 -14.76 20.62
CA TYR C 295 -26.50 -13.91 20.88
C TYR C 295 -26.06 -13.90 22.34
N SER C 296 -27.03 -14.00 23.25
CA SER C 296 -26.81 -13.61 24.61
C SER C 296 -27.81 -14.24 25.57
N MET C 297 -27.53 -14.04 26.85
CA MET C 297 -28.17 -14.72 27.98
C MET C 297 -28.26 -13.65 29.10
N SER C 298 -29.23 -13.75 30.00
CA SER C 298 -29.27 -12.79 31.08
C SER C 298 -29.74 -13.36 32.42
N VAL C 299 -29.45 -12.63 33.49
CA VAL C 299 -30.00 -12.94 34.81
C VAL C 299 -31.01 -11.84 35.15
N ASN C 300 -32.25 -12.25 35.39
CA ASN C 300 -33.35 -11.30 35.53
C ASN C 300 -34.03 -11.41 36.92
N ARG C 301 -34.64 -10.33 37.36
CA ARG C 301 -35.48 -10.39 38.54
C ARG C 301 -36.77 -9.69 38.23
N PHE C 302 -37.84 -10.12 38.90
CA PHE C 302 -39.09 -9.37 38.85
C PHE C 302 -38.89 -7.92 39.28
N ASN C 303 -39.44 -7.00 38.49
CA ASN C 303 -39.44 -5.59 38.83
C ASN C 303 -40.61 -4.93 38.11
N PRO C 304 -41.63 -4.49 38.88
CA PRO C 304 -42.89 -3.98 38.35
C PRO C 304 -42.68 -2.75 37.48
N GLU C 305 -41.48 -2.21 37.51
CA GLU C 305 -41.14 -1.03 36.74
C GLU C 305 -40.37 -1.38 35.49
N ALA C 306 -40.00 -2.65 35.36
CA ALA C 306 -39.04 -3.04 34.34
C ALA C 306 -39.76 -3.39 33.05
N GLY C 307 -40.43 -2.39 32.49
CA GLY C 307 -41.06 -2.56 31.19
C GLY C 307 -42.36 -3.34 31.25
N PHE C 308 -42.94 -3.60 30.08
CA PHE C 308 -44.25 -4.24 30.00
C PHE C 308 -44.23 -5.72 30.42
N LEU C 309 -43.03 -6.29 30.52
CA LEU C 309 -42.89 -7.64 31.08
C LEU C 309 -42.46 -7.66 32.56
N GLN C 310 -42.13 -6.49 33.12
CA GLN C 310 -41.75 -6.36 34.53
C GLN C 310 -40.66 -7.35 34.93
N SER C 311 -39.61 -7.33 34.11
CA SER C 311 -38.55 -8.31 34.19
C SER C 311 -37.29 -7.53 33.94
N GLU C 312 -36.52 -7.34 35.00
CA GLU C 312 -35.31 -6.54 34.95
C GLU C 312 -34.09 -7.44 34.77
N GLU C 313 -33.21 -7.04 33.87
CA GLU C 313 -31.94 -7.72 33.70
C GLU C 313 -30.88 -7.13 34.64
N ILE C 314 -30.13 -8.03 35.28
CA ILE C 314 -29.11 -7.64 36.23
C ILE C 314 -27.79 -7.57 35.48
N ASN C 315 -27.13 -6.43 35.59
CA ASN C 315 -25.72 -6.36 35.25
C ASN C 315 -24.83 -7.18 36.23
N MET C 316 -24.43 -8.36 35.79
CA MET C 316 -23.72 -9.32 36.62
C MET C 316 -22.20 -9.11 36.62
N GLY C 317 -21.74 -8.09 35.90
CA GLY C 317 -20.32 -7.83 35.83
C GLY C 317 -19.58 -8.58 34.72
N LEU C 318 -20.31 -9.39 33.94
CA LEU C 318 -19.69 -10.18 32.87
C LEU C 318 -19.09 -9.24 31.82
N PRO C 319 -17.97 -9.65 31.23
CA PRO C 319 -17.47 -9.06 29.97
C PRO C 319 -18.53 -9.02 28.86
N VAL C 320 -18.61 -7.85 28.22
CA VAL C 320 -19.55 -7.61 27.12
C VAL C 320 -18.82 -7.40 25.79
N THR C 321 -19.57 -7.58 24.72
CA THR C 321 -19.15 -7.21 23.38
C THR C 321 -19.20 -5.70 23.21
N ASP C 322 -18.82 -5.23 22.02
CA ASP C 322 -18.77 -3.79 21.74
C ASP C 322 -20.14 -3.12 21.56
N ILE C 323 -21.18 -3.92 21.42
CA ILE C 323 -22.54 -3.43 21.45
C ILE C 323 -23.07 -3.52 22.90
N GLY C 324 -22.30 -4.18 23.77
CA GLY C 324 -22.61 -4.21 25.18
C GLY C 324 -23.40 -5.40 25.66
N TRP C 325 -23.27 -6.53 24.96
CA TRP C 325 -23.95 -7.73 25.39
C TRP C 325 -22.96 -8.62 26.11
N PRO C 326 -23.34 -9.14 27.29
CA PRO C 326 -22.51 -10.18 27.94
C PRO C 326 -22.42 -11.46 27.08
N VAL C 327 -21.20 -11.99 26.96
CA VAL C 327 -21.07 -13.31 26.37
C VAL C 327 -21.12 -14.41 27.44
N GLU C 328 -22.16 -15.23 27.33
CA GLU C 328 -22.37 -16.43 28.15
C GLU C 328 -23.01 -17.48 27.25
N SER C 329 -22.17 -18.36 26.72
CA SER C 329 -22.60 -19.27 25.67
C SER C 329 -23.52 -20.39 26.13
N ARG C 330 -23.46 -20.75 27.42
CA ARG C 330 -24.32 -21.81 27.99
C ARG C 330 -25.80 -21.59 27.65
N GLY C 331 -26.22 -20.32 27.56
CA GLY C 331 -27.58 -19.98 27.16
C GLY C 331 -28.06 -20.65 25.88
N LEU C 332 -27.14 -20.91 24.95
CA LEU C 332 -27.43 -21.65 23.72
C LEU C 332 -27.76 -23.11 24.03
N TYR C 333 -26.87 -23.77 24.77
CA TYR C 333 -27.12 -25.12 25.28
C TYR C 333 -28.47 -25.22 25.98
N GLU C 334 -28.73 -24.26 26.87
CA GLU C 334 -29.93 -24.23 27.71
C GLU C 334 -31.21 -24.03 26.90
N VAL C 335 -31.22 -23.06 25.99
CA VAL C 335 -32.42 -22.82 25.18
C VAL C 335 -32.69 -23.94 24.14
N LEU C 336 -31.64 -24.60 23.64
CA LEU C 336 -31.84 -25.73 22.73
C LEU C 336 -32.47 -26.90 23.44
N HIS C 337 -32.07 -27.15 24.69
CA HIS C 337 -32.73 -28.14 25.52
C HIS C 337 -34.14 -27.72 25.94
N TYR C 338 -34.32 -26.43 26.18
CA TYR C 338 -35.64 -25.90 26.47
C TYR C 338 -36.66 -26.22 25.35
N LEU C 339 -36.20 -26.03 24.11
CA LEU C 339 -37.07 -26.07 22.93
C LEU C 339 -37.45 -27.50 22.59
N GLN C 340 -36.86 -28.45 23.30
CA GLN C 340 -37.21 -29.85 23.11
C GLN C 340 -38.61 -30.13 23.59
N LYS C 341 -39.25 -29.12 24.17
CA LYS C 341 -40.65 -29.17 24.52
C LYS C 341 -41.56 -29.32 23.29
N TYR C 342 -41.04 -28.92 22.11
CA TYR C 342 -41.76 -29.06 20.83
C TYR C 342 -41.37 -30.32 20.07
N GLY C 343 -40.58 -31.15 20.72
CA GLY C 343 -40.06 -32.33 20.09
C GLY C 343 -38.62 -32.11 19.70
N ASN C 344 -37.94 -33.19 19.37
CA ASN C 344 -36.60 -33.11 18.84
C ASN C 344 -36.69 -32.68 17.39
N ILE C 345 -37.11 -31.45 17.20
CA ILE C 345 -37.25 -30.87 15.87
C ILE C 345 -35.89 -30.52 15.27
N ASP C 346 -35.84 -30.37 13.95
CA ASP C 346 -34.63 -29.92 13.28
C ASP C 346 -34.42 -28.46 13.54
N ILE C 347 -33.20 -28.12 13.98
CA ILE C 347 -32.85 -26.74 14.32
C ILE C 347 -31.55 -26.32 13.64
N TYR C 348 -31.60 -25.18 12.95
CA TYR C 348 -30.39 -24.53 12.49
C TYR C 348 -30.20 -23.28 13.32
N ILE C 349 -28.95 -23.04 13.73
CA ILE C 349 -28.54 -21.77 14.32
C ILE C 349 -28.32 -20.84 13.13
N THR C 350 -29.33 -20.03 12.84
CA THR C 350 -29.36 -19.26 11.61
C THR C 350 -28.77 -17.87 11.85
N GLU C 351 -28.52 -17.54 13.12
CA GLU C 351 -27.64 -16.42 13.52
C GLU C 351 -26.91 -16.70 14.83
N ASN C 352 -25.62 -16.40 14.87
CA ASN C 352 -24.87 -16.28 16.11
C ASN C 352 -23.57 -15.56 15.78
N GLY C 353 -23.31 -14.47 16.49
CA GLY C 353 -22.01 -13.80 16.41
C GLY C 353 -21.89 -12.68 17.42
N ALA C 354 -20.96 -11.76 17.18
CA ALA C 354 -20.59 -10.76 18.18
C ALA C 354 -20.27 -9.41 17.54
N CYS C 355 -20.68 -8.33 18.17
CA CYS C 355 -20.19 -7.04 17.77
C CYS C 355 -18.80 -6.80 18.39
N ILE C 356 -17.79 -6.90 17.52
CA ILE C 356 -16.40 -6.66 17.89
C ILE C 356 -15.89 -5.68 16.83
N ASN C 357 -15.49 -4.49 17.26
CA ASN C 357 -15.38 -3.37 16.35
C ASN C 357 -13.98 -3.11 15.82
N ASP C 358 -13.11 -4.11 15.95
CA ASP C 358 -11.74 -4.00 15.46
C ASP C 358 -11.73 -3.59 13.97
N GLU C 359 -10.68 -2.87 13.59
CA GLU C 359 -10.55 -2.34 12.25
C GLU C 359 -9.22 -2.82 11.68
N VAL C 360 -8.94 -2.43 10.44
CA VAL C 360 -7.74 -2.90 9.75
C VAL C 360 -6.47 -2.20 10.23
N VAL C 361 -5.55 -2.98 10.79
CA VAL C 361 -4.28 -2.46 11.29
C VAL C 361 -3.20 -3.33 10.69
N ASN C 362 -2.33 -2.71 9.91
CA ASN C 362 -1.28 -3.44 9.21
C ASN C 362 -1.88 -4.55 8.36
N GLY C 363 -2.97 -4.22 7.67
CA GLY C 363 -3.53 -5.10 6.68
C GLY C 363 -4.37 -6.22 7.21
N LYS C 364 -4.53 -6.30 8.54
CA LYS C 364 -5.42 -7.29 9.10
C LYS C 364 -6.30 -6.74 10.18
N VAL C 365 -7.36 -7.50 10.46
CA VAL C 365 -8.30 -7.18 11.53
C VAL C 365 -8.12 -8.29 12.57
N GLN C 366 -7.49 -7.96 13.68
CA GLN C 366 -7.09 -8.96 14.67
C GLN C 366 -8.21 -9.16 15.67
N ASP C 367 -9.31 -9.73 15.20
CA ASP C 367 -10.53 -9.82 15.99
C ASP C 367 -10.58 -11.13 16.80
N ASP C 368 -9.60 -11.23 17.71
CA ASP C 368 -9.48 -12.38 18.61
C ASP C 368 -10.71 -12.61 19.49
N ARG C 369 -11.36 -11.52 19.87
CA ARG C 369 -12.57 -11.61 20.67
C ARG C 369 -13.70 -12.26 19.90
N ARG C 370 -13.73 -12.08 18.57
CA ARG C 370 -14.75 -12.75 17.76
C ARG C 370 -14.47 -14.25 17.64
N ILE C 371 -13.22 -14.60 17.42
CA ILE C 371 -12.81 -16.01 17.43
C ILE C 371 -13.17 -16.67 18.77
N SER C 372 -12.98 -15.92 19.85
CA SER C 372 -13.24 -16.39 21.21
C SER C 372 -14.73 -16.67 21.39
N TYR C 373 -15.55 -15.67 21.10
CA TYR C 373 -17.00 -15.78 21.17
C TYR C 373 -17.50 -17.01 20.38
N MET C 374 -17.05 -17.12 19.14
CA MET C 374 -17.54 -18.14 18.22
C MET C 374 -17.19 -19.54 18.67
N GLN C 375 -15.93 -19.69 19.02
CA GLN C 375 -15.39 -20.90 19.62
C GLN C 375 -16.18 -21.39 20.86
N GLN C 376 -16.57 -20.46 21.73
CA GLN C 376 -17.42 -20.81 22.87
C GLN C 376 -18.80 -21.31 22.49
N HIS C 377 -19.39 -20.71 21.45
CA HIS C 377 -20.75 -21.07 21.07
C HIS C 377 -20.83 -22.32 20.22
N LEU C 378 -19.76 -22.59 19.48
CA LEU C 378 -19.62 -23.81 18.70
C LEU C 378 -19.40 -25.04 19.58
N VAL C 379 -18.77 -24.83 20.75
CA VAL C 379 -18.70 -25.89 21.75
C VAL C 379 -20.09 -26.26 22.23
N GLN C 380 -20.91 -25.26 22.52
CA GLN C 380 -22.29 -25.52 22.91
C GLN C 380 -23.08 -26.28 21.83
N VAL C 381 -22.75 -26.03 20.56
CA VAL C 381 -23.46 -26.67 19.44
C VAL C 381 -23.09 -28.15 19.40
N HIS C 382 -21.80 -28.44 19.46
CA HIS C 382 -21.30 -29.82 19.46
C HIS C 382 -21.94 -30.59 20.64
N ARG C 383 -22.00 -29.90 21.75
CA ARG C 383 -22.51 -30.40 23.02
C ARG C 383 -23.96 -30.85 22.88
N THR C 384 -24.81 -30.02 22.29
CA THR C 384 -26.21 -30.38 22.06
C THR C 384 -26.38 -31.52 21.05
N ILE C 385 -25.58 -31.48 19.97
CA ILE C 385 -25.55 -32.57 19.00
C ILE C 385 -25.21 -33.87 19.70
N HIS C 386 -24.22 -33.82 20.59
CA HIS C 386 -23.88 -34.99 21.39
C HIS C 386 -24.81 -35.35 22.54
N ASP C 387 -25.73 -34.44 22.87
CA ASP C 387 -26.92 -34.81 23.62
C ASP C 387 -28.04 -35.41 22.78
N GLY C 388 -27.81 -35.53 21.47
CA GLY C 388 -28.78 -36.17 20.59
C GLY C 388 -29.84 -35.23 20.03
N LEU C 389 -29.61 -33.93 20.16
CA LEU C 389 -30.52 -32.96 19.60
C LEU C 389 -30.19 -32.72 18.12
N HIS C 390 -31.23 -32.50 17.33
CA HIS C 390 -31.10 -32.39 15.88
C HIS C 390 -30.75 -30.99 15.45
N VAL C 391 -29.55 -30.57 15.81
CA VAL C 391 -29.04 -29.27 15.42
C VAL C 391 -28.20 -29.48 14.16
N LYS C 392 -28.60 -28.79 13.09
CA LYS C 392 -28.31 -29.24 11.74
C LYS C 392 -27.24 -28.38 11.09
N GLY C 393 -27.11 -27.16 11.58
CA GLY C 393 -26.08 -26.30 11.05
C GLY C 393 -25.98 -25.04 11.87
N TYR C 394 -25.10 -24.16 11.40
CA TYR C 394 -24.70 -22.95 12.10
C TYR C 394 -24.34 -21.91 11.04
N MET C 395 -24.94 -20.75 11.15
CA MET C 395 -24.62 -19.63 10.28
C MET C 395 -24.07 -18.48 11.11
N ALA C 396 -22.85 -18.07 10.80
CA ALA C 396 -22.22 -16.98 11.50
C ALA C 396 -22.87 -15.66 11.09
N TRP C 397 -23.31 -14.88 12.09
CA TRP C 397 -23.80 -13.53 11.82
C TRP C 397 -22.82 -12.57 11.76
N SER C 398 -22.78 -12.70 10.57
CA SER C 398 -22.41 -11.85 9.72
C SER C 398 -21.24 -12.04 8.76
N LEU C 399 -21.55 -12.24 7.47
CA LEU C 399 -20.52 -12.36 6.45
C LEU C 399 -19.70 -11.07 6.46
N LEU C 400 -20.41 -9.98 6.58
CA LEU C 400 -19.87 -8.68 6.26
C LEU C 400 -20.23 -7.76 7.39
N ASP C 401 -19.37 -6.83 7.73
CA ASP C 401 -19.80 -5.66 8.50
C ASP C 401 -20.89 -4.98 7.70
N ASN C 402 -21.97 -4.58 8.37
CA ASN C 402 -23.10 -4.04 7.67
C ASN C 402 -23.90 -3.05 8.49
N PHE C 403 -25.11 -2.72 8.00
CA PHE C 403 -26.00 -1.77 8.62
C PHE C 403 -26.75 -2.43 9.77
N GLU C 404 -26.30 -2.17 11.00
CA GLU C 404 -26.84 -2.85 12.18
C GLU C 404 -28.07 -2.13 12.74
N TRP C 405 -29.07 -1.99 11.88
CA TRP C 405 -30.36 -1.42 12.24
C TRP C 405 -30.23 -0.09 12.98
N ALA C 406 -30.78 0.03 14.20
CA ALA C 406 -30.76 1.31 14.90
C ALA C 406 -29.36 1.79 15.33
N GLU C 407 -28.38 0.88 15.27
CA GLU C 407 -26.99 1.21 15.54
C GLU C 407 -26.27 1.87 14.37
N GLY C 408 -26.84 1.69 13.18
CA GLY C 408 -26.13 2.01 11.95
C GLY C 408 -24.91 1.13 11.72
N TYR C 409 -23.87 1.74 11.17
CA TYR C 409 -22.66 1.03 10.75
C TYR C 409 -21.63 0.96 11.89
N ASN C 410 -21.98 1.56 13.02
CA ASN C 410 -21.11 1.66 14.19
C ASN C 410 -20.74 0.31 14.77
N MET C 411 -21.68 -0.62 14.71
CA MET C 411 -21.54 -1.90 15.36
C MET C 411 -21.26 -2.96 14.32
N ARG C 412 -20.03 -3.46 14.33
CA ARG C 412 -19.53 -4.44 13.37
C ARG C 412 -19.68 -5.89 13.84
N PHE C 413 -20.31 -6.70 12.99
CA PHE C 413 -20.57 -8.10 13.27
C PHE C 413 -19.88 -9.02 12.30
N GLY C 414 -19.17 -8.46 11.33
CA GLY C 414 -18.79 -9.25 10.18
C GLY C 414 -17.56 -10.09 10.44
N MET C 415 -17.43 -11.18 9.70
CA MET C 415 -16.14 -11.85 9.63
C MET C 415 -15.29 -11.26 8.51
N ILE C 416 -15.92 -10.44 7.68
CA ILE C 416 -15.19 -9.65 6.70
C ILE C 416 -15.45 -8.18 6.96
N HIS C 417 -14.36 -7.47 7.24
CA HIS C 417 -14.36 -6.03 7.37
C HIS C 417 -14.74 -5.35 6.05
N VAL C 418 -15.64 -4.38 6.13
CA VAL C 418 -15.97 -3.53 4.99
C VAL C 418 -15.68 -2.08 5.38
N ASP C 419 -14.80 -1.45 4.62
CA ASP C 419 -14.60 -0.02 4.78
C ASP C 419 -15.68 0.67 3.97
N PHE C 420 -16.69 1.18 4.66
CA PHE C 420 -17.82 1.83 4.00
C PHE C 420 -17.41 3.10 3.25
N ARG C 421 -16.18 3.56 3.47
CA ARG C 421 -15.61 4.64 2.66
C ARG C 421 -15.32 4.14 1.24
N THR C 422 -14.78 2.93 1.16
CA THR C 422 -14.18 2.45 -0.08
C THR C 422 -14.94 1.28 -0.67
N GLN C 423 -15.78 0.67 0.17
CA GLN C 423 -16.37 -0.66 -0.05
C GLN C 423 -15.38 -1.82 -0.11
N VAL C 424 -14.12 -1.54 0.22
CA VAL C 424 -13.11 -2.59 0.31
C VAL C 424 -13.40 -3.63 1.39
N ARG C 425 -13.27 -4.90 0.99
CA ARG C 425 -13.46 -6.06 1.85
C ARG C 425 -12.12 -6.52 2.40
N THR C 426 -12.00 -6.65 3.73
CA THR C 426 -10.83 -7.29 4.35
C THR C 426 -11.28 -8.39 5.29
N PRO C 427 -11.18 -9.66 4.84
CA PRO C 427 -11.50 -10.80 5.72
C PRO C 427 -10.69 -10.70 7.02
N LYS C 428 -11.42 -10.72 8.14
CA LYS C 428 -10.84 -10.61 9.47
C LYS C 428 -10.15 -11.91 9.90
N GLU C 429 -9.43 -11.88 11.01
CA GLU C 429 -8.71 -13.08 11.46
C GLU C 429 -9.66 -14.21 11.84
N SER C 430 -10.90 -13.85 12.19
CA SER C 430 -11.95 -14.84 12.47
C SER C 430 -12.41 -15.60 11.22
N TYR C 431 -12.33 -14.92 10.09
CA TYR C 431 -12.62 -15.51 8.78
C TYR C 431 -11.71 -16.73 8.52
N TYR C 432 -10.42 -16.54 8.70
CA TYR C 432 -9.46 -17.60 8.42
C TYR C 432 -9.54 -18.71 9.48
N TRP C 433 -9.95 -18.33 10.70
CA TRP C 433 -10.19 -19.27 11.77
C TRP C 433 -11.43 -20.10 11.43
N TYR C 434 -12.48 -19.42 11.00
CA TYR C 434 -13.72 -20.11 10.65
C TYR C 434 -13.50 -21.02 9.43
N ARG C 435 -12.71 -20.54 8.46
CA ARG C 435 -12.36 -21.32 7.27
C ARG C 435 -11.82 -22.69 7.66
N ASN C 436 -10.90 -22.69 8.63
CA ASN C 436 -10.32 -23.91 9.20
C ASN C 436 -11.35 -24.82 9.87
N VAL C 437 -12.22 -24.24 10.68
CA VAL C 437 -13.24 -25.03 11.36
C VAL C 437 -14.20 -25.68 10.36
N VAL C 438 -14.76 -24.88 9.44
CA VAL C 438 -15.78 -25.38 8.52
C VAL C 438 -15.19 -26.32 7.48
N SER C 439 -13.93 -26.13 7.13
CA SER C 439 -13.23 -27.05 6.22
C SER C 439 -12.76 -28.36 6.88
N ASN C 440 -12.20 -28.28 8.09
CA ASN C 440 -11.87 -29.51 8.81
C ASN C 440 -13.13 -30.19 9.35
N ASN C 441 -14.14 -29.40 9.65
CA ASN C 441 -15.36 -29.93 10.24
C ASN C 441 -15.13 -30.49 11.67
N TRP C 442 -14.07 -30.00 12.30
CA TRP C 442 -13.93 -30.13 13.75
C TRP C 442 -13.27 -28.86 14.32
N LEU C 443 -13.60 -28.60 15.59
CA LEU C 443 -13.06 -27.47 16.34
C LEU C 443 -12.09 -28.01 17.44
N GLU C 444 -11.04 -27.23 17.72
CA GLU C 444 -10.18 -27.49 18.87
C GLU C 444 -10.01 -26.28 19.80
N THR C 445 -10.33 -26.47 21.08
CA THR C 445 -9.98 -25.48 22.08
C THR C 445 -8.60 -25.84 22.68
N ARG C 446 -7.74 -24.85 22.78
CA ARG C 446 -6.40 -25.02 23.32
C ARG C 446 -6.15 -23.87 24.30
N ARG C 447 -5.20 -24.06 25.22
CA ARG C 447 -4.65 -22.94 25.99
C ARG C 447 -3.37 -22.39 25.32
N THR D 1 -28.41 17.84 19.55
CA THR D 1 -29.50 18.65 18.95
C THR D 1 -29.54 18.34 17.45
N ILE D 2 -30.75 18.11 16.94
CA ILE D 2 -30.97 17.84 15.53
C ILE D 2 -31.41 19.09 14.83
N PHE D 3 -30.67 19.45 13.78
CA PHE D 3 -30.98 20.62 12.96
C PHE D 3 -31.40 20.19 11.56
N GLN D 4 -32.70 20.18 11.32
CA GLN D 4 -33.26 19.82 10.03
C GLN D 4 -33.21 21.02 9.08
N PHE D 5 -32.61 20.84 7.91
CA PHE D 5 -32.55 21.89 6.90
C PHE D 5 -33.74 21.85 5.92
N PRO D 6 -34.02 22.99 5.26
CA PRO D 6 -35.12 23.03 4.27
C PRO D 6 -34.91 22.05 3.10
N GLN D 7 -36.03 21.52 2.63
CA GLN D 7 -36.09 20.51 1.58
C GLN D 7 -35.24 20.88 0.39
N ASP D 8 -35.30 22.15 0.02
CA ASP D 8 -34.63 22.57 -1.18
C ASP D 8 -33.36 23.37 -0.89
N PHE D 9 -32.78 23.13 0.29
CA PHE D 9 -31.50 23.73 0.66
C PHE D 9 -30.40 23.24 -0.26
N MET D 10 -29.55 24.16 -0.70
CA MET D 10 -28.52 23.86 -1.68
C MET D 10 -27.16 23.66 -1.03
N TRP D 11 -26.70 22.41 -0.95
CA TRP D 11 -25.37 22.07 -0.42
C TRP D 11 -24.31 22.04 -1.54
N GLY D 12 -23.11 22.52 -1.23
CA GLY D 12 -22.04 22.56 -2.21
C GLY D 12 -20.62 22.52 -1.66
N THR D 13 -19.66 22.64 -2.58
CA THR D 13 -18.27 22.96 -2.27
C THR D 13 -17.87 24.01 -3.29
N ALA D 14 -16.72 24.62 -3.08
CA ALA D 14 -16.28 25.73 -3.93
C ALA D 14 -14.78 25.64 -4.20
N THR D 15 -14.41 26.05 -5.41
CA THR D 15 -13.02 26.24 -5.80
C THR D 15 -12.90 27.55 -6.57
N ALA D 16 -11.66 27.95 -6.84
CA ALA D 16 -11.39 28.97 -7.86
C ALA D 16 -10.41 28.40 -8.87
N ALA D 17 -10.38 29.02 -10.05
CA ALA D 17 -9.64 28.52 -11.21
C ALA D 17 -8.13 28.45 -10.94
N TYR D 18 -7.52 29.57 -10.56
CA TYR D 18 -6.07 29.65 -10.42
C TYR D 18 -5.57 28.82 -9.24
N GLN D 19 -6.46 28.51 -8.30
CA GLN D 19 -6.08 27.73 -7.12
C GLN D 19 -6.01 26.21 -7.40
N ILE D 20 -6.83 25.74 -8.33
CA ILE D 20 -6.93 24.32 -8.63
C ILE D 20 -6.45 23.86 -10.02
N GLU D 21 -6.56 24.72 -11.04
CA GLU D 21 -6.39 24.28 -12.43
C GLU D 21 -4.93 24.05 -12.77
N GLY D 22 -4.64 22.90 -13.36
CA GLY D 22 -3.24 22.52 -13.39
C GLY D 22 -2.36 22.78 -14.60
N ALA D 23 -2.51 23.94 -15.26
CA ALA D 23 -2.04 24.03 -16.64
C ALA D 23 -2.02 25.45 -17.14
N TYR D 24 -1.12 26.25 -16.57
CA TYR D 24 -1.18 27.71 -16.71
C TYR D 24 -0.73 28.21 -18.08
N GLN D 25 0.02 27.38 -18.79
CA GLN D 25 0.49 27.72 -20.13
C GLN D 25 -0.24 26.95 -21.23
N GLU D 26 -1.20 26.13 -20.84
CA GLU D 26 -1.78 25.15 -21.75
C GLU D 26 -2.91 25.76 -22.58
N ASP D 27 -3.01 25.30 -23.83
CA ASP D 27 -4.10 25.69 -24.73
C ASP D 27 -4.24 27.18 -24.91
N GLY D 28 -3.10 27.86 -24.96
CA GLY D 28 -3.09 29.29 -25.19
C GLY D 28 -3.60 30.17 -24.06
N ARG D 29 -3.68 29.63 -22.85
CA ARG D 29 -3.96 30.45 -21.68
C ARG D 29 -2.94 31.58 -21.59
N GLY D 30 -3.45 32.81 -21.47
CA GLY D 30 -2.58 33.92 -21.15
C GLY D 30 -2.27 33.98 -19.67
N LEU D 31 -1.27 34.77 -19.32
CA LEU D 31 -0.90 35.01 -17.92
C LEU D 31 -1.87 35.95 -17.22
N SER D 32 -2.29 35.56 -16.00
CA SER D 32 -2.97 36.50 -15.10
C SER D 32 -1.98 37.26 -14.21
N ILE D 33 -2.50 38.30 -13.56
CA ILE D 33 -1.75 39.06 -12.56
C ILE D 33 -1.26 38.20 -11.37
N TRP D 34 -1.92 37.07 -11.18
CA TRP D 34 -1.53 36.13 -10.14
C TRP D 34 -0.40 35.17 -10.54
N ASP D 35 -0.28 34.88 -11.85
CA ASP D 35 0.88 34.15 -12.35
C ASP D 35 2.08 35.05 -12.10
N THR D 36 1.94 36.29 -12.55
CA THR D 36 2.95 37.32 -12.37
C THR D 36 3.34 37.50 -10.91
N PHE D 37 2.35 37.65 -10.04
CA PHE D 37 2.56 37.83 -8.61
C PHE D 37 3.29 36.64 -8.02
N ALA D 38 2.73 35.46 -8.26
CA ALA D 38 3.32 34.23 -7.73
C ALA D 38 4.74 33.95 -8.26
N HIS D 39 5.06 34.50 -9.44
CA HIS D 39 6.37 34.29 -10.04
C HIS D 39 7.40 35.33 -9.58
N THR D 40 6.97 36.26 -8.73
CA THR D 40 7.85 37.29 -8.16
C THR D 40 8.36 36.84 -6.78
N PRO D 41 9.70 36.81 -6.60
CA PRO D 41 10.29 36.41 -5.31
C PRO D 41 9.78 37.29 -4.15
N GLY D 42 9.33 36.63 -3.08
CA GLY D 42 8.86 37.36 -1.93
C GLY D 42 7.37 37.57 -1.81
N LYS D 43 6.61 37.31 -2.87
CA LYS D 43 5.18 37.59 -2.86
C LYS D 43 4.36 36.48 -2.25
N VAL D 44 4.76 35.24 -2.54
CA VAL D 44 4.02 34.07 -2.07
C VAL D 44 4.96 33.15 -1.29
N PHE D 45 4.43 32.57 -0.22
CA PHE D 45 5.21 31.76 0.67
C PHE D 45 5.90 30.63 -0.10
N ASN D 46 7.22 30.58 0.03
CA ASN D 46 8.03 29.50 -0.49
C ASN D 46 8.19 29.56 -2.02
N GLY D 47 7.66 30.63 -2.62
CA GLY D 47 7.69 30.74 -4.07
C GLY D 47 6.72 29.81 -4.76
N ASP D 48 5.73 29.32 -4.02
CA ASP D 48 4.67 28.52 -4.58
C ASP D 48 3.95 29.33 -5.65
N ASN D 49 3.38 28.65 -6.65
CA ASN D 49 2.50 29.29 -7.63
C ASN D 49 1.46 28.27 -8.11
N GLY D 50 0.53 28.75 -8.92
CA GLY D 50 -0.50 27.87 -9.46
C GLY D 50 -0.17 27.25 -10.81
N ASN D 51 1.12 27.13 -11.16
CA ASN D 51 1.50 26.50 -12.44
C ASN D 51 0.82 25.14 -12.61
N VAL D 52 0.90 24.31 -11.56
CA VAL D 52 0.31 22.97 -11.59
C VAL D 52 -0.90 22.82 -10.62
N ALA D 53 -0.83 23.50 -9.47
CA ALA D 53 -1.90 23.44 -8.46
C ALA D 53 -2.43 22.02 -8.26
N CYS D 54 -3.73 21.79 -8.47
CA CYS D 54 -4.31 20.44 -8.35
C CYS D 54 -4.45 19.70 -9.69
N ASP D 55 -3.90 20.32 -10.74
CA ASP D 55 -4.04 19.78 -12.09
C ASP D 55 -5.50 19.50 -12.44
N SER D 56 -6.38 20.37 -12.00
CA SER D 56 -7.79 20.16 -12.22
C SER D 56 -8.19 20.48 -13.65
N TYR D 57 -7.26 21.09 -14.39
CA TYR D 57 -7.40 21.20 -15.84
C TYR D 57 -7.49 19.83 -16.48
N HIS D 58 -6.83 18.85 -15.87
CA HIS D 58 -6.77 17.49 -16.38
C HIS D 58 -7.53 16.48 -15.54
N ARG D 59 -7.72 16.75 -14.25
CA ARG D 59 -8.28 15.74 -13.33
C ARG D 59 -9.69 16.04 -12.85
N TYR D 60 -10.38 16.91 -13.59
CA TYR D 60 -11.70 17.38 -13.23
C TYR D 60 -12.73 16.26 -13.21
N GLU D 61 -12.55 15.23 -14.01
CA GLU D 61 -13.55 14.16 -14.06
C GLU D 61 -13.55 13.36 -12.76
N GLU D 62 -12.37 13.12 -12.19
CA GLU D 62 -12.22 12.41 -10.93
C GLU D 62 -12.78 13.24 -9.78
N ASP D 63 -12.53 14.55 -9.83
CA ASP D 63 -13.09 15.47 -8.84
C ASP D 63 -14.59 15.53 -8.88
N ILE D 64 -15.15 15.55 -10.09
CA ILE D 64 -16.61 15.49 -10.27
C ILE D 64 -17.18 14.13 -9.82
N ARG D 65 -16.39 13.07 -9.94
CA ARG D 65 -16.84 11.78 -9.45
C ARG D 65 -16.88 11.77 -7.92
N LEU D 66 -15.84 12.37 -7.33
CA LEU D 66 -15.75 12.56 -5.89
C LEU D 66 -16.84 13.45 -5.34
N MET D 67 -17.13 14.56 -5.99
CA MET D 67 -18.20 15.42 -5.49
C MET D 67 -19.60 14.93 -5.82
N LYS D 68 -19.67 13.90 -6.65
CA LYS D 68 -20.91 13.17 -6.87
C LYS D 68 -21.18 12.19 -5.72
N GLU D 69 -20.14 11.49 -5.26
CA GLU D 69 -20.27 10.60 -4.11
C GLU D 69 -20.58 11.37 -2.83
N LEU D 70 -20.12 12.61 -2.77
CA LEU D 70 -20.44 13.52 -1.68
C LEU D 70 -21.93 13.68 -1.47
N GLY D 71 -22.72 13.62 -2.54
CA GLY D 71 -24.16 13.80 -2.43
C GLY D 71 -24.57 15.27 -2.51
N ILE D 72 -23.66 16.05 -3.08
CA ILE D 72 -23.74 17.51 -3.20
C ILE D 72 -24.68 17.93 -4.37
N ARG D 73 -25.28 19.12 -4.28
CA ARG D 73 -26.18 19.61 -5.33
C ARG D 73 -25.66 20.73 -6.25
N THR D 74 -24.72 21.54 -5.76
CA THR D 74 -24.04 22.54 -6.58
C THR D 74 -22.54 22.37 -6.48
N TYR D 75 -21.85 23.03 -7.38
CA TYR D 75 -20.41 23.18 -7.31
C TYR D 75 -20.10 24.61 -7.73
N ARG D 76 -19.50 25.39 -6.82
CA ARG D 76 -18.99 26.71 -7.20
C ARG D 76 -17.56 26.60 -7.71
N PHE D 77 -17.36 27.14 -8.91
CA PHE D 77 -16.06 27.21 -9.51
C PHE D 77 -15.94 28.60 -10.13
N SER D 78 -14.71 29.05 -10.37
CA SER D 78 -14.50 30.23 -11.19
C SER D 78 -14.02 29.92 -12.62
N VAL D 79 -14.18 30.91 -13.50
CA VAL D 79 -13.66 30.82 -14.87
C VAL D 79 -12.33 31.57 -15.00
N SER D 80 -11.31 30.92 -15.55
CA SER D 80 -10.06 31.64 -15.88
C SER D 80 -10.29 32.59 -17.06
N TRP D 81 -10.41 33.86 -16.76
CA TRP D 81 -10.49 34.91 -17.78
C TRP D 81 -9.44 34.76 -18.89
N PRO D 82 -8.12 34.75 -18.54
CA PRO D 82 -7.10 34.66 -19.59
C PRO D 82 -7.02 33.32 -20.35
N ARG D 83 -7.91 32.39 -20.04
CA ARG D 83 -8.10 31.18 -20.85
C ARG D 83 -9.05 31.52 -22.01
N ILE D 84 -10.00 32.43 -21.74
CA ILE D 84 -11.07 32.76 -22.68
C ILE D 84 -10.62 33.93 -23.54
N PHE D 85 -10.09 34.97 -22.90
CA PHE D 85 -9.45 36.06 -23.59
C PHE D 85 -8.02 36.20 -23.14
N PRO D 86 -7.11 35.44 -23.77
CA PRO D 86 -5.70 35.38 -23.37
C PRO D 86 -5.00 36.72 -23.29
N ASN D 87 -5.59 37.75 -23.87
CA ASN D 87 -5.11 39.11 -23.64
C ASN D 87 -6.08 39.95 -22.77
N GLY D 88 -7.32 39.48 -22.59
CA GLY D 88 -8.31 40.24 -21.85
C GLY D 88 -9.28 40.93 -22.77
N ASP D 89 -8.77 41.34 -23.93
CA ASP D 89 -9.50 42.15 -24.89
C ASP D 89 -9.89 41.41 -26.18
N GLY D 90 -8.95 40.64 -26.73
CA GLY D 90 -8.96 40.33 -28.15
C GLY D 90 -9.95 39.28 -28.58
N GLU D 91 -9.43 38.24 -29.21
CA GLU D 91 -10.26 37.21 -29.80
C GLU D 91 -10.43 36.08 -28.80
N VAL D 92 -11.59 35.44 -28.83
CA VAL D 92 -11.92 34.37 -27.91
C VAL D 92 -11.05 33.17 -28.20
N ASN D 93 -10.70 32.45 -27.14
CA ASN D 93 -10.02 31.19 -27.26
C ASN D 93 -11.08 30.08 -27.07
N GLN D 94 -11.31 29.32 -28.13
CA GLN D 94 -12.31 28.28 -28.11
C GLN D 94 -11.87 27.11 -27.23
N LYS D 95 -10.45 27.06 -27.04
CA LYS D 95 -10.00 25.92 -26.23
C LYS D 95 -10.32 26.15 -24.75
N GLY D 96 -10.15 27.36 -24.47
CA GLY D 96 -10.58 27.73 -23.18
C GLY D 96 -12.04 27.47 -22.87
N LEU D 97 -12.92 27.88 -23.79
CA LEU D 97 -14.35 27.61 -23.66
C LEU D 97 -14.67 26.12 -23.57
N ASP D 98 -13.96 25.33 -24.37
CA ASP D 98 -14.22 23.91 -24.46
C ASP D 98 -13.99 23.20 -23.15
N TYR D 99 -12.94 23.62 -22.44
CA TYR D 99 -12.63 23.07 -21.13
C TYR D 99 -13.81 23.22 -20.15
N TYR D 100 -14.33 24.45 -20.06
CA TYR D 100 -15.46 24.72 -19.20
C TYR D 100 -16.76 24.05 -19.67
N HIS D 101 -16.86 23.81 -20.98
CA HIS D 101 -17.94 22.99 -21.50
C HIS D 101 -17.77 21.55 -21.06
N ARG D 102 -16.54 21.04 -21.05
CA ARG D 102 -16.30 19.69 -20.55
C ARG D 102 -16.63 19.55 -19.08
N VAL D 103 -16.22 20.54 -18.29
CA VAL D 103 -16.56 20.59 -16.86
C VAL D 103 -18.07 20.70 -16.59
N VAL D 104 -18.72 21.68 -17.21
CA VAL D 104 -20.13 21.93 -16.96
C VAL D 104 -21.02 20.76 -17.41
N ASP D 105 -20.70 20.17 -18.55
CA ASP D 105 -21.52 19.08 -19.09
C ASP D 105 -21.47 17.91 -18.16
N LEU D 106 -20.26 17.60 -17.69
CA LEU D 106 -20.03 16.59 -16.66
C LEU D 106 -20.84 16.86 -15.39
N LEU D 107 -20.81 18.11 -14.89
CA LEU D 107 -21.55 18.49 -13.71
C LEU D 107 -23.03 18.27 -13.94
N ASN D 108 -23.52 18.79 -15.05
CA ASN D 108 -24.92 18.69 -15.41
C ASN D 108 -25.35 17.24 -15.64
N ASP D 109 -24.46 16.45 -16.23
CA ASP D 109 -24.68 15.02 -16.36
C ASP D 109 -24.84 14.35 -15.01
N ASN D 110 -24.16 14.89 -14.00
CA ASN D 110 -24.19 14.28 -12.66
C ASN D 110 -25.17 14.91 -11.70
N GLY D 111 -26.01 15.81 -12.21
CA GLY D 111 -27.06 16.38 -11.38
C GLY D 111 -26.57 17.43 -10.41
N ILE D 112 -25.36 17.95 -10.69
CA ILE D 112 -24.74 19.00 -9.88
C ILE D 112 -24.87 20.32 -10.61
N GLU D 113 -25.60 21.27 -10.02
CA GLU D 113 -25.78 22.60 -10.60
C GLU D 113 -24.52 23.46 -10.53
N PRO D 114 -23.98 23.86 -11.69
CA PRO D 114 -22.89 24.84 -11.71
C PRO D 114 -23.30 26.18 -11.06
N PHE D 115 -22.43 26.67 -10.19
CA PHE D 115 -22.54 27.99 -9.57
C PHE D 115 -21.28 28.71 -9.99
N CYS D 116 -21.41 29.55 -11.02
CA CYS D 116 -20.25 30.08 -11.72
C CYS D 116 -19.86 31.47 -11.21
N THR D 117 -18.60 31.60 -10.83
CA THR D 117 -17.97 32.89 -10.53
C THR D 117 -17.14 33.33 -11.72
N LEU D 118 -17.54 34.45 -12.32
CA LEU D 118 -16.86 34.99 -13.51
C LEU D 118 -15.49 35.53 -13.14
N TYR D 119 -15.45 36.36 -12.10
CA TYR D 119 -14.18 36.91 -11.66
C TYR D 119 -13.74 36.45 -10.26
N HIS D 120 -12.73 35.59 -10.26
CA HIS D 120 -12.04 35.20 -9.04
C HIS D 120 -10.53 35.46 -9.14
N TRP D 121 -10.21 36.70 -9.53
CA TRP D 121 -8.93 37.38 -9.21
C TRP D 121 -7.86 37.28 -10.31
N ASP D 122 -8.12 36.46 -11.33
CA ASP D 122 -7.16 36.27 -12.40
C ASP D 122 -7.38 37.23 -13.58
N LEU D 123 -7.06 38.50 -13.34
CA LEU D 123 -7.08 39.50 -14.38
C LEU D 123 -5.96 39.18 -15.36
N PRO D 124 -6.26 39.19 -16.68
CA PRO D 124 -5.21 39.08 -17.68
C PRO D 124 -4.14 40.14 -17.46
N GLN D 125 -2.88 39.70 -17.43
CA GLN D 125 -1.74 40.59 -17.20
C GLN D 125 -1.71 41.74 -18.20
N ALA D 126 -2.15 41.44 -19.42
CA ALA D 126 -2.24 42.41 -20.54
C ALA D 126 -3.04 43.65 -20.14
N LEU D 127 -4.16 43.42 -19.48
CA LEU D 127 -4.99 44.51 -18.98
C LEU D 127 -4.35 45.22 -17.80
N GLN D 128 -3.59 44.49 -16.98
CA GLN D 128 -2.89 45.09 -15.86
C GLN D 128 -1.81 46.02 -16.38
N ASP D 129 -1.14 45.59 -17.44
CA ASP D 129 -0.18 46.44 -18.14
C ASP D 129 -0.80 47.78 -18.56
N ALA D 130 -2.10 47.76 -18.85
CA ALA D 130 -2.82 48.99 -19.20
C ALA D 130 -3.44 49.67 -17.97
N GLY D 131 -3.15 49.15 -16.78
CA GLY D 131 -3.62 49.77 -15.56
C GLY D 131 -4.65 48.94 -14.81
N GLY D 132 -5.04 47.80 -15.38
CA GLY D 132 -5.99 46.92 -14.73
C GLY D 132 -7.28 47.62 -14.36
N TRP D 133 -7.81 47.31 -13.19
CA TRP D 133 -9.10 47.82 -12.75
C TRP D 133 -9.07 49.31 -12.41
N GLY D 134 -7.87 49.88 -12.38
CA GLY D 134 -7.73 51.31 -12.30
C GLY D 134 -8.12 52.00 -13.59
N ASN D 135 -8.00 51.27 -14.71
CA ASN D 135 -8.44 51.73 -16.03
C ASN D 135 -9.88 51.33 -16.31
N ARG D 136 -10.70 52.29 -16.71
CA ARG D 136 -12.09 52.02 -17.09
C ARG D 136 -12.26 51.12 -18.34
N ARG D 137 -11.21 51.02 -19.14
CA ARG D 137 -11.23 50.13 -20.30
C ARG D 137 -11.42 48.68 -19.87
N THR D 138 -10.88 48.36 -18.70
CA THR D 138 -11.04 47.03 -18.10
C THR D 138 -12.52 46.70 -17.77
N ILE D 139 -13.32 47.71 -17.48
CA ILE D 139 -14.75 47.52 -17.33
C ILE D 139 -15.38 46.91 -18.61
N GLN D 140 -14.99 47.44 -19.78
CA GLN D 140 -15.48 46.95 -21.07
C GLN D 140 -14.95 45.55 -21.41
N ALA D 141 -13.65 45.34 -21.21
CA ALA D 141 -13.04 44.02 -21.33
C ALA D 141 -13.80 42.99 -20.47
N PHE D 142 -14.18 43.40 -19.26
CA PHE D 142 -14.96 42.53 -18.41
C PHE D 142 -16.37 42.21 -18.93
N VAL D 143 -17.12 43.25 -19.32
CA VAL D 143 -18.46 43.03 -19.85
C VAL D 143 -18.47 42.09 -21.08
N GLN D 144 -17.47 42.26 -21.96
CA GLN D 144 -17.25 41.33 -23.07
C GLN D 144 -17.05 39.89 -22.60
N PHE D 145 -16.10 39.69 -21.69
CA PHE D 145 -15.88 38.39 -21.03
C PHE D 145 -17.20 37.80 -20.47
N ALA D 146 -17.91 38.62 -19.71
CA ALA D 146 -19.20 38.23 -19.15
C ALA D 146 -20.21 37.78 -20.20
N GLU D 147 -20.43 38.64 -21.22
CA GLU D 147 -21.27 38.32 -22.37
C GLU D 147 -20.93 36.96 -23.00
N THR D 148 -19.66 36.80 -23.31
CA THR D 148 -19.16 35.59 -23.93
C THR D 148 -19.58 34.35 -23.15
N MET D 149 -19.49 34.43 -21.81
CA MET D 149 -19.84 33.30 -20.94
C MET D 149 -21.34 33.14 -20.82
N PHE D 150 -22.06 34.26 -20.78
CA PHE D 150 -23.52 34.22 -20.75
C PHE D 150 -24.10 33.54 -21.98
N ARG D 151 -23.53 33.87 -23.14
CA ARG D 151 -24.01 33.31 -24.41
C ARG D 151 -23.56 31.88 -24.61
N GLU D 152 -22.29 31.59 -24.34
CA GLU D 152 -21.78 30.23 -24.46
C GLU D 152 -22.49 29.23 -23.55
N PHE D 153 -22.84 29.67 -22.35
CA PHE D 153 -23.27 28.73 -21.31
C PHE D 153 -24.70 28.91 -20.92
N HIS D 154 -25.44 29.55 -21.82
CA HIS D 154 -26.81 29.96 -21.58
C HIS D 154 -27.62 28.97 -20.78
N GLY D 155 -27.99 27.84 -21.37
CA GLY D 155 -28.90 26.97 -20.63
C GLY D 155 -28.22 26.01 -19.65
N LYS D 156 -26.90 26.12 -19.51
CA LYS D 156 -26.15 25.11 -18.78
C LYS D 156 -25.87 25.53 -17.33
N ILE D 157 -25.78 26.85 -17.11
CA ILE D 157 -25.47 27.42 -15.81
C ILE D 157 -26.66 28.28 -15.41
N GLN D 158 -27.17 28.04 -14.21
CA GLN D 158 -28.32 28.75 -13.68
C GLN D 158 -27.99 29.69 -12.51
N HIS D 159 -26.72 29.73 -12.11
CA HIS D 159 -26.29 30.50 -10.92
C HIS D 159 -24.97 31.16 -11.24
N TRP D 160 -24.95 32.48 -11.14
CA TRP D 160 -23.83 33.29 -11.61
C TRP D 160 -23.46 34.29 -10.54
N LEU D 161 -22.15 34.48 -10.33
CA LEU D 161 -21.65 35.60 -9.55
C LEU D 161 -20.70 36.37 -10.44
N THR D 162 -20.84 37.69 -10.43
CA THR D 162 -19.87 38.56 -11.07
C THR D 162 -18.48 38.52 -10.43
N PHE D 163 -18.40 38.94 -9.16
CA PHE D 163 -17.12 39.12 -8.46
C PHE D 163 -17.06 38.37 -7.13
N ASN D 164 -15.95 37.69 -6.90
CA ASN D 164 -15.67 37.08 -5.62
C ASN D 164 -14.82 38.03 -4.79
N GLU D 165 -15.37 38.47 -3.66
CA GLU D 165 -14.63 39.19 -2.62
C GLU D 165 -13.99 40.49 -3.08
N PRO D 166 -14.82 41.48 -3.42
CA PRO D 166 -14.40 42.81 -3.91
C PRO D 166 -13.42 43.50 -2.94
N TRP D 167 -13.59 43.26 -1.64
CA TRP D 167 -12.71 43.86 -0.63
C TRP D 167 -11.26 43.44 -0.87
N CYS D 168 -11.06 42.17 -1.15
CA CYS D 168 -9.73 41.65 -1.46
C CYS D 168 -9.19 42.17 -2.77
N ILE D 169 -10.00 42.10 -3.81
CA ILE D 169 -9.63 42.60 -5.14
C ILE D 169 -9.14 44.05 -5.08
N ALA D 170 -9.85 44.87 -4.33
CA ALA D 170 -9.52 46.29 -4.20
C ALA D 170 -8.50 46.61 -3.09
N PHE D 171 -8.88 46.34 -1.84
CA PHE D 171 -8.10 46.84 -0.70
C PHE D 171 -6.91 45.94 -0.32
N LEU D 172 -7.15 44.64 -0.18
CA LEU D 172 -6.05 43.71 0.08
C LEU D 172 -4.98 43.72 -1.06
N SER D 173 -5.46 43.87 -2.29
CA SER D 173 -4.57 43.83 -3.46
C SER D 173 -3.90 45.14 -3.82
N ASN D 174 -4.57 46.26 -3.56
CA ASN D 174 -4.10 47.55 -4.06
C ASN D 174 -3.77 48.57 -2.97
N MET D 175 -4.23 48.31 -1.75
CA MET D 175 -3.91 49.17 -0.60
C MET D 175 -2.86 48.48 0.29
N LEU D 176 -3.03 47.17 0.48
CA LEU D 176 -2.20 46.41 1.40
C LEU D 176 -1.12 45.62 0.69
N GLY D 177 -1.19 45.58 -0.64
CA GLY D 177 -0.16 44.91 -1.41
C GLY D 177 0.02 43.41 -1.16
N VAL D 178 -0.95 42.77 -0.52
CA VAL D 178 -0.80 41.38 -0.09
C VAL D 178 -1.13 40.40 -1.23
N HIS D 179 -2.09 40.83 -2.05
CA HIS D 179 -2.56 40.04 -3.18
C HIS D 179 -2.26 40.76 -4.49
N ALA D 180 -2.20 39.99 -5.58
CA ALA D 180 -1.99 40.58 -6.90
C ALA D 180 -3.06 41.65 -7.19
N PRO D 181 -2.65 42.83 -7.70
CA PRO D 181 -1.33 43.14 -8.26
C PRO D 181 -0.26 43.66 -7.25
N GLY D 182 -0.62 43.73 -5.98
CA GLY D 182 0.37 44.02 -4.94
C GLY D 182 0.70 45.48 -4.80
N LEU D 183 -0.30 46.34 -4.94
CA LEU D 183 -0.10 47.77 -4.83
C LEU D 183 -0.48 48.25 -3.42
N THR D 184 0.00 49.43 -3.06
CA THR D 184 -0.25 50.00 -1.74
C THR D 184 -0.58 51.47 -1.87
N ASN D 185 -1.78 51.77 -2.33
CA ASN D 185 -2.16 53.12 -2.66
C ASN D 185 -3.68 53.15 -2.53
N LEU D 186 -4.15 53.94 -1.58
CA LEU D 186 -5.57 53.98 -1.22
C LEU D 186 -6.42 54.35 -2.43
N GLN D 187 -6.01 55.42 -3.11
CA GLN D 187 -6.74 55.94 -4.26
C GLN D 187 -6.90 54.86 -5.34
N THR D 188 -5.83 54.13 -5.65
CA THR D 188 -5.88 53.00 -6.56
C THR D 188 -6.89 51.93 -6.10
N ALA D 189 -6.81 51.56 -4.82
CA ALA D 189 -7.73 50.61 -4.24
C ALA D 189 -9.20 51.05 -4.38
N ILE D 190 -9.46 52.33 -4.16
CA ILE D 190 -10.81 52.89 -4.32
C ILE D 190 -11.24 52.94 -5.79
N ASP D 191 -10.32 53.29 -6.70
CA ASP D 191 -10.58 53.22 -8.14
C ASP D 191 -10.99 51.82 -8.55
N VAL D 192 -10.21 50.84 -8.11
CA VAL D 192 -10.46 49.44 -8.42
C VAL D 192 -11.84 49.01 -7.93
N GLY D 193 -12.18 49.42 -6.71
CA GLY D 193 -13.45 49.05 -6.12
C GLY D 193 -14.61 49.67 -6.86
N HIS D 194 -14.43 50.91 -7.30
CA HIS D 194 -15.47 51.62 -8.02
C HIS D 194 -15.70 51.02 -9.41
N HIS D 195 -14.61 50.74 -10.12
CA HIS D 195 -14.65 50.15 -11.45
C HIS D 195 -15.17 48.72 -11.54
N LEU D 196 -14.84 47.87 -10.57
CA LEU D 196 -15.43 46.55 -10.51
C LEU D 196 -16.92 46.58 -10.20
N LEU D 197 -17.37 47.66 -9.57
CA LEU D 197 -18.79 47.80 -9.25
C LEU D 197 -19.57 48.26 -10.49
N VAL D 198 -18.97 49.13 -11.29
CA VAL D 198 -19.55 49.53 -12.58
C VAL D 198 -19.57 48.32 -13.54
N ALA D 199 -18.45 47.61 -13.60
CA ALA D 199 -18.35 46.37 -14.38
C ALA D 199 -19.41 45.35 -13.96
N HIS D 200 -19.60 45.21 -12.65
CA HIS D 200 -20.64 44.36 -12.10
C HIS D 200 -22.05 44.78 -12.58
N GLY D 201 -22.42 46.05 -12.41
CA GLY D 201 -23.78 46.44 -12.77
C GLY D 201 -24.07 46.33 -14.25
N LEU D 202 -23.06 46.66 -15.06
CA LEU D 202 -23.14 46.52 -16.52
C LEU D 202 -23.29 45.06 -16.97
N SER D 203 -22.60 44.15 -16.29
CA SER D 203 -22.72 42.72 -16.57
C SER D 203 -24.08 42.11 -16.17
N VAL D 204 -24.70 42.64 -15.12
CA VAL D 204 -26.06 42.24 -14.78
C VAL D 204 -27.06 42.74 -15.82
N ARG D 205 -26.89 43.96 -16.30
CA ARG D 205 -27.65 44.47 -17.45
C ARG D 205 -27.55 43.51 -18.63
N ARG D 206 -26.33 43.21 -19.08
CA ARG D 206 -26.16 42.30 -20.21
C ARG D 206 -26.89 40.99 -19.98
N PHE D 207 -26.77 40.46 -18.78
CA PHE D 207 -27.40 39.23 -18.38
C PHE D 207 -28.91 39.31 -18.62
N ARG D 208 -29.50 40.43 -18.26
CA ARG D 208 -30.93 40.59 -18.40
C ARG D 208 -31.34 40.84 -19.86
N GLU D 209 -30.51 41.59 -20.60
CA GLU D 209 -30.78 41.92 -21.98
C GLU D 209 -30.66 40.69 -22.88
N LEU D 210 -29.71 39.83 -22.56
CA LEU D 210 -29.49 38.62 -23.32
C LEU D 210 -30.51 37.53 -22.96
N GLY D 211 -31.32 37.79 -21.95
CA GLY D 211 -32.22 36.76 -21.43
C GLY D 211 -31.52 35.50 -21.00
N THR D 212 -30.31 35.63 -20.46
CA THR D 212 -29.59 34.47 -19.94
C THR D 212 -30.36 33.77 -18.79
N SER D 213 -30.16 32.46 -18.67
CA SER D 213 -30.91 31.63 -17.74
C SER D 213 -30.30 31.72 -16.34
N GLY D 214 -31.16 31.52 -15.34
CA GLY D 214 -30.72 31.53 -13.97
C GLY D 214 -30.80 32.88 -13.26
N GLN D 215 -29.92 33.04 -12.30
CA GLN D 215 -29.92 34.20 -11.43
C GLN D 215 -28.47 34.65 -11.30
N ILE D 216 -28.29 35.91 -10.93
CA ILE D 216 -26.97 36.50 -10.93
C ILE D 216 -26.84 37.42 -9.72
N GLY D 217 -25.69 37.32 -9.05
CA GLY D 217 -25.39 38.20 -7.96
C GLY D 217 -23.90 38.41 -7.83
N ILE D 218 -23.49 38.87 -6.66
CA ILE D 218 -22.07 39.13 -6.35
C ILE D 218 -21.75 38.48 -4.98
N ALA D 219 -20.49 38.12 -4.75
CA ALA D 219 -20.10 37.34 -3.57
C ALA D 219 -19.02 38.03 -2.75
N PRO D 220 -19.38 39.08 -1.96
CA PRO D 220 -18.44 39.71 -1.00
C PRO D 220 -17.96 38.75 0.11
N ASN D 221 -16.68 38.87 0.46
CA ASN D 221 -16.22 38.39 1.77
C ASN D 221 -16.73 39.34 2.86
N VAL D 222 -17.14 38.76 3.96
CA VAL D 222 -17.90 39.47 4.97
C VAL D 222 -17.10 39.44 6.28
N SER D 223 -16.81 40.63 6.81
CA SER D 223 -16.14 40.76 8.12
C SER D 223 -17.14 41.11 9.24
N TRP D 224 -16.80 40.65 10.45
CA TRP D 224 -17.59 40.97 11.64
C TRP D 224 -16.66 41.30 12.80
N ALA D 225 -16.79 42.52 13.29
CA ALA D 225 -15.98 42.96 14.41
C ALA D 225 -16.91 43.45 15.48
N VAL D 226 -16.54 43.17 16.72
CA VAL D 226 -17.34 43.47 17.91
C VAL D 226 -16.40 44.27 18.87
N PRO D 227 -16.89 45.40 19.44
CA PRO D 227 -15.96 46.34 20.12
C PRO D 227 -15.45 45.83 21.47
N TYR D 228 -14.18 46.09 21.75
CA TYR D 228 -13.56 45.63 23.00
C TYR D 228 -14.15 46.35 24.22
N SER D 229 -14.25 47.66 24.13
CA SER D 229 -14.95 48.41 25.15
C SER D 229 -16.28 48.93 24.62
N THR D 230 -16.97 49.66 25.47
CA THR D 230 -18.26 50.23 25.15
C THR D 230 -18.10 51.66 24.58
N SER D 231 -16.86 52.10 24.36
CA SER D 231 -16.64 53.43 23.80
C SER D 231 -17.18 53.60 22.36
N GLU D 232 -17.67 54.80 22.08
CA GLU D 232 -18.00 55.22 20.72
C GLU D 232 -16.86 55.07 19.71
N GLU D 233 -15.63 55.31 20.14
CA GLU D 233 -14.49 55.15 19.27
C GLU D 233 -14.21 53.70 18.87
N ASP D 234 -14.39 52.77 19.81
CA ASP D 234 -14.23 51.35 19.52
C ASP D 234 -15.36 50.87 18.60
N LYS D 235 -16.55 51.40 18.86
CA LYS D 235 -17.73 51.16 18.06
C LYS D 235 -17.52 51.62 16.62
N ALA D 236 -16.97 52.83 16.47
CA ALA D 236 -16.66 53.43 15.18
C ALA D 236 -15.63 52.61 14.40
N ALA D 237 -14.61 52.10 15.11
CA ALA D 237 -13.58 51.28 14.52
C ALA D 237 -14.16 49.99 13.95
N CYS D 238 -15.12 49.41 14.66
CA CYS D 238 -15.77 48.18 14.24
C CYS D 238 -16.69 48.43 13.04
N ALA D 239 -17.35 49.58 13.04
CA ALA D 239 -18.21 50.00 11.95
C ALA D 239 -17.38 50.13 10.66
N ARG D 240 -16.22 50.77 10.75
CA ARG D 240 -15.31 50.85 9.62
C ARG D 240 -14.87 49.47 9.11
N THR D 241 -14.42 48.61 10.01
CA THR D 241 -13.99 47.26 9.68
C THR D 241 -15.10 46.43 8.98
N ILE D 242 -16.29 46.46 9.53
CA ILE D 242 -17.42 45.73 8.95
C ILE D 242 -17.80 46.34 7.58
N SER D 243 -17.95 47.67 7.55
CA SER D 243 -18.58 48.32 6.41
C SER D 243 -17.73 48.31 5.15
N LEU D 244 -16.41 48.27 5.28
CA LEU D 244 -15.56 48.31 4.10
C LEU D 244 -15.63 46.99 3.31
N HIS D 245 -15.76 45.89 4.03
CA HIS D 245 -15.88 44.58 3.44
C HIS D 245 -17.22 44.44 2.70
N SER D 246 -18.31 44.79 3.38
CA SER D 246 -19.62 44.52 2.83
C SER D 246 -20.37 45.76 2.32
N ASP D 247 -20.67 46.70 3.21
CA ASP D 247 -21.50 47.88 2.90
C ASP D 247 -20.94 48.75 1.79
N TRP D 248 -19.62 48.83 1.74
CA TRP D 248 -18.98 49.64 0.72
C TRP D 248 -19.27 49.18 -0.69
N PHE D 249 -19.52 47.89 -0.85
CA PHE D 249 -19.93 47.34 -2.12
C PHE D 249 -21.44 47.14 -2.20
N LEU D 250 -22.06 46.82 -1.06
CA LEU D 250 -23.48 46.46 -1.04
C LEU D 250 -24.44 47.63 -1.00
N GLN D 251 -23.97 48.76 -0.49
CA GLN D 251 -24.84 49.91 -0.39
C GLN D 251 -24.94 50.67 -1.71
N PRO D 252 -23.85 50.77 -2.50
CA PRO D 252 -24.01 51.18 -3.89
C PRO D 252 -24.98 50.29 -4.69
N ILE D 253 -24.85 48.98 -4.52
CA ILE D 253 -25.71 48.03 -5.21
C ILE D 253 -27.15 48.16 -4.77
N TYR D 254 -27.37 48.18 -3.46
CA TYR D 254 -28.73 48.11 -2.94
C TYR D 254 -29.34 49.46 -2.68
N GLN D 255 -28.51 50.46 -2.40
CA GLN D 255 -29.08 51.74 -1.99
C GLN D 255 -28.59 52.93 -2.77
N GLY D 256 -27.75 52.69 -3.77
CA GLY D 256 -27.32 53.75 -4.65
C GLY D 256 -26.32 54.74 -4.09
N SER D 257 -25.63 54.38 -3.01
CA SER D 257 -24.59 55.26 -2.49
C SER D 257 -23.56 54.48 -1.71
N TYR D 258 -22.35 55.02 -1.67
CA TYR D 258 -21.30 54.56 -0.78
C TYR D 258 -21.57 55.01 0.66
N PRO D 259 -21.16 54.19 1.66
CA PRO D 259 -21.21 54.58 3.08
C PRO D 259 -20.52 55.91 3.33
N GLN D 260 -21.31 56.92 3.62
CA GLN D 260 -20.81 58.28 3.79
C GLN D 260 -19.66 58.40 4.79
N PHE D 261 -19.78 57.73 5.95
CA PHE D 261 -18.77 57.81 6.98
C PHE D 261 -17.43 57.29 6.49
N LEU D 262 -17.48 56.29 5.63
CA LEU D 262 -16.28 55.76 5.04
C LEU D 262 -15.78 56.63 3.87
N VAL D 263 -16.72 57.22 3.13
CA VAL D 263 -16.41 58.27 2.16
C VAL D 263 -15.65 59.41 2.84
N ASP D 264 -16.15 59.87 3.98
CA ASP D 264 -15.53 60.96 4.72
C ASP D 264 -14.20 60.54 5.30
N TRP D 265 -14.13 59.30 5.79
CA TRP D 265 -12.90 58.74 6.33
C TRP D 265 -11.79 58.77 5.28
N PHE D 266 -12.09 58.31 4.06
CA PHE D 266 -11.08 58.28 3.00
C PHE D 266 -10.76 59.66 2.46
N ALA D 267 -11.73 60.57 2.52
CA ALA D 267 -11.48 61.94 2.12
C ALA D 267 -10.44 62.57 3.06
N GLU D 268 -10.54 62.22 4.34
CA GLU D 268 -9.56 62.64 5.34
C GLU D 268 -8.17 62.22 4.92
N GLN D 269 -8.07 61.02 4.35
CA GLN D 269 -6.80 60.49 3.88
C GLN D 269 -6.50 60.93 2.44
N GLY D 270 -7.41 61.73 1.88
CA GLY D 270 -7.13 62.41 0.63
C GLY D 270 -7.49 61.61 -0.61
N ALA D 271 -8.41 60.66 -0.46
CA ALA D 271 -8.81 59.82 -1.57
C ALA D 271 -10.30 60.01 -1.81
N THR D 272 -10.68 59.95 -3.08
CA THR D 272 -12.06 60.18 -3.49
C THR D 272 -12.46 59.13 -4.50
N VAL D 273 -13.73 58.72 -4.45
CA VAL D 273 -14.23 57.74 -5.39
C VAL D 273 -14.44 58.39 -6.75
N PRO D 274 -13.89 57.78 -7.80
CA PRO D 274 -13.93 58.32 -9.17
C PRO D 274 -15.30 58.12 -9.84
N ILE D 275 -16.35 58.65 -9.20
CA ILE D 275 -17.73 58.46 -9.64
C ILE D 275 -18.09 59.41 -10.80
N GLN D 276 -18.36 58.83 -11.96
CA GLN D 276 -18.85 59.59 -13.11
C GLN D 276 -20.37 59.63 -13.07
N ASP D 277 -20.95 60.59 -13.77
CA ASP D 277 -22.41 60.62 -13.92
C ASP D 277 -22.94 59.34 -14.54
N GLY D 278 -24.00 58.82 -13.93
CA GLY D 278 -24.61 57.60 -14.40
C GLY D 278 -24.09 56.35 -13.72
N ASP D 279 -22.91 56.44 -13.10
CA ASP D 279 -22.25 55.29 -12.47
C ASP D 279 -23.08 54.63 -11.37
N MET D 280 -23.57 55.43 -10.43
CA MET D 280 -24.32 54.91 -9.30
C MET D 280 -25.61 54.24 -9.75
N ASP D 281 -26.17 54.74 -10.84
CA ASP D 281 -27.38 54.14 -11.43
C ASP D 281 -27.10 52.77 -12.02
N ILE D 282 -25.99 52.67 -12.74
CA ILE D 282 -25.55 51.40 -13.27
C ILE D 282 -25.27 50.37 -12.17
N ILE D 283 -24.59 50.81 -11.11
CA ILE D 283 -24.24 49.91 -10.00
C ILE D 283 -25.49 49.41 -9.25
N GLY D 284 -26.56 50.21 -9.29
CA GLY D 284 -27.78 49.85 -8.60
C GLY D 284 -28.67 48.85 -9.31
N GLU D 285 -28.16 48.24 -10.38
CA GLU D 285 -28.85 47.19 -11.12
C GLU D 285 -29.33 46.07 -10.20
N PRO D 286 -30.63 45.74 -10.25
CA PRO D 286 -31.20 44.71 -9.37
C PRO D 286 -30.52 43.37 -9.55
N ILE D 287 -30.12 42.74 -8.45
CA ILE D 287 -29.49 41.41 -8.48
C ILE D 287 -30.36 40.39 -7.75
N ASP D 288 -30.15 39.12 -8.04
CA ASP D 288 -31.11 38.11 -7.64
C ASP D 288 -30.82 37.58 -6.25
N MET D 289 -29.54 37.59 -5.90
CA MET D 289 -29.09 37.06 -4.64
C MET D 289 -27.70 37.61 -4.42
N ILE D 290 -27.13 37.35 -3.26
CA ILE D 290 -25.68 37.50 -3.06
C ILE D 290 -25.14 36.22 -2.44
N GLY D 291 -23.85 36.01 -2.65
CA GLY D 291 -23.11 35.06 -1.86
C GLY D 291 -22.36 35.81 -0.77
N ILE D 292 -22.15 35.12 0.33
CA ILE D 292 -21.47 35.63 1.52
C ILE D 292 -20.32 34.65 1.83
N ASN D 293 -19.11 35.19 1.93
CA ASN D 293 -17.93 34.38 2.32
C ASN D 293 -17.54 34.69 3.77
N TYR D 294 -17.62 33.70 4.65
CA TYR D 294 -17.38 33.93 6.05
C TYR D 294 -16.42 32.90 6.61
N TYR D 295 -15.42 33.39 7.33
CA TYR D 295 -14.47 32.50 8.00
C TYR D 295 -14.31 32.76 9.50
N SER D 296 -14.42 34.04 9.87
CA SER D 296 -13.96 34.47 11.18
C SER D 296 -14.60 35.77 11.64
N MET D 297 -14.29 36.12 12.89
CA MET D 297 -14.95 37.16 13.68
C MET D 297 -13.83 37.77 14.50
N SER D 298 -13.94 39.03 14.90
CA SER D 298 -12.91 39.60 15.75
C SER D 298 -13.46 40.61 16.76
N VAL D 299 -12.66 40.86 17.81
CA VAL D 299 -12.93 41.94 18.77
C VAL D 299 -11.88 43.01 18.52
N ASN D 300 -12.36 44.22 18.23
CA ASN D 300 -11.48 45.31 17.79
C ASN D 300 -11.57 46.54 18.72
N ARG D 301 -10.51 47.33 18.74
CA ARG D 301 -10.56 48.60 19.42
C ARG D 301 -9.99 49.66 18.50
N PHE D 302 -10.44 50.89 18.68
CA PHE D 302 -9.81 52.01 18.01
C PHE D 302 -8.31 52.09 18.34
N ASN D 303 -7.50 52.26 17.31
CA ASN D 303 -6.07 52.47 17.49
C ASN D 303 -5.58 53.21 16.28
N PRO D 304 -5.15 54.48 16.46
CA PRO D 304 -4.76 55.38 15.38
C PRO D 304 -3.58 54.86 14.59
N GLU D 305 -2.94 53.81 15.10
CA GLU D 305 -1.78 53.23 14.48
C GLU D 305 -2.14 51.95 13.75
N ALA D 306 -3.40 51.52 13.90
CA ALA D 306 -3.78 50.19 13.45
C ALA D 306 -4.27 50.25 12.00
N GLY D 307 -3.36 50.59 11.11
CA GLY D 307 -3.66 50.58 9.70
C GLY D 307 -4.53 51.73 9.25
N PHE D 308 -4.90 51.71 7.97
CA PHE D 308 -5.64 52.82 7.38
C PHE D 308 -7.07 52.94 7.89
N LEU D 309 -7.56 51.90 8.56
CA LEU D 309 -8.85 51.97 9.24
C LEU D 309 -8.75 52.26 10.76
N GLN D 310 -7.53 52.28 11.28
CA GLN D 310 -7.27 52.56 12.70
C GLN D 310 -8.16 51.72 13.63
N SER D 311 -8.11 50.42 13.38
CA SER D 311 -9.00 49.47 14.01
C SER D 311 -8.15 48.26 14.28
N GLU D 312 -7.83 48.06 15.55
CA GLU D 312 -6.93 46.99 15.96
C GLU D 312 -7.73 45.79 16.43
N GLU D 313 -7.32 44.61 16.01
CA GLU D 313 -7.94 43.37 16.46
C GLU D 313 -7.24 42.88 17.70
N ILE D 314 -8.03 42.45 18.68
CA ILE D 314 -7.52 41.98 19.96
C ILE D 314 -7.38 40.48 19.90
N ASN D 315 -6.18 40.00 20.20
CA ASN D 315 -6.02 38.58 20.49
C ASN D 315 -6.70 38.23 21.82
N MET D 316 -7.89 37.64 21.71
CA MET D 316 -8.73 37.29 22.85
C MET D 316 -8.39 35.95 23.52
N GLY D 317 -7.40 35.25 22.97
CA GLY D 317 -7.02 33.96 23.50
C GLY D 317 -7.81 32.78 22.95
N LEU D 318 -8.73 33.03 22.01
CA LEU D 318 -9.52 31.96 21.39
C LEU D 318 -8.62 31.01 20.62
N PRO D 319 -8.98 29.73 20.61
CA PRO D 319 -8.41 28.74 19.68
C PRO D 319 -8.50 29.20 18.21
N VAL D 320 -7.40 29.03 17.50
CA VAL D 320 -7.30 29.38 16.09
C VAL D 320 -7.11 28.15 15.21
N THR D 321 -7.42 28.32 13.93
CA THR D 321 -7.11 27.36 12.88
C THR D 321 -5.61 27.38 12.59
N ASP D 322 -5.18 26.52 11.67
CA ASP D 322 -3.78 26.38 11.30
C ASP D 322 -3.21 27.54 10.47
N ILE D 323 -4.11 28.40 9.97
CA ILE D 323 -3.70 29.65 9.34
C ILE D 323 -3.74 30.77 10.40
N GLY D 324 -4.27 30.43 11.58
CA GLY D 324 -4.26 31.37 12.69
C GLY D 324 -5.50 32.22 12.87
N TRP D 325 -6.63 31.75 12.40
CA TRP D 325 -7.87 32.49 12.59
C TRP D 325 -8.64 31.90 13.76
N PRO D 326 -9.11 32.75 14.69
CA PRO D 326 -10.03 32.25 15.72
C PRO D 326 -11.35 31.75 15.13
N VAL D 327 -11.80 30.61 15.63
CA VAL D 327 -13.12 30.17 15.27
C VAL D 327 -14.17 30.63 16.28
N GLU D 328 -15.05 31.50 15.79
CA GLU D 328 -16.20 31.98 16.53
C GLU D 328 -17.38 32.12 15.55
N SER D 329 -18.23 31.11 15.53
CA SER D 329 -19.23 30.96 14.49
C SER D 329 -20.39 31.96 14.58
N ARG D 330 -20.65 32.47 15.79
CA ARG D 330 -21.73 33.45 16.02
C ARG D 330 -21.64 34.63 15.04
N GLY D 331 -20.42 35.00 14.64
CA GLY D 331 -20.21 36.04 13.66
C GLY D 331 -21.00 35.88 12.36
N LEU D 332 -21.24 34.63 11.96
CA LEU D 332 -22.08 34.31 10.82
C LEU D 332 -23.55 34.66 11.06
N TYR D 333 -24.09 34.19 12.18
CA TYR D 333 -25.42 34.59 12.64
C TYR D 333 -25.56 36.11 12.67
N GLU D 334 -24.59 36.77 13.30
CA GLU D 334 -24.60 38.21 13.48
C GLU D 334 -24.58 38.98 12.17
N VAL D 335 -23.64 38.63 11.28
CA VAL D 335 -23.51 39.34 10.00
C VAL D 335 -24.71 39.09 9.05
N LEU D 336 -25.32 37.91 9.12
CA LEU D 336 -26.51 37.63 8.32
C LEU D 336 -27.67 38.51 8.78
N HIS D 337 -27.82 38.68 10.09
CA HIS D 337 -28.83 39.58 10.63
C HIS D 337 -28.50 41.04 10.33
N TYR D 338 -27.23 41.39 10.39
CA TYR D 338 -26.77 42.70 9.99
C TYR D 338 -27.22 43.07 8.55
N LEU D 339 -27.03 42.14 7.63
CA LEU D 339 -27.25 42.37 6.21
C LEU D 339 -28.73 42.49 5.87
N GLN D 340 -29.59 42.24 6.84
CA GLN D 340 -31.02 42.42 6.67
C GLN D 340 -31.38 43.88 6.47
N LYS D 341 -30.38 44.74 6.62
CA LYS D 341 -30.52 46.16 6.32
C LYS D 341 -30.82 46.40 4.84
N TYR D 342 -30.43 45.44 3.98
CA TYR D 342 -30.72 45.50 2.54
C TYR D 342 -31.98 44.76 2.14
N GLY D 343 -32.74 44.33 3.14
CA GLY D 343 -33.91 43.53 2.90
C GLY D 343 -33.59 42.09 3.18
N ASN D 344 -34.63 41.28 3.32
CA ASN D 344 -34.50 39.83 3.41
C ASN D 344 -34.17 39.28 2.03
N ILE D 345 -32.96 39.62 1.56
CA ILE D 345 -32.49 39.17 0.27
C ILE D 345 -32.09 37.69 0.31
N ASP D 346 -32.06 37.06 -0.85
CA ASP D 346 -31.51 35.70 -0.95
C ASP D 346 -30.01 35.69 -0.73
N ILE D 347 -29.56 34.80 0.16
CA ILE D 347 -28.15 34.70 0.49
C ILE D 347 -27.69 33.28 0.40
N TYR D 348 -26.59 33.06 -0.31
CA TYR D 348 -25.88 31.78 -0.24
C TYR D 348 -24.56 32.03 0.48
N ILE D 349 -24.21 31.12 1.39
CA ILE D 349 -22.87 31.05 1.96
C ILE D 349 -22.00 30.38 0.90
N THR D 350 -21.31 31.19 0.11
CA THR D 350 -20.60 30.69 -1.05
C THR D 350 -19.18 30.28 -0.69
N GLU D 351 -18.72 30.65 0.52
CA GLU D 351 -17.52 30.10 1.15
C GLU D 351 -17.63 30.04 2.69
N ASN D 352 -17.27 28.91 3.26
CA ASN D 352 -17.01 28.80 4.70
C ASN D 352 -16.22 27.52 4.90
N GLY D 353 -15.07 27.64 5.56
CA GLY D 353 -14.30 26.49 5.98
C GLY D 353 -13.11 26.90 6.84
N ALA D 354 -12.13 26.02 6.97
CA ALA D 354 -11.06 26.18 7.94
C ALA D 354 -9.75 25.62 7.40
N CYS D 355 -8.66 26.32 7.68
CA CYS D 355 -7.35 25.77 7.43
C CYS D 355 -6.98 24.80 8.57
N ILE D 356 -7.03 23.52 8.26
CA ILE D 356 -6.66 22.46 9.18
C ILE D 356 -5.71 21.59 8.36
N ASN D 357 -4.47 21.47 8.81
CA ASN D 357 -3.42 20.98 7.94
C ASN D 357 -3.11 19.47 8.06
N ASP D 358 -4.02 18.72 8.66
CA ASP D 358 -3.83 17.28 8.84
C ASP D 358 -3.53 16.62 7.49
N GLU D 359 -2.80 15.52 7.56
CA GLU D 359 -2.32 14.85 6.36
C GLU D 359 -2.73 13.39 6.49
N VAL D 360 -2.40 12.61 5.49
CA VAL D 360 -2.80 11.22 5.44
C VAL D 360 -1.97 10.35 6.39
N VAL D 361 -2.63 9.76 7.36
CA VAL D 361 -1.99 8.84 8.32
C VAL D 361 -2.82 7.57 8.32
N ASN D 362 -2.19 6.45 7.97
CA ASN D 362 -2.88 5.16 7.87
C ASN D 362 -4.11 5.30 6.96
N GLY D 363 -3.88 5.96 5.83
CA GLY D 363 -4.88 5.97 4.77
C GLY D 363 -6.02 6.95 4.98
N LYS D 364 -6.02 7.66 6.10
CA LYS D 364 -7.03 8.67 6.29
C LYS D 364 -6.48 9.97 6.84
N VAL D 365 -7.31 10.99 6.68
CA VAL D 365 -7.00 12.34 7.16
C VAL D 365 -8.00 12.63 8.26
N GLN D 366 -7.55 12.55 9.50
CA GLN D 366 -8.45 12.59 10.64
C GLN D 366 -8.69 14.04 11.07
N ASP D 367 -9.35 14.79 10.19
CA ASP D 367 -9.48 16.23 10.38
C ASP D 367 -10.73 16.60 11.22
N ASP D 368 -10.73 16.12 12.46
CA ASP D 368 -11.80 16.37 13.43
C ASP D 368 -12.06 17.86 13.69
N ARG D 369 -11.01 18.66 13.65
CA ARG D 369 -11.15 20.09 13.79
C ARG D 369 -11.89 20.75 12.64
N ARG D 370 -11.81 20.17 11.44
CA ARG D 370 -12.62 20.69 10.34
C ARG D 370 -14.09 20.32 10.50
N ILE D 371 -14.37 19.09 10.91
CA ILE D 371 -15.75 18.67 11.20
C ILE D 371 -16.35 19.57 12.28
N SER D 372 -15.53 19.89 13.28
CA SER D 372 -15.93 20.73 14.41
C SER D 372 -16.29 22.13 13.94
N TYR D 373 -15.36 22.77 13.24
CA TYR D 373 -15.59 24.08 12.65
C TYR D 373 -16.91 24.10 11.86
N MET D 374 -17.07 23.15 10.95
CA MET D 374 -18.18 23.14 9.99
C MET D 374 -19.51 22.97 10.68
N GLN D 375 -19.56 21.98 11.54
CA GLN D 375 -20.69 21.74 12.42
C GLN D 375 -21.17 23.00 13.22
N GLN D 376 -20.21 23.77 13.74
CA GLN D 376 -20.53 25.02 14.43
C GLN D 376 -21.15 26.07 13.51
N HIS D 377 -20.66 26.15 12.28
CA HIS D 377 -21.15 27.16 11.35
C HIS D 377 -22.46 26.81 10.67
N LEU D 378 -22.70 25.50 10.54
CA LEU D 378 -23.96 24.98 10.01
C LEU D 378 -25.10 25.15 11.00
N VAL D 379 -24.79 25.11 12.29
CA VAL D 379 -25.77 25.45 13.32
C VAL D 379 -26.21 26.91 13.17
N GLN D 380 -25.26 27.80 12.93
CA GLN D 380 -25.60 29.21 12.71
C GLN D 380 -26.45 29.40 11.47
N VAL D 381 -26.27 28.56 10.46
CA VAL D 381 -27.04 28.62 9.21
C VAL D 381 -28.48 28.21 9.46
N HIS D 382 -28.66 27.08 10.13
CA HIS D 382 -29.99 26.59 10.47
C HIS D 382 -30.73 27.64 11.30
N ARG D 383 -29.98 28.20 12.24
CA ARG D 383 -30.45 29.23 13.16
C ARG D 383 -31.03 30.44 12.41
N THR D 384 -30.29 30.97 11.44
CA THR D 384 -30.77 32.11 10.65
C THR D 384 -31.98 31.76 9.77
N ILE D 385 -31.96 30.57 9.18
CA ILE D 385 -33.09 30.07 8.41
C ILE D 385 -34.31 30.03 9.30
N HIS D 386 -34.14 29.56 10.53
CA HIS D 386 -35.23 29.56 11.48
C HIS D 386 -35.58 30.88 12.14
N ASP D 387 -34.74 31.88 11.96
CA ASP D 387 -35.16 33.26 12.14
C ASP D 387 -35.89 33.87 10.95
N GLY D 388 -36.08 33.07 9.90
CA GLY D 388 -36.84 33.52 8.74
C GLY D 388 -36.02 34.24 7.67
N LEU D 389 -34.70 34.14 7.75
CA LEU D 389 -33.84 34.75 6.77
C LEU D 389 -33.67 33.81 5.59
N HIS D 390 -33.58 34.39 4.40
CA HIS D 390 -33.54 33.63 3.15
C HIS D 390 -32.16 33.16 2.80
N VAL D 391 -31.61 32.27 3.62
CA VAL D 391 -30.31 31.69 3.37
C VAL D 391 -30.52 30.36 2.64
N LYS D 392 -29.94 30.26 1.45
CA LYS D 392 -30.46 29.38 0.42
C LYS D 392 -29.55 28.17 0.20
N GLY D 393 -28.30 28.32 0.61
CA GLY D 393 -27.38 27.21 0.52
C GLY D 393 -26.06 27.53 1.17
N TYR D 394 -25.13 26.58 1.08
CA TYR D 394 -23.86 26.60 1.79
C TYR D 394 -22.88 25.83 0.93
N MET D 395 -21.76 26.48 0.61
CA MET D 395 -20.68 25.82 -0.12
C MET D 395 -19.44 25.76 0.77
N ALA D 396 -18.96 24.55 1.00
CA ALA D 396 -17.76 24.34 1.80
C ALA D 396 -16.50 24.81 1.04
N TRP D 397 -15.74 25.70 1.66
CA TRP D 397 -14.45 26.07 1.08
C TRP D 397 -13.42 25.21 1.35
N SER D 398 -13.64 24.59 0.35
CA SER D 398 -12.81 23.90 -0.32
C SER D 398 -12.96 22.42 -0.62
N LEU D 399 -13.27 22.12 -1.88
CA LEU D 399 -13.39 20.73 -2.31
C LEU D 399 -12.03 20.08 -2.07
N LEU D 400 -10.99 20.81 -2.40
CA LEU D 400 -9.68 20.26 -2.57
C LEU D 400 -8.71 21.14 -1.80
N ASP D 401 -7.71 20.54 -1.15
CA ASP D 401 -6.53 21.31 -0.77
C ASP D 401 -5.99 21.96 -2.03
N ASN D 402 -5.63 23.22 -1.95
CA ASN D 402 -5.22 23.93 -3.14
C ASN D 402 -4.22 25.06 -2.86
N PHE D 403 -4.04 25.92 -3.86
CA PHE D 403 -3.13 27.04 -3.79
C PHE D 403 -3.77 28.21 -3.03
N GLU D 404 -3.41 28.36 -1.77
CA GLU D 404 -4.04 29.34 -0.90
C GLU D 404 -3.36 30.71 -1.02
N TRP D 405 -3.36 31.23 -2.24
CA TRP D 405 -2.88 32.58 -2.53
C TRP D 405 -1.50 32.86 -1.94
N ALA D 406 -1.34 33.91 -1.12
CA ALA D 406 -0.02 34.25 -0.58
C ALA D 406 0.56 33.20 0.40
N GLU D 407 -0.25 32.26 0.83
CA GLU D 407 0.20 31.14 1.67
C GLU D 407 0.83 30.02 0.86
N GLY D 408 0.50 29.97 -0.42
CA GLY D 408 0.81 28.81 -1.23
C GLY D 408 0.03 27.58 -0.83
N TYR D 409 0.69 26.43 -0.93
CA TYR D 409 0.06 25.12 -0.67
C TYR D 409 0.13 24.71 0.82
N ASN D 410 0.75 25.56 1.63
CA ASN D 410 1.01 25.32 3.04
C ASN D 410 -0.27 25.20 3.85
N MET D 411 -1.26 25.99 3.47
CA MET D 411 -2.48 26.08 4.23
C MET D 411 -3.57 25.31 3.51
N ARG D 412 -3.99 24.20 4.12
CA ARG D 412 -4.99 23.30 3.57
C ARG D 412 -6.40 23.58 4.05
N PHE D 413 -7.32 23.74 3.08
CA PHE D 413 -8.73 24.04 3.33
C PHE D 413 -9.63 22.94 2.84
N GLY D 414 -9.08 21.90 2.24
CA GLY D 414 -9.90 20.98 1.49
C GLY D 414 -10.62 19.96 2.34
N MET D 415 -11.76 19.50 1.85
CA MET D 415 -12.33 18.28 2.41
C MET D 415 -11.74 17.06 1.74
N ILE D 416 -11.01 17.28 0.65
CA ILE D 416 -10.25 16.21 0.02
C ILE D 416 -8.80 16.61 0.01
N HIS D 417 -8.01 15.79 0.68
CA HIS D 417 -6.57 15.90 0.65
C HIS D 417 -6.02 15.70 -0.77
N VAL D 418 -5.07 16.55 -1.16
CA VAL D 418 -4.33 16.39 -2.40
C VAL D 418 -2.84 16.36 -2.06
N ASP D 419 -2.19 15.26 -2.40
CA ASP D 419 -0.75 15.20 -2.30
C ASP D 419 -0.21 15.84 -3.57
N PHE D 420 0.30 17.06 -3.44
CA PHE D 420 0.80 17.80 -4.58
C PHE D 420 2.04 17.15 -5.18
N ARG D 421 2.61 16.18 -4.47
CA ARG D 421 3.68 15.36 -5.06
C ARG D 421 3.14 14.42 -6.14
N THR D 422 1.97 13.85 -5.88
CA THR D 422 1.44 12.74 -6.66
C THR D 422 0.18 13.11 -7.41
N GLN D 423 -0.43 14.22 -6.98
CA GLN D 423 -1.80 14.59 -7.32
C GLN D 423 -2.88 13.62 -6.83
N VAL D 424 -2.50 12.66 -5.99
CA VAL D 424 -3.46 11.75 -5.40
C VAL D 424 -4.46 12.46 -4.49
N ARG D 425 -5.73 12.10 -4.63
CA ARG D 425 -6.84 12.63 -3.86
C ARG D 425 -7.16 11.66 -2.72
N THR D 426 -7.20 12.14 -1.48
CA THR D 426 -7.72 11.35 -0.37
C THR D 426 -8.80 12.18 0.35
N PRO D 427 -10.08 11.82 0.13
CA PRO D 427 -11.19 12.43 0.88
C PRO D 427 -10.95 12.31 2.39
N LYS D 428 -10.99 13.46 3.05
CA LYS D 428 -10.72 13.54 4.49
C LYS D 428 -11.92 13.05 5.29
N GLU D 429 -11.75 12.86 6.60
CA GLU D 429 -12.88 12.41 7.43
C GLU D 429 -14.05 13.41 7.47
N SER D 430 -13.77 14.68 7.23
CA SER D 430 -14.81 15.70 7.08
C SER D 430 -15.70 15.48 5.83
N TYR D 431 -15.09 14.94 4.79
CA TYR D 431 -15.77 14.61 3.55
C TYR D 431 -16.93 13.64 3.83
N TYR D 432 -16.66 12.60 4.58
CA TYR D 432 -17.63 11.58 4.85
C TYR D 432 -18.68 12.05 5.83
N TRP D 433 -18.26 12.95 6.71
CA TRP D 433 -19.15 13.64 7.62
C TRP D 433 -20.08 14.56 6.84
N TYR D 434 -19.50 15.35 5.94
CA TYR D 434 -20.30 16.25 5.12
C TYR D 434 -21.28 15.46 4.22
N ARG D 435 -20.79 14.36 3.64
CA ARG D 435 -21.61 13.48 2.80
C ARG D 435 -22.91 13.09 3.52
N ASN D 436 -22.78 12.71 4.79
CA ASN D 436 -23.93 12.41 5.66
C ASN D 436 -24.87 13.59 5.85
N VAL D 437 -24.30 14.76 6.12
CA VAL D 437 -25.11 15.93 6.39
C VAL D 437 -25.90 16.33 5.15
N VAL D 438 -25.21 16.44 4.01
CA VAL D 438 -25.84 16.91 2.78
C VAL D 438 -26.80 15.88 2.18
N SER D 439 -26.54 14.60 2.41
CA SER D 439 -27.46 13.54 2.00
C SER D 439 -28.67 13.36 2.93
N ASN D 440 -28.48 13.41 4.24
CA ASN D 440 -29.62 13.40 5.14
C ASN D 440 -30.37 14.72 5.11
N ASN D 441 -29.66 15.81 4.86
CA ASN D 441 -30.25 17.13 4.91
C ASN D 441 -30.71 17.53 6.33
N TRP D 442 -30.12 16.89 7.33
CA TRP D 442 -30.11 17.42 8.69
C TRP D 442 -28.77 17.17 9.35
N LEU D 443 -28.45 18.03 10.32
CA LEU D 443 -27.25 17.94 11.14
C LEU D 443 -27.64 17.55 12.60
N GLU D 444 -26.76 16.79 13.27
CA GLU D 444 -26.90 16.53 14.69
C GLU D 444 -25.62 16.82 15.47
N THR D 445 -25.74 17.68 16.49
CA THR D 445 -24.66 17.85 17.46
C THR D 445 -24.89 16.87 18.63
N ARG D 446 -23.83 16.18 19.01
CA ARG D 446 -23.87 15.23 20.12
C ARG D 446 -22.66 15.51 21.01
N ARG D 447 -22.72 15.06 22.26
CA ARG D 447 -21.49 14.94 23.08
C ARG D 447 -20.90 13.53 22.98
#